data_4AVT
#
_entry.id   4AVT
#
_cell.length_a   230.864
_cell.length_b   230.864
_cell.length_c   281.393
_cell.angle_alpha   90.00
_cell.angle_beta   90.00
_cell.angle_gamma   90.00
#
_symmetry.space_group_name_H-M   'P 43 21 2'
#
loop_
_entity.id
_entity.type
_entity.pdbx_description
1 polymer 'SERUM AMYLOID P-COMPONENT'
2 non-polymer 'CALCIUM ION'
3 non-polymer 2-acetamido-2-deoxy-beta-D-glucopyranose
4 non-polymer '(2R)-1-[6-[(2R)-2-carboxypyrrolidin-1-yl]-6-oxidanylidene-hexanoyl]pyrrolidine-2-carboxylic acid'
#
_entity_poly.entity_id   1
_entity_poly.type   'polypeptide(L)'
_entity_poly.pdbx_seq_one_letter_code
;HTDLSGKVFVFPRESVTDHVNLITPLEKPLQNFTLCFRAYSDLSRAYSLFSYNTQGRDNELLVYKERVGEYSLYIGRHKV
TSKVIEKFPAPVHICVSWESSSGIAEFWINGTPLVKKGLRQGYFVEAQPKIVLGQEQDSYGGKFDRSQSFVGEIGDLYMW
DSVLPPENILSAYQGTPLPANILDWQALNYEIRGYVIIKPLVWV
;
_entity_poly.pdbx_strand_id   A,B,C,D,E,F,G,H,I,J
#
loop_
_chem_comp.id
_chem_comp.type
_chem_comp.name
_chem_comp.formula
CA non-polymer 'CALCIUM ION' 'Ca 2'
GHE non-polymer '(2R)-1-[6-[(2R)-2-carboxypyrrolidin-1-yl]-6-oxidanylidene-hexanoyl]pyrrolidine-2-carboxylic acid' 'C16 H24 N2 O6'
NAG D-saccharide, beta linking 2-acetamido-2-deoxy-beta-D-glucopyranose 'C8 H15 N O6'
#
# COMPACT_ATOMS: atom_id res chain seq x y z
N HIS A 1 38.13 36.07 14.65
CA HIS A 1 37.22 35.95 15.81
C HIS A 1 36.04 36.84 15.56
N THR A 2 34.99 36.25 15.03
CA THR A 2 33.80 36.97 14.64
C THR A 2 32.61 36.52 15.48
N ASP A 3 31.85 37.49 15.99
CA ASP A 3 30.66 37.18 16.79
C ASP A 3 29.41 36.97 15.92
N LEU A 4 28.94 35.73 15.84
CA LEU A 4 27.81 35.44 14.98
C LEU A 4 26.51 35.33 15.77
N SER A 5 26.48 35.90 16.97
CA SER A 5 25.28 35.81 17.80
C SER A 5 24.06 36.23 17.00
N GLY A 6 23.06 35.36 16.98
CA GLY A 6 21.80 35.66 16.32
C GLY A 6 21.86 35.64 14.81
N LYS A 7 22.94 35.07 14.27
CA LYS A 7 23.07 34.91 12.84
C LYS A 7 23.20 33.43 12.51
N VAL A 8 23.00 33.08 11.23
CA VAL A 8 23.19 31.70 10.76
C VAL A 8 23.94 31.69 9.43
N PHE A 9 24.54 30.56 9.10
CA PHE A 9 25.02 30.34 7.75
C PHE A 9 23.84 29.83 6.94
N VAL A 10 23.70 30.31 5.71
CA VAL A 10 22.66 29.82 4.82
C VAL A 10 23.30 29.18 3.60
N PHE A 11 23.14 27.86 3.46
CA PHE A 11 23.56 27.16 2.26
C PHE A 11 22.33 27.03 1.39
N PRO A 12 22.19 27.95 0.42
CA PRO A 12 20.88 28.18 -0.19
C PRO A 12 20.58 27.34 -1.43
N ARG A 13 21.49 26.45 -1.81
CA ARG A 13 21.24 25.60 -2.96
C ARG A 13 22.08 24.36 -2.89
N GLU A 14 21.62 23.30 -3.55
CA GLU A 14 22.38 22.07 -3.62
C GLU A 14 23.56 22.30 -4.54
N SER A 15 24.73 21.80 -4.14
CA SER A 15 25.97 22.07 -4.88
C SER A 15 27.05 21.14 -4.41
N VAL A 16 28.19 21.19 -5.08
CA VAL A 16 29.34 20.42 -4.68
C VAL A 16 30.50 21.36 -4.36
N THR A 17 30.18 22.63 -4.23
CA THR A 17 31.21 23.66 -4.15
C THR A 17 31.02 24.57 -2.93
N ASP A 18 29.78 24.92 -2.62
CA ASP A 18 29.51 25.80 -1.48
C ASP A 18 29.84 25.07 -0.19
N HIS A 19 30.56 25.76 0.71
CA HIS A 19 30.89 25.20 2.02
C HIS A 19 31.55 26.23 2.91
N VAL A 20 31.67 25.91 4.19
CA VAL A 20 32.37 26.77 5.14
C VAL A 20 33.46 26.00 5.85
N ASN A 21 34.65 26.58 5.93
CA ASN A 21 35.72 25.97 6.69
C ASN A 21 35.76 26.54 8.07
N LEU A 22 35.69 25.66 9.08
CA LEU A 22 35.86 26.08 10.45
C LEU A 22 37.31 25.85 10.87
N ILE A 23 37.86 26.85 11.56
CA ILE A 23 39.26 26.84 11.92
C ILE A 23 39.45 26.86 13.43
N THR A 24 40.13 25.84 13.94
CA THR A 24 40.46 25.78 15.35
C THR A 24 41.93 25.43 15.47
N PRO A 25 42.58 25.88 16.56
CA PRO A 25 43.97 25.49 16.82
C PRO A 25 44.10 24.00 17.19
N LEU A 26 43.48 23.62 18.31
CA LEU A 26 43.46 22.23 18.76
C LEU A 26 44.86 21.65 19.01
N GLU A 27 45.41 20.90 18.03
CA GLU A 27 46.76 20.33 18.13
C GLU A 27 46.93 19.14 19.10
N LYS A 28 46.14 19.12 20.18
CA LYS A 28 46.13 17.98 21.10
C LYS A 28 44.97 17.05 20.79
N PRO A 29 45.26 15.75 20.57
CA PRO A 29 44.22 14.77 20.19
C PRO A 29 43.04 14.76 21.14
N LEU A 30 41.85 14.51 20.60
CA LEU A 30 40.62 14.60 21.39
C LEU A 30 40.27 13.31 22.10
N GLN A 31 39.99 13.44 23.39
CA GLN A 31 39.70 12.28 24.22
C GLN A 31 38.21 12.27 24.56
N ASN A 32 37.72 13.39 25.07
CA ASN A 32 36.29 13.59 25.28
C ASN A 32 35.90 14.80 24.45
N PHE A 33 34.62 14.97 24.13
CA PHE A 33 34.16 16.16 23.41
C PHE A 33 32.62 16.25 23.30
N THR A 34 32.10 17.48 23.31
CA THR A 34 30.68 17.72 23.06
C THR A 34 30.54 18.72 21.95
N LEU A 35 29.63 18.46 21.03
CA LEU A 35 29.41 19.33 19.89
C LEU A 35 27.93 19.67 19.86
N CYS A 36 27.57 20.89 19.52
CA CYS A 36 26.15 21.17 19.32
C CYS A 36 25.89 22.42 18.48
N PHE A 37 24.69 22.48 17.91
CA PHE A 37 24.34 23.50 16.94
C PHE A 37 22.86 23.40 16.59
N ARG A 38 22.35 24.38 15.85
CA ARG A 38 21.00 24.33 15.35
C ARG A 38 21.05 24.19 13.86
N ALA A 39 20.11 23.45 13.30
CA ALA A 39 20.01 23.28 11.87
C ALA A 39 18.57 23.29 11.41
N TYR A 40 18.33 23.76 10.20
CA TYR A 40 16.98 23.81 9.65
C TYR A 40 17.08 23.49 8.17
N SER A 41 16.56 22.33 7.76
CA SER A 41 16.64 21.92 6.36
C SER A 41 15.46 21.08 5.97
N ASP A 42 15.00 21.23 4.73
CA ASP A 42 13.88 20.42 4.24
C ASP A 42 14.32 19.36 3.22
N LEU A 43 15.54 18.85 3.40
CA LEU A 43 16.05 17.78 2.56
C LEU A 43 15.52 16.47 3.09
N SER A 44 15.08 15.59 2.19
CA SER A 44 14.58 14.30 2.63
C SER A 44 15.68 13.26 2.56
N ARG A 45 16.65 13.50 1.67
CA ARG A 45 17.81 12.61 1.53
C ARG A 45 18.82 12.79 2.66
N ALA A 46 19.91 12.04 2.56
CA ALA A 46 20.94 12.05 3.58
C ALA A 46 21.80 13.28 3.40
N TYR A 47 22.35 13.80 4.50
CA TYR A 47 23.28 14.91 4.39
C TYR A 47 24.24 14.99 5.55
N SER A 48 25.42 15.54 5.32
CA SER A 48 26.37 15.79 6.38
C SER A 48 26.04 17.09 7.07
N LEU A 49 25.99 17.05 8.39
CA LEU A 49 25.88 18.29 9.15
C LEU A 49 27.25 18.88 9.42
N PHE A 50 28.07 18.10 10.11
CA PHE A 50 29.40 18.50 10.58
C PHE A 50 30.46 17.49 10.14
N SER A 51 31.38 17.90 9.28
CA SER A 51 32.45 17.01 8.80
C SER A 51 33.83 17.43 9.29
N TYR A 52 34.48 16.51 10.00
CA TYR A 52 35.77 16.74 10.64
C TYR A 52 36.74 15.65 10.21
N ASN A 53 37.71 16.00 9.36
CA ASN A 53 38.70 15.05 8.86
C ASN A 53 40.09 15.44 9.29
N THR A 54 41.01 14.50 9.29
CA THR A 54 42.41 14.82 9.56
C THR A 54 43.27 14.21 8.48
N GLN A 55 44.55 14.58 8.47
CA GLN A 55 45.47 14.07 7.47
C GLN A 55 45.42 12.56 7.45
N GLY A 56 45.05 11.99 6.31
CA GLY A 56 45.05 10.56 6.12
C GLY A 56 43.87 9.79 6.70
N ARG A 57 42.90 10.49 7.29
CA ARG A 57 41.77 9.81 7.91
C ARG A 57 40.44 10.46 7.53
N ASP A 58 39.67 9.73 6.73
CA ASP A 58 38.31 10.16 6.38
C ASP A 58 37.39 9.89 7.56
N ASN A 59 36.34 10.70 7.64
CA ASN A 59 35.30 10.52 8.63
C ASN A 59 35.87 10.26 10.01
N GLU A 60 36.76 11.14 10.43
CA GLU A 60 37.36 11.00 11.76
C GLU A 60 36.33 11.37 12.80
N LEU A 61 35.60 12.43 12.53
CA LEU A 61 34.48 12.82 13.36
C LEU A 61 33.42 13.42 12.44
N LEU A 62 32.27 12.76 12.34
CA LEU A 62 31.26 13.17 11.39
C LEU A 62 29.86 12.98 11.94
N VAL A 63 29.11 14.08 11.96
CA VAL A 63 27.70 14.01 12.33
C VAL A 63 26.90 14.03 11.03
N TYR A 64 26.05 13.02 10.84
CA TYR A 64 25.48 12.75 9.54
C TYR A 64 24.05 12.26 9.65
N LYS A 65 23.14 12.93 8.97
CA LYS A 65 21.72 12.59 9.03
C LYS A 65 21.35 11.61 7.93
N GLU A 66 20.96 10.40 8.34
CA GLU A 66 20.71 9.32 7.39
C GLU A 66 19.42 9.54 6.62
N ARG A 67 18.41 10.02 7.33
CA ARG A 67 17.06 10.14 6.83
C ARG A 67 16.25 10.77 7.95
N VAL A 68 14.97 11.06 7.73
CA VAL A 68 14.20 11.73 8.78
C VAL A 68 14.16 10.87 10.02
N GLY A 69 14.61 11.43 11.13
CA GLY A 69 14.53 10.73 12.40
C GLY A 69 15.71 9.85 12.78
N GLU A 70 16.77 9.83 11.98
CA GLU A 70 17.96 9.04 12.28
C GLU A 70 19.20 9.90 12.21
N TYR A 71 19.91 9.98 13.32
CA TYR A 71 21.19 10.66 13.38
C TYR A 71 22.34 9.68 13.57
N SER A 72 23.38 9.84 12.76
CA SER A 72 24.56 8.99 12.87
C SER A 72 25.78 9.79 13.35
N LEU A 73 26.61 9.14 14.16
CA LEU A 73 27.90 9.70 14.54
C LEU A 73 29.02 8.77 14.06
N TYR A 74 29.96 9.31 13.30
CA TYR A 74 31.16 8.58 12.93
C TYR A 74 32.32 9.00 13.84
N ILE A 75 33.08 8.03 14.32
CA ILE A 75 34.31 8.31 15.06
C ILE A 75 35.38 7.40 14.50
N GLY A 76 36.32 7.95 13.76
CA GLY A 76 37.37 7.15 13.16
C GLY A 76 36.79 6.07 12.27
N ARG A 77 35.94 6.49 11.33
CA ARG A 77 35.33 5.59 10.35
C ARG A 77 34.30 4.63 10.92
N HIS A 78 34.30 4.40 12.23
CA HIS A 78 33.24 3.59 12.84
C HIS A 78 31.99 4.43 13.02
N LYS A 79 30.84 3.79 12.90
CA LYS A 79 29.58 4.49 12.85
C LYS A 79 28.61 4.01 13.92
N VAL A 80 27.71 4.90 14.30
CA VAL A 80 26.73 4.62 15.34
C VAL A 80 25.50 5.45 15.04
N THR A 81 24.32 4.87 15.15
CA THR A 81 23.10 5.56 14.72
C THR A 81 22.02 5.51 15.78
N SER A 82 21.34 6.62 16.01
CA SER A 82 20.22 6.59 16.96
C SER A 82 18.99 7.27 16.42
N LYS A 83 17.82 6.78 16.82
CA LYS A 83 16.56 7.25 16.26
C LYS A 83 15.84 8.16 17.23
N VAL A 84 14.99 9.02 16.66
CA VAL A 84 14.15 9.92 17.46
C VAL A 84 12.89 10.27 16.70
N ILE A 85 11.83 10.60 17.43
CA ILE A 85 10.61 11.06 16.79
C ILE A 85 10.69 12.54 16.48
N GLU A 86 10.66 12.92 15.22
CA GLU A 86 10.64 14.34 14.89
C GLU A 86 9.66 14.67 13.78
N LYS A 87 9.21 15.92 13.79
CA LYS A 87 8.37 16.44 12.73
C LYS A 87 9.26 16.80 11.54
N PHE A 88 8.66 16.98 10.37
CA PHE A 88 9.46 17.33 9.21
C PHE A 88 8.63 18.06 8.17
N PRO A 89 9.20 19.15 7.61
CA PRO A 89 10.52 19.66 8.01
C PRO A 89 10.40 20.48 9.28
N ALA A 90 11.46 20.55 10.07
CA ALA A 90 11.41 21.33 11.29
C ALA A 90 12.81 21.71 11.73
N PRO A 91 12.93 22.85 12.45
CA PRO A 91 14.19 23.23 13.08
C PRO A 91 14.53 22.25 14.18
N VAL A 92 15.81 21.96 14.32
CA VAL A 92 16.27 21.05 15.34
C VAL A 92 17.48 21.63 16.06
N HIS A 93 17.59 21.35 17.35
CA HIS A 93 18.83 21.62 18.04
C HIS A 93 19.49 20.29 18.33
N ILE A 94 20.59 20.03 17.64
CA ILE A 94 21.33 18.79 17.80
C ILE A 94 22.51 18.99 18.75
N CYS A 95 22.79 17.97 19.53
CA CYS A 95 23.89 18.01 20.45
C CYS A 95 24.39 16.59 20.68
N VAL A 96 25.69 16.39 20.51
CA VAL A 96 26.28 15.06 20.60
C VAL A 96 27.59 15.08 21.40
N SER A 97 27.77 14.09 22.27
CA SER A 97 29.01 14.01 23.03
C SER A 97 29.57 12.61 22.89
N TRP A 98 30.87 12.46 23.15
CA TRP A 98 31.52 11.17 23.05
C TRP A 98 32.68 11.11 24.00
N GLU A 99 32.85 9.96 24.64
CA GLU A 99 33.82 9.81 25.71
C GLU A 99 34.70 8.63 25.38
N SER A 100 36.00 8.85 25.21
CA SER A 100 36.89 7.76 24.81
C SER A 100 36.93 6.62 25.81
N SER A 101 37.08 6.95 27.08
CA SER A 101 37.18 5.94 28.14
C SER A 101 36.07 4.90 28.06
N SER A 102 34.83 5.34 27.85
CA SER A 102 33.71 4.41 27.82
C SER A 102 33.28 4.07 26.41
N GLY A 103 33.65 4.92 25.45
CA GLY A 103 33.23 4.76 24.07
C GLY A 103 31.82 5.24 23.81
N ILE A 104 31.13 5.69 24.86
CA ILE A 104 29.72 6.08 24.75
C ILE A 104 29.51 7.42 24.04
N ALA A 105 28.58 7.43 23.09
CA ALA A 105 28.16 8.65 22.40
C ALA A 105 26.70 8.91 22.70
N GLU A 106 26.37 10.04 23.32
CA GLU A 106 24.96 10.36 23.53
C GLU A 106 24.55 11.48 22.62
N PHE A 107 23.38 11.29 22.00
CA PHE A 107 22.76 12.30 21.19
C PHE A 107 21.65 12.98 21.98
N TRP A 108 21.46 14.27 21.75
CA TRP A 108 20.44 15.04 22.44
C TRP A 108 19.71 15.95 21.47
N ILE A 109 18.54 15.52 21.02
CA ILE A 109 17.76 16.24 20.01
C ILE A 109 16.68 17.11 20.64
N ASN A 110 16.86 18.41 20.53
CA ASN A 110 15.91 19.34 21.12
C ASN A 110 15.79 19.10 22.61
N GLY A 111 16.92 18.87 23.27
CA GLY A 111 16.94 18.72 24.72
C GLY A 111 16.46 17.37 25.23
N THR A 112 16.16 16.46 24.31
CA THR A 112 15.75 15.10 24.66
C THR A 112 16.89 14.15 24.38
N PRO A 113 17.23 13.28 25.33
CA PRO A 113 18.30 12.32 25.08
C PRO A 113 17.85 11.10 24.25
N LEU A 114 18.65 10.75 23.24
CA LEU A 114 18.39 9.53 22.51
C LEU A 114 19.03 8.38 23.25
N VAL A 115 18.84 7.17 22.75
CA VAL A 115 19.49 6.02 23.34
C VAL A 115 21.01 6.14 23.19
N LYS A 116 21.75 5.87 24.26
CA LYS A 116 23.20 5.91 24.19
C LYS A 116 23.68 4.74 23.33
N LYS A 117 24.74 4.96 22.58
CA LYS A 117 25.39 3.88 21.86
C LYS A 117 26.88 4.02 22.06
N GLY A 118 27.63 2.97 21.75
CA GLY A 118 29.07 3.00 21.98
C GLY A 118 29.89 2.59 20.77
N LEU A 119 31.11 3.13 20.70
CA LEU A 119 32.03 2.81 19.63
C LEU A 119 33.42 3.32 19.94
N ARG A 120 34.43 2.66 19.39
CA ARG A 120 35.79 3.18 19.47
C ARG A 120 36.28 3.38 20.90
N GLN A 121 35.85 2.54 21.83
CA GLN A 121 36.36 2.67 23.20
C GLN A 121 37.89 2.65 23.16
N GLY A 122 38.51 3.66 23.77
CA GLY A 122 39.96 3.72 23.86
C GLY A 122 40.63 4.54 22.78
N TYR A 123 39.86 4.88 21.75
CA TYR A 123 40.39 5.59 20.59
C TYR A 123 40.69 7.05 20.93
N PHE A 124 41.65 7.63 20.23
CA PHE A 124 41.90 9.05 20.33
C PHE A 124 41.64 9.73 19.00
N VAL A 125 40.66 10.64 18.97
CA VAL A 125 40.34 11.41 17.77
C VAL A 125 41.51 12.29 17.37
N GLU A 126 41.93 12.20 16.11
CA GLU A 126 43.15 12.89 15.69
C GLU A 126 43.03 14.41 15.68
N ALA A 127 44.17 15.08 15.75
CA ALA A 127 44.19 16.54 15.88
C ALA A 127 44.49 17.25 14.56
N GLN A 128 44.65 18.57 14.62
CA GLN A 128 44.92 19.38 13.43
C GLN A 128 43.99 19.01 12.30
N PRO A 129 42.69 19.22 12.51
CA PRO A 129 41.66 18.83 11.55
C PRO A 129 41.35 19.92 10.54
N LYS A 130 40.67 19.51 9.47
CA LYS A 130 39.97 20.42 8.60
C LYS A 130 38.49 20.18 8.91
N ILE A 131 37.79 21.24 9.27
CA ILE A 131 36.39 21.10 9.64
C ILE A 131 35.53 21.82 8.64
N VAL A 132 34.46 21.16 8.18
CA VAL A 132 33.64 21.71 7.11
C VAL A 132 32.14 21.60 7.34
N LEU A 133 31.47 22.73 7.22
CA LEU A 133 30.01 22.77 7.20
C LEU A 133 29.50 22.80 5.76
N GLY A 134 28.45 22.04 5.47
CA GLY A 134 27.77 22.19 4.19
C GLY A 134 28.21 21.21 3.12
N GLN A 135 29.19 20.39 3.44
CA GLN A 135 29.68 19.36 2.56
C GLN A 135 30.21 18.23 3.40
N GLU A 136 30.40 17.07 2.79
CA GLU A 136 31.02 15.95 3.48
C GLU A 136 32.36 15.67 2.81
N GLN A 137 33.44 15.71 3.60
CA GLN A 137 34.77 15.48 3.08
C GLN A 137 35.06 13.99 2.92
N ASP A 138 35.74 13.68 1.82
CA ASP A 138 36.25 12.34 1.59
C ASP A 138 37.77 12.44 1.40
N SER A 139 38.32 13.61 1.68
CA SER A 139 39.77 13.82 1.69
C SER A 139 40.14 14.75 2.84
N TYR A 140 41.37 15.28 2.81
CA TYR A 140 41.76 16.26 3.82
C TYR A 140 41.37 17.69 3.43
N GLY A 141 40.08 17.98 3.48
CA GLY A 141 39.59 19.31 3.22
C GLY A 141 38.76 19.42 1.95
N GLY A 142 38.56 18.30 1.25
CA GLY A 142 37.86 18.34 -0.02
C GLY A 142 37.32 17.01 -0.52
N LYS A 143 37.32 16.86 -1.85
CA LYS A 143 36.68 15.73 -2.53
C LYS A 143 35.29 15.53 -1.95
N PHE A 144 34.42 16.50 -2.23
CA PHE A 144 33.06 16.53 -1.73
C PHE A 144 32.14 15.67 -2.56
N ASP A 145 30.89 15.55 -2.12
CA ASP A 145 29.88 14.79 -2.83
C ASP A 145 28.62 15.62 -2.79
N ARG A 146 28.04 15.86 -3.95
CA ARG A 146 26.88 16.72 -4.06
C ARG A 146 25.69 16.13 -3.34
N SER A 147 25.53 14.81 -3.43
CA SER A 147 24.36 14.15 -2.88
C SER A 147 24.45 13.95 -1.37
N GLN A 148 25.50 14.50 -0.75
CA GLN A 148 25.60 14.49 0.70
C GLN A 148 25.68 15.91 1.23
N SER A 149 25.63 16.87 0.32
CA SER A 149 25.73 18.28 0.70
C SER A 149 24.55 18.70 1.56
N PHE A 150 24.78 19.68 2.43
CA PHE A 150 23.72 20.22 3.27
C PHE A 150 23.14 21.48 2.64
N VAL A 151 21.82 21.55 2.62
CA VAL A 151 21.10 22.71 2.11
C VAL A 151 20.10 23.21 3.14
N GLY A 152 20.36 24.39 3.68
CA GLY A 152 19.51 24.94 4.72
C GLY A 152 20.29 25.94 5.55
N GLU A 153 20.00 25.99 6.85
CA GLU A 153 20.58 26.98 7.72
C GLU A 153 21.23 26.29 8.92
N ILE A 154 22.38 26.80 9.35
CA ILE A 154 23.06 26.31 10.54
C ILE A 154 23.53 27.47 11.40
N GLY A 155 23.42 27.33 12.72
CA GLY A 155 23.86 28.39 13.63
C GLY A 155 23.99 27.92 15.06
N ASP A 156 24.41 28.84 15.95
CA ASP A 156 24.60 28.51 17.36
C ASP A 156 25.45 27.25 17.57
N LEU A 157 26.59 27.21 16.88
CA LEU A 157 27.50 26.08 16.92
C LEU A 157 28.56 26.25 18.01
N TYR A 158 28.71 25.23 18.85
CA TYR A 158 29.69 25.26 19.94
C TYR A 158 30.33 23.89 20.07
N MET A 159 31.62 23.85 20.41
CA MET A 159 32.29 22.58 20.64
C MET A 159 33.25 22.64 21.82
N TRP A 160 33.05 21.75 22.78
CA TRP A 160 33.90 21.67 23.97
C TRP A 160 34.78 20.40 23.97
N ASP A 161 35.92 20.45 24.65
CA ASP A 161 36.82 19.30 24.73
C ASP A 161 36.52 18.41 25.94
N SER A 162 35.32 18.58 26.49
CA SER A 162 34.84 17.75 27.58
C SER A 162 33.43 17.27 27.29
N VAL A 163 32.86 16.47 28.18
CA VAL A 163 31.50 15.98 28.01
C VAL A 163 30.55 16.75 28.91
N LEU A 164 29.66 17.50 28.30
CA LEU A 164 28.73 18.30 29.07
C LEU A 164 27.75 17.44 29.84
N PRO A 165 27.49 17.81 31.11
CA PRO A 165 26.40 17.24 31.90
C PRO A 165 25.07 17.61 31.29
N PRO A 166 23.98 16.97 31.70
CA PRO A 166 22.67 17.31 31.16
C PRO A 166 22.29 18.77 31.41
N GLU A 167 22.69 19.30 32.57
CA GLU A 167 22.29 20.64 32.98
C GLU A 167 22.81 21.66 31.99
N ASN A 168 23.99 21.39 31.46
CA ASN A 168 24.68 22.27 30.52
C ASN A 168 24.20 22.13 29.09
N ILE A 169 23.71 20.94 28.76
CA ILE A 169 23.15 20.70 27.45
C ILE A 169 21.83 21.47 27.35
N LEU A 170 21.02 21.40 28.39
CA LEU A 170 19.81 22.22 28.45
C LEU A 170 20.10 23.71 28.29
N SER A 171 21.16 24.18 28.93
CA SER A 171 21.52 25.59 28.85
C SER A 171 21.77 25.98 27.40
N ALA A 172 22.48 25.13 26.67
CA ALA A 172 22.80 25.41 25.28
C ALA A 172 21.55 25.40 24.41
N TYR A 173 20.67 24.44 24.67
CA TYR A 173 19.40 24.36 23.95
C TYR A 173 18.55 25.60 24.17
N GLN A 174 18.60 26.16 25.37
CA GLN A 174 17.79 27.31 25.71
C GLN A 174 18.47 28.62 25.37
N GLY A 175 19.62 28.55 24.71
CA GLY A 175 20.29 29.73 24.19
C GLY A 175 21.24 30.45 25.14
N THR A 176 21.60 29.81 26.26
CA THR A 176 22.53 30.40 27.22
C THR A 176 23.68 29.44 27.50
N PRO A 177 24.41 29.03 26.45
CA PRO A 177 25.44 28.00 26.56
C PRO A 177 26.67 28.46 27.33
N LEU A 178 27.37 27.51 27.96
CA LEU A 178 28.67 27.79 28.54
C LEU A 178 29.67 28.12 27.44
N PRO A 179 30.70 28.91 27.77
CA PRO A 179 31.72 29.23 26.78
C PRO A 179 32.53 27.99 26.35
N ALA A 180 32.74 27.85 25.04
CA ALA A 180 33.36 26.66 24.46
C ALA A 180 34.81 26.90 24.05
N ASN A 181 35.63 25.86 24.18
CA ASN A 181 37.08 26.01 23.98
C ASN A 181 37.62 25.40 22.70
N ILE A 182 36.76 24.79 21.88
CA ILE A 182 37.20 24.27 20.59
C ILE A 182 36.60 25.07 19.46
N LEU A 183 35.29 25.28 19.50
CA LEU A 183 34.60 26.14 18.55
C LEU A 183 33.56 26.98 19.27
N ASP A 184 33.68 28.30 19.22
CA ASP A 184 32.70 29.15 19.86
C ASP A 184 32.05 30.04 18.81
N TRP A 185 30.71 30.03 18.80
CA TRP A 185 29.93 30.78 17.82
C TRP A 185 30.12 32.28 17.98
N GLN A 186 30.55 32.72 19.15
CA GLN A 186 30.67 34.13 19.40
C GLN A 186 32.08 34.63 19.17
N ALA A 187 33.00 33.70 18.92
CA ALA A 187 34.33 34.02 18.45
C ALA A 187 34.76 32.92 17.51
N LEU A 188 34.29 33.01 16.27
CA LEU A 188 34.48 31.94 15.32
C LEU A 188 35.48 32.31 14.24
N ASN A 189 36.35 31.37 13.89
CA ASN A 189 37.25 31.58 12.78
C ASN A 189 36.84 30.72 11.63
N TYR A 190 36.36 31.36 10.57
CA TYR A 190 35.76 30.63 9.46
C TYR A 190 36.10 31.25 8.11
N GLU A 191 36.19 30.41 7.09
CA GLU A 191 36.29 30.85 5.72
C GLU A 191 35.03 30.43 5.00
N ILE A 192 34.48 31.31 4.17
CA ILE A 192 33.36 30.96 3.33
C ILE A 192 33.85 30.69 1.93
N ARG A 193 33.53 29.52 1.40
CA ARG A 193 33.87 29.17 0.04
C ARG A 193 32.59 28.90 -0.72
N GLY A 194 32.41 29.58 -1.84
CA GLY A 194 31.23 29.39 -2.67
C GLY A 194 30.04 30.23 -2.26
N TYR A 195 28.86 29.68 -2.49
CA TYR A 195 27.61 30.39 -2.22
C TYR A 195 27.10 30.08 -0.82
N VAL A 196 27.57 30.85 0.14
CA VAL A 196 27.04 30.78 1.50
C VAL A 196 26.77 32.19 1.98
N ILE A 197 25.56 32.41 2.49
CA ILE A 197 25.17 33.74 2.95
C ILE A 197 24.96 33.72 4.47
N ILE A 198 25.35 34.81 5.12
CA ILE A 198 25.06 34.96 6.54
C ILE A 198 23.84 35.85 6.68
N LYS A 199 22.84 35.35 7.42
CA LYS A 199 21.61 36.10 7.66
C LYS A 199 21.25 35.99 9.12
N PRO A 200 20.33 36.86 9.58
CA PRO A 200 19.83 36.71 10.95
C PRO A 200 19.04 35.41 11.15
N LEU A 201 19.12 34.90 12.37
CA LEU A 201 18.39 33.69 12.74
C LEU A 201 16.96 34.05 13.11
N VAL A 202 16.00 33.65 12.29
CA VAL A 202 14.60 34.03 12.51
C VAL A 202 13.68 32.88 12.93
N TRP A 203 14.25 31.69 13.13
CA TRP A 203 13.42 30.50 13.40
C TRP A 203 13.64 29.88 14.77
N VAL A 204 14.28 30.62 15.67
CA VAL A 204 14.18 30.32 17.08
C VAL A 204 13.84 31.64 17.76
N HIS B 1 49.46 -16.85 -14.13
CA HIS B 1 48.59 -17.16 -15.30
C HIS B 1 47.91 -18.47 -15.04
N THR B 2 46.70 -18.36 -14.51
CA THR B 2 45.91 -19.51 -14.11
C THR B 2 44.65 -19.60 -14.97
N ASP B 3 44.36 -20.81 -15.45
CA ASP B 3 43.19 -21.04 -16.28
C ASP B 3 41.95 -21.37 -15.43
N LEU B 4 41.01 -20.44 -15.36
CA LEU B 4 39.83 -20.62 -14.52
C LEU B 4 38.61 -21.07 -15.33
N SER B 5 38.83 -21.62 -16.52
CA SER B 5 37.73 -22.06 -17.35
C SER B 5 36.79 -22.94 -16.55
N GLY B 6 35.51 -22.59 -16.56
CA GLY B 6 34.49 -23.38 -15.89
C GLY B 6 34.53 -23.31 -14.38
N LYS B 7 35.25 -22.33 -13.84
CA LYS B 7 35.28 -22.11 -12.40
C LYS B 7 34.79 -20.69 -12.09
N VAL B 8 34.46 -20.44 -10.83
CA VAL B 8 34.04 -19.11 -10.39
C VAL B 8 34.67 -18.76 -9.05
N PHE B 9 34.71 -17.47 -8.75
CA PHE B 9 35.05 -17.05 -7.41
C PHE B 9 33.76 -17.05 -6.62
N VAL B 10 33.82 -17.51 -5.37
CA VAL B 10 32.66 -17.49 -4.50
C VAL B 10 32.96 -16.62 -3.29
N PHE B 11 32.28 -15.50 -3.19
CA PHE B 11 32.34 -14.67 -2.01
C PHE B 11 31.15 -15.07 -1.15
N PRO B 12 31.38 -15.95 -0.18
CA PRO B 12 30.28 -16.69 0.44
C PRO B 12 29.65 -16.02 1.65
N ARG B 13 30.09 -14.82 2.01
CA ARG B 13 29.49 -14.14 3.15
C ARG B 13 29.73 -12.65 3.05
N GLU B 14 28.86 -11.88 3.67
CA GLU B 14 29.04 -10.45 3.74
C GLU B 14 30.20 -10.13 4.67
N SER B 15 31.06 -9.21 4.26
CA SER B 15 32.27 -8.93 5.02
C SER B 15 32.88 -7.63 4.55
N VAL B 16 33.92 -7.19 5.25
CA VAL B 16 34.67 -6.01 4.84
C VAL B 16 36.12 -6.39 4.55
N THR B 17 36.37 -7.68 4.45
CA THR B 17 37.73 -8.18 4.40
C THR B 17 37.95 -9.10 3.20
N ASP B 18 36.97 -9.95 2.87
CA ASP B 18 37.09 -10.86 1.74
C ASP B 18 37.12 -10.09 0.44
N HIS B 19 38.06 -10.44 -0.44
CA HIS B 19 38.16 -9.83 -1.76
C HIS B 19 39.21 -10.50 -2.62
N VAL B 20 39.20 -10.16 -3.91
CA VAL B 20 40.20 -10.67 -4.83
C VAL B 20 40.88 -9.51 -5.55
N ASN B 21 42.20 -9.55 -5.62
CA ASN B 21 42.93 -8.58 -6.39
C ASN B 21 43.22 -9.12 -7.77
N LEU B 22 42.82 -8.37 -8.79
CA LEU B 22 43.17 -8.70 -10.16
C LEU B 22 44.40 -7.88 -10.58
N ILE B 23 45.32 -8.57 -11.24
CA ILE B 23 46.59 -7.96 -11.58
C ILE B 23 46.79 -7.92 -13.09
N THR B 24 46.98 -6.73 -13.61
CA THR B 24 47.28 -6.56 -15.03
C THR B 24 48.47 -5.62 -15.16
N PRO B 25 49.24 -5.78 -16.24
CA PRO B 25 50.34 -4.84 -16.48
C PRO B 25 49.84 -3.45 -16.88
N LEU B 26 49.13 -3.38 -18.00
CA LEU B 26 48.54 -2.14 -18.51
C LEU B 26 49.57 -1.01 -18.74
N GLU B 27 49.73 -0.10 -17.78
CA GLU B 27 50.73 0.98 -17.88
C GLU B 27 50.39 2.10 -18.87
N LYS B 28 49.67 1.78 -19.96
CA LYS B 28 49.23 2.80 -20.91
C LYS B 28 47.78 3.17 -20.64
N PRO B 29 47.50 4.47 -20.43
CA PRO B 29 46.14 4.93 -20.07
C PRO B 29 45.07 4.42 -21.05
N LEU B 30 43.87 4.16 -20.51
CA LEU B 30 42.81 3.55 -21.30
C LEU B 30 41.94 4.56 -22.04
N GLN B 31 41.78 4.31 -23.33
CA GLN B 31 41.04 5.23 -24.18
C GLN B 31 39.68 4.61 -24.52
N ASN B 32 39.71 3.37 -25.01
CA ASN B 32 38.50 2.59 -25.22
C ASN B 32 38.64 1.34 -24.37
N PHE B 33 37.55 0.67 -24.04
CA PHE B 33 37.62 -0.60 -23.33
C PHE B 33 36.27 -1.32 -23.23
N THR B 34 36.30 -2.66 -23.24
CA THR B 34 35.12 -3.47 -22.97
C THR B 34 35.41 -4.44 -21.83
N LEU B 35 34.46 -4.54 -20.91
CA LEU B 35 34.60 -5.42 -19.76
C LEU B 35 33.39 -6.33 -19.74
N CYS B 36 33.57 -7.59 -19.36
CA CYS B 36 32.41 -8.45 -19.17
C CYS B 36 32.69 -9.67 -18.31
N PHE B 37 31.62 -10.21 -17.74
CA PHE B 37 31.71 -11.27 -16.75
C PHE B 37 30.31 -11.80 -16.41
N ARG B 38 30.25 -12.90 -15.67
CA ARG B 38 28.99 -13.42 -15.15
C ARG B 38 28.96 -13.26 -13.65
N ALA B 39 27.77 -12.97 -13.13
CA ALA B 39 27.62 -12.81 -11.69
C ALA B 39 26.31 -13.41 -11.25
N TYR B 40 26.27 -13.90 -10.02
CA TYR B 40 25.06 -14.52 -9.49
C TYR B 40 25.00 -14.16 -8.02
N SER B 41 24.04 -13.33 -7.63
CA SER B 41 23.93 -12.91 -6.24
C SER B 41 22.50 -12.63 -5.89
N ASP B 42 22.11 -12.92 -4.65
CA ASP B 42 20.74 -12.64 -4.19
C ASP B 42 20.68 -11.49 -3.18
N LEU B 43 21.58 -10.54 -3.36
CA LEU B 43 21.59 -9.33 -2.55
C LEU B 43 20.55 -8.39 -3.13
N SER B 44 19.79 -7.74 -2.26
CA SER B 44 18.80 -6.78 -2.71
C SER B 44 19.38 -5.37 -2.65
N ARG B 45 20.35 -5.17 -1.77
CA ARG B 45 20.99 -3.87 -1.62
C ARG B 45 21.98 -3.62 -2.75
N ALA B 46 22.66 -2.49 -2.66
CA ALA B 46 23.62 -2.11 -3.69
C ALA B 46 24.91 -2.86 -3.48
N TYR B 47 25.64 -3.13 -4.56
CA TYR B 47 26.96 -3.73 -4.44
C TYR B 47 27.87 -3.40 -5.59
N SER B 48 29.17 -3.40 -5.33
CA SER B 48 30.18 -3.24 -6.36
C SER B 48 30.44 -4.58 -7.02
N LEU B 49 30.39 -4.60 -8.34
CA LEU B 49 30.81 -5.78 -9.07
C LEU B 49 32.32 -5.73 -9.32
N PHE B 50 32.74 -4.67 -10.01
CA PHE B 50 34.12 -4.50 -10.47
C PHE B 50 34.64 -3.13 -10.05
N SER B 51 35.62 -3.10 -9.16
CA SER B 51 36.22 -1.83 -8.71
C SER B 51 37.66 -1.63 -9.18
N TYR B 52 37.89 -0.53 -9.89
CA TYR B 52 39.17 -0.23 -10.53
C TYR B 52 39.57 1.18 -10.11
N ASN B 53 40.59 1.27 -9.26
CA ASN B 53 41.10 2.56 -8.78
C ASN B 53 42.54 2.76 -9.18
N THR B 54 42.97 4.02 -9.19
CA THR B 54 44.37 4.31 -9.46
C THR B 54 44.88 5.24 -8.38
N GLN B 55 46.20 5.41 -8.33
CA GLN B 55 46.80 6.30 -7.35
C GLN B 55 46.12 7.65 -7.37
N GLY B 56 45.50 8.01 -6.25
CA GLY B 56 44.91 9.33 -6.09
C GLY B 56 43.53 9.52 -6.67
N ARG B 57 42.96 8.47 -7.27
CA ARG B 57 41.67 8.61 -7.91
C ARG B 57 40.72 7.49 -7.53
N ASP B 58 39.70 7.83 -6.76
CA ASP B 58 38.67 6.88 -6.40
C ASP B 58 37.73 6.70 -7.59
N ASN B 59 37.10 5.53 -7.65
CA ASN B 59 36.10 5.24 -8.65
C ASN B 59 36.54 5.69 -10.03
N GLU B 60 37.73 5.27 -10.45
CA GLU B 60 38.22 5.62 -11.76
C GLU B 60 37.43 4.84 -12.81
N LEU B 61 37.20 3.57 -12.50
CA LEU B 61 36.38 2.74 -13.35
C LEU B 61 35.66 1.76 -12.43
N LEU B 62 34.34 1.88 -12.35
CA LEU B 62 33.59 1.11 -11.39
C LEU B 62 32.26 0.66 -11.96
N VAL B 63 32.01 -0.64 -11.94
CA VAL B 63 30.71 -1.18 -12.31
C VAL B 63 29.99 -1.51 -11.03
N TYR B 64 28.79 -0.96 -10.87
CA TYR B 64 28.14 -0.92 -9.57
C TYR B 64 26.64 -1.07 -9.70
N LYS B 65 26.08 -2.06 -9.00
CA LYS B 65 24.66 -2.35 -9.06
C LYS B 65 23.90 -1.58 -8.00
N GLU B 66 23.05 -0.66 -8.44
CA GLU B 66 22.33 0.23 -7.53
C GLU B 66 21.25 -0.50 -6.75
N ARG B 67 20.55 -1.37 -7.47
CA ARG B 67 19.36 -2.05 -6.98
C ARG B 67 18.92 -2.96 -8.09
N VAL B 68 17.89 -3.77 -7.87
CA VAL B 68 17.47 -4.71 -8.90
C VAL B 68 17.06 -3.97 -10.14
N GLY B 69 17.73 -4.28 -11.25
CA GLY B 69 17.38 -3.71 -12.53
C GLY B 69 18.08 -2.43 -12.91
N GLU B 70 19.02 -1.96 -12.10
CA GLU B 70 19.78 -0.76 -12.42
C GLU B 70 21.28 -1.00 -12.33
N TYR B 71 21.97 -0.78 -13.43
CA TYR B 71 23.42 -0.89 -13.47
C TYR B 71 24.05 0.49 -13.68
N SER B 72 25.06 0.81 -12.86
CA SER B 72 25.78 2.08 -12.98
C SER B 72 27.21 1.84 -13.44
N LEU B 73 27.71 2.77 -14.24
CA LEU B 73 29.12 2.80 -14.60
C LEU B 73 29.74 4.12 -14.16
N TYR B 74 30.82 4.03 -13.40
CA TYR B 74 31.59 5.20 -13.04
C TYR B 74 32.83 5.27 -13.91
N ILE B 75 33.13 6.47 -14.40
CA ILE B 75 34.36 6.72 -15.14
C ILE B 75 34.94 8.01 -14.60
N GLY B 76 36.04 7.91 -13.85
CA GLY B 76 36.63 9.08 -13.25
C GLY B 76 35.64 9.83 -12.39
N ARG B 77 35.02 9.12 -11.45
CA ARG B 77 34.08 9.69 -10.48
C ARG B 77 32.74 10.13 -11.08
N HIS B 78 32.66 10.32 -12.39
CA HIS B 78 31.37 10.60 -13.02
C HIS B 78 30.59 9.32 -13.18
N LYS B 79 29.28 9.42 -13.11
CA LYS B 79 28.45 8.24 -13.04
C LYS B 79 27.38 8.24 -14.11
N VAL B 80 26.95 7.06 -14.50
CA VAL B 80 25.95 6.89 -15.55
C VAL B 80 25.18 5.64 -15.21
N THR B 81 23.85 5.67 -15.34
CA THR B 81 23.02 4.54 -14.91
C THR B 81 22.03 4.12 -15.98
N SER B 82 21.89 2.82 -16.22
CA SER B 82 20.90 2.35 -17.17
C SER B 82 20.05 1.21 -16.60
N LYS B 83 18.78 1.16 -17.01
CA LYS B 83 17.82 0.22 -16.46
C LYS B 83 17.57 -0.93 -17.39
N VAL B 84 17.15 -2.06 -16.82
CA VAL B 84 16.79 -3.24 -17.61
C VAL B 84 15.77 -4.08 -16.85
N ILE B 85 14.97 -4.83 -17.57
CA ILE B 85 14.03 -5.74 -16.92
C ILE B 85 14.75 -7.02 -16.58
N GLU B 86 14.86 -7.36 -15.30
CA GLU B 86 15.42 -8.67 -14.98
C GLU B 86 14.66 -9.37 -13.86
N LYS B 87 14.79 -10.69 -13.85
CA LYS B 87 14.21 -11.51 -12.78
C LYS B 87 15.13 -11.43 -11.59
N PHE B 88 14.66 -11.83 -10.42
CA PHE B 88 15.50 -11.81 -9.24
C PHE B 88 15.06 -12.80 -8.19
N PRO B 89 16.02 -13.53 -7.61
CA PRO B 89 17.43 -13.45 -7.99
C PRO B 89 17.68 -14.26 -9.24
N ALA B 90 18.66 -13.88 -10.04
CA ALA B 90 18.96 -14.62 -11.25
C ALA B 90 20.41 -14.40 -11.67
N PRO B 91 21.00 -15.40 -12.35
CA PRO B 91 22.32 -15.21 -12.94
C PRO B 91 22.24 -14.20 -14.06
N VAL B 92 23.30 -13.43 -14.23
CA VAL B 92 23.32 -12.42 -15.26
C VAL B 92 24.66 -12.46 -15.96
N HIS B 93 24.68 -12.16 -17.25
CA HIS B 93 25.92 -11.89 -17.92
C HIS B 93 25.96 -10.42 -18.23
N ILE B 94 26.85 -9.71 -17.55
CA ILE B 94 27.00 -8.26 -17.74
C ILE B 94 28.15 -7.97 -18.66
N CYS B 95 28.00 -6.92 -19.46
CA CYS B 95 29.05 -6.53 -20.36
C CYS B 95 28.91 -5.04 -20.62
N VAL B 96 30.01 -4.32 -20.46
CA VAL B 96 29.97 -2.87 -20.57
C VAL B 96 31.17 -2.36 -21.38
N SER B 97 30.93 -1.41 -22.29
CA SER B 97 32.04 -0.82 -23.03
C SER B 97 31.97 0.70 -22.91
N TRP B 98 33.10 1.36 -23.17
CA TRP B 98 33.13 2.81 -23.09
C TRP B 98 34.17 3.33 -24.04
N GLU B 99 33.87 4.45 -24.69
CA GLU B 99 34.71 4.98 -25.76
C GLU B 99 35.01 6.43 -25.45
N SER B 100 36.28 6.77 -25.29
CA SER B 100 36.61 8.14 -24.90
C SER B 100 36.16 9.17 -25.92
N SER B 101 36.45 8.90 -27.19
CA SER B 101 36.15 9.85 -28.26
C SER B 101 34.71 10.32 -28.21
N SER B 102 33.77 9.42 -28.00
CA SER B 102 32.36 9.79 -28.00
C SER B 102 31.81 9.95 -26.58
N GLY B 103 32.48 9.33 -25.61
CA GLY B 103 32.02 9.34 -24.24
C GLY B 103 30.93 8.32 -23.98
N ILE B 104 30.53 7.60 -25.02
CA ILE B 104 29.41 6.65 -24.89
C ILE B 104 29.77 5.36 -24.15
N ALA B 105 28.90 4.98 -23.23
CA ALA B 105 29.02 3.72 -22.51
C ALA B 105 27.79 2.86 -22.82
N GLU B 106 27.98 1.68 -23.41
CA GLU B 106 26.84 0.80 -23.62
C GLU B 106 26.92 -0.38 -22.68
N PHE B 107 25.79 -0.67 -22.07
CA PHE B 107 25.64 -1.85 -21.25
C PHE B 107 24.92 -2.93 -22.04
N TRP B 108 25.27 -4.18 -21.75
CA TRP B 108 24.68 -5.34 -22.44
C TRP B 108 24.39 -6.44 -21.45
N ILE B 109 23.14 -6.52 -21.02
CA ILE B 109 22.73 -7.49 -20.02
C ILE B 109 22.12 -8.73 -20.63
N ASN B 110 22.84 -9.85 -20.51
CA ASN B 110 22.37 -11.10 -21.07
C ASN B 110 22.18 -10.97 -22.56
N GLY B 111 23.11 -10.29 -23.22
CA GLY B 111 23.07 -10.18 -24.68
C GLY B 111 22.09 -9.15 -25.21
N THR B 112 21.41 -8.45 -24.32
CA THR B 112 20.49 -7.39 -24.68
C THR B 112 21.12 -6.05 -24.42
N PRO B 113 21.06 -5.14 -25.39
CA PRO B 113 21.62 -3.81 -25.14
C PRO B 113 20.70 -2.87 -24.34
N LEU B 114 21.25 -2.23 -23.32
CA LEU B 114 20.50 -1.21 -22.62
C LEU B 114 20.61 0.10 -23.38
N VAL B 115 19.96 1.13 -22.89
CA VAL B 115 20.07 2.43 -23.52
C VAL B 115 21.49 2.96 -23.35
N LYS B 116 22.06 3.49 -24.43
CA LYS B 116 23.40 4.07 -24.37
C LYS B 116 23.34 5.36 -23.57
N LYS B 117 24.36 5.61 -22.76
CA LYS B 117 24.49 6.89 -22.08
C LYS B 117 25.91 7.39 -22.27
N GLY B 118 26.15 8.66 -21.95
CA GLY B 118 27.46 9.24 -22.19
C GLY B 118 28.04 9.98 -20.99
N LEU B 119 29.37 10.02 -20.92
CA LEU B 119 30.05 10.71 -19.84
C LEU B 119 31.53 10.81 -20.14
N ARG B 120 32.16 11.85 -19.62
CA ARG B 120 33.62 11.94 -19.66
C ARG B 120 34.17 11.92 -21.09
N GLN B 121 33.45 12.49 -22.03
CA GLN B 121 33.97 12.56 -23.39
C GLN B 121 35.34 13.21 -23.34
N GLY B 122 36.33 12.54 -23.92
CA GLY B 122 37.67 13.09 -24.02
C GLY B 122 38.61 12.67 -22.91
N TYR B 123 38.06 12.04 -21.88
CA TYR B 123 38.82 11.64 -20.71
C TYR B 123 39.70 10.44 -21.02
N PHE B 124 40.81 10.32 -20.30
CA PHE B 124 41.64 9.12 -20.37
C PHE B 124 41.66 8.42 -19.03
N VAL B 125 41.15 7.19 -18.99
CA VAL B 125 41.18 6.39 -17.78
C VAL B 125 42.61 6.09 -17.35
N GLU B 126 42.94 6.38 -16.10
CA GLU B 126 44.31 6.26 -15.65
C GLU B 126 44.84 4.82 -15.60
N ALA B 127 46.16 4.68 -15.66
CA ALA B 127 46.81 3.38 -15.76
C ALA B 127 47.34 2.88 -14.42
N GLN B 128 48.07 1.76 -14.44
CA GLN B 128 48.62 1.15 -13.23
C GLN B 128 47.61 1.10 -12.10
N PRO B 129 46.51 0.37 -12.32
CA PRO B 129 45.41 0.32 -11.37
C PRO B 129 45.57 -0.77 -10.34
N LYS B 130 44.76 -0.68 -9.29
CA LYS B 130 44.49 -1.78 -8.39
C LYS B 130 43.05 -2.18 -8.74
N ILE B 131 42.85 -3.45 -9.05
CA ILE B 131 41.53 -3.91 -9.44
C ILE B 131 41.01 -4.92 -8.43
N VAL B 132 39.76 -4.75 -8.00
CA VAL B 132 39.24 -5.58 -6.92
C VAL B 132 37.84 -6.11 -7.15
N LEU B 133 37.70 -7.42 -6.99
CA LEU B 133 36.40 -8.08 -6.99
C LEU B 133 35.94 -8.31 -5.57
N GLY B 134 34.66 -8.08 -5.29
CA GLY B 134 34.10 -8.46 -4.01
C GLY B 134 34.05 -7.36 -2.97
N GLN B 135 34.64 -6.21 -3.29
CA GLN B 135 34.62 -5.04 -2.42
C GLN B 135 34.68 -3.80 -3.28
N GLU B 136 34.33 -2.66 -2.70
CA GLU B 136 34.42 -1.39 -3.41
C GLU B 136 35.50 -0.55 -2.76
N GLN B 137 36.50 -0.16 -3.54
CA GLN B 137 37.62 0.62 -3.02
C GLN B 137 37.26 2.10 -2.88
N ASP B 138 37.73 2.67 -1.78
CA ASP B 138 37.64 4.11 -1.57
C ASP B 138 39.05 4.67 -1.37
N SER B 139 40.05 3.83 -1.62
CA SER B 139 41.44 4.24 -1.62
C SER B 139 42.19 3.53 -2.75
N TYR B 140 43.52 3.57 -2.72
CA TYR B 140 44.32 2.83 -3.70
C TYR B 140 44.56 1.38 -3.27
N GLY B 141 43.50 0.58 -3.30
CA GLY B 141 43.62 -0.84 -3.00
C GLY B 141 42.91 -1.27 -1.75
N GLY B 142 42.24 -0.33 -1.09
CA GLY B 142 41.57 -0.63 0.18
C GLY B 142 40.52 0.36 0.65
N LYS B 143 40.45 0.52 1.97
CA LYS B 143 39.39 1.28 2.61
C LYS B 143 38.05 0.87 2.02
N PHE B 144 37.68 -0.37 2.31
CA PHE B 144 36.45 -0.98 1.82
C PHE B 144 35.23 -0.55 2.63
N ASP B 145 34.06 -0.96 2.16
CA ASP B 145 32.82 -0.69 2.86
C ASP B 145 32.02 -1.99 2.82
N ARG B 146 31.58 -2.43 3.99
CA ARG B 146 30.88 -3.70 4.11
C ARG B 146 29.54 -3.67 3.36
N SER B 147 28.86 -2.54 3.42
CA SER B 147 27.52 -2.45 2.86
C SER B 147 27.56 -2.24 1.35
N GLN B 148 28.75 -2.32 0.75
CA GLN B 148 28.87 -2.30 -0.70
C GLN B 148 29.53 -3.57 -1.20
N SER B 149 29.84 -4.46 -0.27
CA SER B 149 30.55 -5.67 -0.63
C SER B 149 29.67 -6.57 -1.48
N PHE B 150 30.31 -7.37 -2.31
CA PHE B 150 29.58 -8.33 -3.14
C PHE B 150 29.59 -9.70 -2.49
N VAL B 151 28.40 -10.31 -2.45
CA VAL B 151 28.23 -11.67 -1.94
C VAL B 151 27.56 -12.57 -2.99
N GLY B 152 28.30 -13.55 -3.49
CA GLY B 152 27.78 -14.40 -4.52
C GLY B 152 28.89 -14.99 -5.33
N GLU B 153 28.67 -15.19 -6.63
CA GLU B 153 29.64 -15.85 -7.47
C GLU B 153 29.95 -14.99 -8.69
N ILE B 154 31.21 -14.96 -9.11
CA ILE B 154 31.64 -14.26 -10.32
C ILE B 154 32.57 -15.12 -11.13
N GLY B 155 32.43 -15.08 -12.46
CA GLY B 155 33.29 -15.87 -13.33
C GLY B 155 33.26 -15.41 -14.77
N ASP B 156 34.00 -16.08 -15.64
CA ASP B 156 34.04 -15.72 -17.06
C ASP B 156 34.28 -14.23 -17.29
N LEU B 157 35.27 -13.68 -16.58
CA LEU B 157 35.62 -12.27 -16.67
C LEU B 157 36.67 -12.01 -17.73
N TYR B 158 36.41 -11.04 -18.60
CA TYR B 158 37.34 -10.68 -19.67
C TYR B 158 37.37 -9.17 -19.83
N MET B 159 38.53 -8.60 -20.17
CA MET B 159 38.59 -7.17 -20.43
C MET B 159 39.51 -6.84 -21.60
N TRP B 160 38.97 -6.11 -22.57
CA TRP B 160 39.71 -5.71 -23.77
C TRP B 160 39.98 -4.20 -23.78
N ASP B 161 41.04 -3.79 -24.46
CA ASP B 161 41.39 -2.37 -24.56
C ASP B 161 40.74 -1.72 -25.79
N SER B 162 39.73 -2.38 -26.32
CA SER B 162 38.96 -1.85 -27.44
C SER B 162 37.48 -2.00 -27.16
N VAL B 163 36.65 -1.51 -28.07
CA VAL B 163 35.20 -1.65 -27.92
C VAL B 163 34.68 -2.76 -28.83
N LEU B 164 34.16 -3.81 -28.21
CA LEU B 164 33.69 -4.95 -28.98
C LEU B 164 32.45 -4.58 -29.77
N PRO B 165 32.39 -5.05 -31.03
CA PRO B 165 31.17 -5.00 -31.84
C PRO B 165 30.11 -5.89 -31.21
N PRO B 166 28.85 -5.76 -31.65
CA PRO B 166 27.78 -6.61 -31.10
C PRO B 166 28.06 -8.11 -31.31
N GLU B 167 28.64 -8.44 -32.46
CA GLU B 167 28.86 -9.81 -32.86
C GLU B 167 29.75 -10.51 -31.85
N ASN B 168 30.71 -9.75 -31.30
CA ASN B 168 31.70 -10.26 -30.35
C ASN B 168 31.19 -10.31 -28.92
N ILE B 169 30.23 -9.44 -28.62
CA ILE B 169 29.61 -9.44 -27.31
C ILE B 169 28.73 -10.68 -27.19
N LEU B 170 27.97 -10.97 -28.24
CA LEU B 170 27.21 -12.22 -28.29
C LEU B 170 28.10 -13.44 -28.11
N SER B 171 29.27 -13.44 -28.74
CA SER B 171 30.18 -14.57 -28.63
C SER B 171 30.57 -14.78 -27.18
N ALA B 172 30.83 -13.70 -26.45
CA ALA B 172 31.22 -13.80 -25.04
C ALA B 172 30.07 -14.31 -24.18
N TYR B 173 28.88 -13.81 -24.46
CA TYR B 173 27.68 -14.24 -23.76
C TYR B 173 27.43 -15.73 -23.96
N GLN B 174 27.72 -16.23 -25.16
CA GLN B 174 27.48 -17.63 -25.48
C GLN B 174 28.65 -18.52 -25.11
N GLY B 175 29.65 -17.97 -24.44
CA GLY B 175 30.75 -18.76 -23.89
C GLY B 175 31.92 -19.03 -24.83
N THR B 176 32.00 -18.32 -25.95
CA THR B 176 33.11 -18.47 -26.89
C THR B 176 33.76 -17.12 -27.19
N PRO B 177 34.22 -16.42 -26.15
CA PRO B 177 34.74 -15.06 -26.28
C PRO B 177 36.05 -14.98 -27.03
N LEU B 178 36.31 -13.82 -27.65
CA LEU B 178 37.60 -13.55 -28.24
C LEU B 178 38.62 -13.41 -27.12
N PRO B 179 39.89 -13.71 -27.43
CA PRO B 179 40.94 -13.55 -26.42
C PRO B 179 41.14 -12.08 -26.02
N ALA B 180 41.24 -11.82 -24.72
CA ALA B 180 41.31 -10.47 -24.17
C ALA B 180 42.72 -10.07 -23.74
N ASN B 181 43.05 -8.80 -23.88
CA ASN B 181 44.41 -8.34 -23.68
C ASN B 181 44.64 -7.55 -22.39
N ILE B 182 43.59 -7.35 -21.61
CA ILE B 182 43.76 -6.67 -20.32
C ILE B 182 43.53 -7.64 -19.17
N LEU B 183 42.42 -8.36 -19.24
CA LEU B 183 42.16 -9.41 -18.26
C LEU B 183 41.56 -10.60 -18.99
N ASP B 184 42.21 -11.74 -18.90
CA ASP B 184 41.68 -12.96 -19.51
C ASP B 184 41.47 -14.02 -18.46
N TRP B 185 40.24 -14.55 -18.43
CA TRP B 185 39.84 -15.54 -17.44
C TRP B 185 40.64 -16.84 -17.57
N GLN B 186 41.24 -17.06 -18.73
CA GLN B 186 41.96 -18.31 -18.96
C GLN B 186 43.45 -18.16 -18.73
N ALA B 187 43.88 -16.93 -18.49
CA ALA B 187 45.23 -16.67 -17.98
C ALA B 187 45.14 -15.47 -17.06
N LEU B 188 44.72 -15.72 -15.83
CA LEU B 188 44.42 -14.65 -14.90
C LEU B 188 45.46 -14.55 -13.79
N ASN B 189 45.90 -13.34 -13.49
CA ASN B 189 46.77 -13.13 -12.35
C ASN B 189 46.00 -12.50 -11.22
N TYR B 190 45.84 -13.27 -10.14
CA TYR B 190 44.96 -12.83 -9.07
C TYR B 190 45.52 -13.22 -7.70
N GLU B 191 45.22 -12.40 -6.70
CA GLU B 191 45.47 -12.74 -5.31
C GLU B 191 44.13 -12.88 -4.62
N ILE B 192 44.00 -13.89 -3.79
CA ILE B 192 42.82 -14.03 -2.94
C ILE B 192 43.15 -13.56 -1.53
N ARG B 193 42.36 -12.62 -1.03
CA ARG B 193 42.51 -12.14 0.33
C ARG B 193 41.21 -12.39 1.05
N GLY B 194 41.30 -13.09 2.18
CA GLY B 194 40.13 -13.38 2.99
C GLY B 194 39.42 -14.65 2.59
N TYR B 195 38.12 -14.67 2.81
CA TYR B 195 37.30 -15.84 2.55
C TYR B 195 36.74 -15.79 1.15
N VAL B 196 37.49 -16.32 0.21
CA VAL B 196 36.98 -16.49 -1.15
C VAL B 196 37.34 -17.89 -1.61
N ILE B 197 36.36 -18.61 -2.15
CA ILE B 197 36.58 -19.99 -2.56
C ILE B 197 36.41 -20.08 -4.06
N ILE B 198 37.22 -20.92 -4.69
CA ILE B 198 37.03 -21.22 -6.10
C ILE B 198 36.29 -22.54 -6.25
N LYS B 199 35.20 -22.51 -6.99
CA LYS B 199 34.39 -23.69 -7.22
C LYS B 199 34.03 -23.78 -8.69
N PRO B 200 33.57 -24.96 -9.13
CA PRO B 200 33.09 -25.07 -10.51
C PRO B 200 31.82 -24.23 -10.74
N LEU B 201 31.68 -23.75 -11.97
CA LEU B 201 30.53 -22.96 -12.37
C LEU B 201 29.39 -23.88 -12.75
N VAL B 202 28.33 -23.90 -11.95
CA VAL B 202 27.24 -24.85 -12.16
C VAL B 202 25.91 -24.20 -12.62
N TRP B 203 25.93 -22.88 -12.84
CA TRP B 203 24.69 -22.15 -13.13
C TRP B 203 24.64 -21.53 -14.53
N VAL B 204 25.55 -21.94 -15.40
CA VAL B 204 25.34 -21.73 -16.81
C VAL B 204 25.58 -23.08 -17.46
N HIS C 1 -8.45 53.08 -7.45
CA HIS C 1 -8.03 52.91 -6.03
C HIS C 1 -9.26 52.52 -5.24
N THR C 2 -9.41 51.22 -5.06
CA THR C 2 -10.57 50.65 -4.41
C THR C 2 -10.16 49.96 -3.11
N ASP C 3 -10.89 50.21 -2.04
CA ASP C 3 -10.60 49.64 -0.73
C ASP C 3 -11.28 48.29 -0.56
N LEU C 4 -10.51 47.22 -0.59
CA LEU C 4 -11.08 45.89 -0.50
C LEU C 4 -11.00 45.30 0.90
N SER C 5 -10.81 46.15 1.90
CA SER C 5 -10.70 45.68 3.28
C SER C 5 -11.83 44.73 3.60
N GLY C 6 -11.48 43.54 4.07
CA GLY C 6 -12.46 42.57 4.49
C GLY C 6 -13.24 41.92 3.36
N LYS C 7 -12.72 42.05 2.15
CA LYS C 7 -13.30 41.38 0.99
C LYS C 7 -12.25 40.46 0.35
N VAL C 8 -12.68 39.53 -0.49
CA VAL C 8 -11.78 38.66 -1.23
C VAL C 8 -12.23 38.51 -2.67
N PHE C 9 -11.31 38.12 -3.56
CA PHE C 9 -11.69 37.72 -4.89
C PHE C 9 -12.08 36.26 -4.82
N VAL C 10 -13.13 35.88 -5.53
CA VAL C 10 -13.55 34.48 -5.57
C VAL C 10 -13.48 33.98 -7.00
N PHE C 11 -12.55 33.08 -7.26
CA PHE C 11 -12.49 32.40 -8.54
C PHE C 11 -13.23 31.09 -8.36
N PRO C 12 -14.51 31.07 -8.76
CA PRO C 12 -15.42 30.04 -8.29
C PRO C 12 -15.48 28.78 -9.15
N ARG C 13 -14.67 28.71 -10.20
CA ARG C 13 -14.68 27.52 -11.04
C ARG C 13 -13.39 27.41 -11.80
N GLU C 14 -13.06 26.19 -12.19
CA GLU C 14 -11.88 25.97 -13.01
C GLU C 14 -12.17 26.45 -14.41
N SER C 15 -11.21 27.16 -15.00
CA SER C 15 -11.42 27.80 -16.29
C SER C 15 -10.09 28.22 -16.87
N VAL C 16 -10.12 28.71 -18.10
CA VAL C 16 -8.92 29.24 -18.75
C VAL C 16 -9.13 30.71 -19.10
N THR C 17 -10.18 31.29 -18.53
CA THR C 17 -10.63 32.60 -18.95
C THR C 17 -10.78 33.54 -17.76
N ASP C 18 -11.27 33.05 -16.63
CA ASP C 18 -11.45 33.87 -15.44
C ASP C 18 -10.10 34.29 -14.88
N HIS C 19 -9.97 35.57 -14.56
CA HIS C 19 -8.74 36.09 -13.98
C HIS C 19 -8.88 37.56 -13.55
N VAL C 20 -7.92 38.05 -12.77
CA VAL C 20 -7.89 39.45 -12.38
C VAL C 20 -6.56 40.06 -12.75
N ASN C 21 -6.59 41.24 -13.35
CA ASN C 21 -5.38 41.96 -13.65
C ASN C 21 -5.09 42.96 -12.55
N LEU C 22 -3.90 42.88 -11.98
CA LEU C 22 -3.45 43.88 -11.02
C LEU C 22 -2.58 44.93 -11.71
N ILE C 23 -2.85 46.19 -11.40
CA ILE C 23 -2.21 47.29 -12.07
C ILE C 23 -1.37 48.11 -11.11
N THR C 24 -0.09 48.21 -11.40
CA THR C 24 0.79 49.05 -10.61
C THR C 24 1.62 49.90 -11.54
N PRO C 25 2.03 51.09 -11.09
CA PRO C 25 2.93 51.90 -11.92
C PRO C 25 4.33 51.30 -12.06
N LEU C 26 5.02 51.19 -10.93
CA LEU C 26 6.35 50.59 -10.89
C LEU C 26 7.39 51.31 -11.78
N GLU C 27 7.63 50.80 -12.99
CA GLU C 27 8.56 51.43 -13.93
C GLU C 27 10.06 51.33 -13.57
N LYS C 28 10.39 51.27 -12.28
CA LYS C 28 11.78 51.04 -11.86
C LYS C 28 12.00 49.58 -11.49
N PRO C 29 13.00 48.94 -12.12
CA PRO C 29 13.24 47.51 -11.91
C PRO C 29 13.35 47.12 -10.44
N LEU C 30 12.88 45.93 -10.09
CA LEU C 30 12.83 45.51 -8.70
C LEU C 30 14.12 44.86 -8.21
N GLN C 31 14.61 45.34 -7.08
CA GLN C 31 15.85 44.87 -6.52
C GLN C 31 15.58 44.00 -5.30
N ASN C 32 14.79 44.54 -4.38
CA ASN C 32 14.30 43.77 -3.24
C ASN C 32 12.78 43.83 -3.32
N PHE C 33 12.10 42.90 -2.67
CA PHE C 33 10.64 42.96 -2.61
C PHE C 33 10.03 41.93 -1.65
N THR C 34 8.88 42.27 -1.07
CA THR C 34 8.10 41.34 -0.25
C THR C 34 6.67 41.34 -0.74
N LEU C 35 6.11 40.15 -0.85
CA LEU C 35 4.76 39.96 -1.34
C LEU C 35 4.01 39.14 -0.29
N CYS C 36 2.74 39.44 -0.05
CA CYS C 36 1.96 38.56 0.80
C CYS C 36 0.46 38.71 0.62
N PHE C 37 -0.27 37.66 1.00
CA PHE C 37 -1.69 37.57 0.75
C PHE C 37 -2.28 36.33 1.46
N ARG C 38 -3.61 36.23 1.50
CA ARG C 38 -4.26 35.04 2.00
C ARG C 38 -4.92 34.31 0.87
N ALA C 39 -4.92 32.99 0.95
CA ALA C 39 -5.55 32.17 -0.07
C ALA C 39 -6.25 30.99 0.57
N TYR C 40 -7.33 30.53 -0.05
CA TYR C 40 -8.10 29.41 0.46
C TYR C 40 -8.57 28.62 -0.73
N SER C 41 -8.03 27.42 -0.91
CA SER C 41 -8.40 26.60 -2.06
C SER C 41 -8.32 25.14 -1.72
N ASP C 42 -9.22 24.33 -2.28
CA ASP C 42 -9.19 22.88 -2.06
C ASP C 42 -8.74 22.09 -3.29
N LEU C 43 -7.89 22.71 -4.09
CA LEU C 43 -7.31 22.06 -5.25
C LEU C 43 -6.16 21.19 -4.78
N SER C 44 -6.06 19.99 -5.34
CA SER C 44 -4.98 19.11 -4.95
C SER C 44 -3.85 19.23 -5.95
N ARG C 45 -4.20 19.62 -7.17
CA ARG C 45 -3.18 19.80 -8.21
C ARG C 45 -2.39 21.07 -8.02
N ALA C 46 -1.52 21.35 -8.99
CA ALA C 46 -0.68 22.53 -8.94
C ALA C 46 -1.48 23.75 -9.38
N TYR C 47 -1.16 24.91 -8.83
CA TYR C 47 -1.79 26.14 -9.32
C TYR C 47 -0.92 27.37 -9.11
N SER C 48 -1.11 28.38 -9.94
CA SER C 48 -0.45 29.65 -9.78
C SER C 48 -1.22 30.49 -8.79
N LEU C 49 -0.53 31.04 -7.80
CA LEU C 49 -1.15 32.02 -6.93
C LEU C 49 -1.01 33.41 -7.53
N PHE C 50 0.24 33.82 -7.73
CA PHE C 50 0.59 35.18 -8.19
C PHE C 50 1.50 35.13 -9.43
N SER C 51 1.00 35.57 -10.58
CA SER C 51 1.79 35.57 -11.82
C SER C 51 2.16 36.96 -12.30
N TYR C 52 3.46 37.20 -12.41
CA TYR C 52 4.03 38.51 -12.75
C TYR C 52 4.97 38.33 -13.94
N ASN C 53 4.56 38.80 -15.11
CA ASN C 53 5.37 38.70 -16.32
C ASN C 53 5.71 40.06 -16.87
N THR C 54 6.76 40.15 -17.67
CA THR C 54 7.09 41.40 -18.34
C THR C 54 7.28 41.13 -19.81
N GLN C 55 7.36 42.20 -20.59
CA GLN C 55 7.53 42.06 -22.03
C GLN C 55 8.72 41.17 -22.32
N GLY C 56 8.46 40.06 -22.99
CA GLY C 56 9.52 39.17 -23.44
C GLY C 56 10.05 38.21 -22.39
N ARG C 57 9.48 38.22 -21.18
CA ARG C 57 9.97 37.35 -20.14
C ARG C 57 8.85 36.65 -19.39
N ASP C 58 8.77 35.33 -19.58
CA ASP C 58 7.80 34.51 -18.87
C ASP C 58 8.34 34.27 -17.45
N ASN C 59 7.42 34.03 -16.53
CA ASN C 59 7.74 33.68 -15.16
C ASN C 59 8.84 34.57 -14.60
N GLU C 60 8.67 35.88 -14.71
CA GLU C 60 9.64 36.81 -14.18
C GLU C 60 9.56 36.80 -12.67
N LEU C 61 8.35 36.77 -12.16
CA LEU C 61 8.13 36.63 -10.74
C LEU C 61 6.85 35.84 -10.58
N LEU C 62 6.95 34.64 -10.04
CA LEU C 62 5.80 33.75 -9.96
C LEU C 62 5.78 32.96 -8.67
N VAL C 63 4.67 33.05 -7.95
CA VAL C 63 4.48 32.25 -6.75
C VAL C 63 3.54 31.15 -7.14
N TYR C 64 3.96 29.91 -6.92
CA TYR C 64 3.32 28.76 -7.53
C TYR C 64 3.32 27.55 -6.61
N LYS C 65 2.14 27.01 -6.37
CA LYS C 65 1.98 25.90 -5.45
C LYS C 65 2.08 24.57 -6.19
N GLU C 66 3.12 23.80 -5.89
CA GLU C 66 3.41 22.57 -6.61
C GLU C 66 2.42 21.47 -6.26
N ARG C 67 2.09 21.39 -4.98
CA ARG C 67 1.30 20.31 -4.41
C ARG C 67 1.13 20.65 -2.95
N VAL C 68 0.37 19.85 -2.21
CA VAL C 68 0.15 20.20 -0.81
C VAL C 68 1.45 20.22 -0.06
N GLY C 69 1.75 21.35 0.54
CA GLY C 69 2.93 21.48 1.38
C GLY C 69 4.20 21.96 0.68
N GLU C 70 4.12 22.28 -0.61
CA GLU C 70 5.29 22.79 -1.33
C GLU C 70 4.96 24.09 -2.03
N TYR C 71 5.72 25.13 -1.69
CA TYR C 71 5.62 26.42 -2.35
C TYR C 71 6.86 26.72 -3.19
N SER C 72 6.66 27.12 -4.44
CA SER C 72 7.75 27.49 -5.32
C SER C 72 7.77 28.99 -5.61
N LEU C 73 8.96 29.55 -5.72
CA LEU C 73 9.11 30.92 -6.19
C LEU C 73 9.98 30.92 -7.45
N TYR C 74 9.46 31.55 -8.50
CA TYR C 74 10.22 31.76 -9.71
C TYR C 74 10.71 33.21 -9.74
N ILE C 75 11.97 33.40 -10.12
CA ILE C 75 12.53 34.71 -10.33
C ILE C 75 13.32 34.63 -11.62
N GLY C 76 12.81 35.28 -12.68
CA GLY C 76 13.46 35.23 -13.98
C GLY C 76 13.65 33.80 -14.45
N ARG C 77 12.56 33.05 -14.45
CA ARG C 77 12.56 31.67 -14.96
C ARG C 77 13.29 30.68 -14.08
N HIS C 78 14.14 31.14 -13.17
CA HIS C 78 14.76 30.24 -12.21
C HIS C 78 13.79 29.96 -11.08
N LYS C 79 13.89 28.76 -10.55
CA LYS C 79 12.91 28.30 -9.59
C LYS C 79 13.53 27.85 -8.26
N VAL C 80 12.74 27.95 -7.20
CA VAL C 80 13.20 27.60 -5.87
C VAL C 80 11.98 27.10 -5.12
N THR C 81 12.11 26.02 -4.37
CA THR C 81 10.94 25.41 -3.72
C THR C 81 11.20 25.12 -2.26
N SER C 82 10.23 25.41 -1.39
CA SER C 82 10.38 25.09 0.02
C SER C 82 9.16 24.39 0.59
N LYS C 83 9.39 23.49 1.55
CA LYS C 83 8.33 22.67 2.09
C LYS C 83 7.88 23.14 3.45
N VAL C 84 6.64 22.80 3.79
CA VAL C 84 6.09 23.12 5.11
C VAL C 84 5.01 22.12 5.46
N ILE C 85 4.78 21.93 6.76
CA ILE C 85 3.70 21.07 7.21
C ILE C 85 2.39 21.85 7.22
N GLU C 86 1.42 21.47 6.40
CA GLU C 86 0.13 22.12 6.51
C GLU C 86 -1.03 21.15 6.42
N LYS C 87 -2.15 21.57 6.98
CA LYS C 87 -3.38 20.80 6.88
C LYS C 87 -3.99 21.04 5.51
N PHE C 88 -4.95 20.21 5.11
CA PHE C 88 -5.60 20.40 3.83
C PHE C 88 -6.99 19.80 3.78
N PRO C 89 -7.94 20.56 3.23
CA PRO C 89 -7.73 21.92 2.75
C PRO C 89 -7.76 22.88 3.93
N ALA C 90 -7.04 23.99 3.81
CA ALA C 90 -7.02 24.97 4.89
C ALA C 90 -6.66 26.34 4.33
N PRO C 91 -7.15 27.40 4.99
CA PRO C 91 -6.73 28.76 4.65
C PRO C 91 -5.28 28.94 5.03
N VAL C 92 -4.56 29.72 4.24
CA VAL C 92 -3.16 29.95 4.49
C VAL C 92 -2.87 31.43 4.33
N HIS C 93 -1.92 31.95 5.11
CA HIS C 93 -1.38 33.26 4.83
C HIS C 93 0.04 33.09 4.33
N ILE C 94 0.24 33.36 3.05
CA ILE C 94 1.54 33.22 2.42
C ILE C 94 2.25 34.54 2.38
N CYS C 95 3.57 34.50 2.50
CA CYS C 95 4.34 35.71 2.43
C CYS C 95 5.73 35.33 1.97
N VAL C 96 6.23 36.06 0.96
CA VAL C 96 7.50 35.70 0.37
C VAL C 96 8.32 36.98 0.09
N SER C 97 9.62 36.93 0.41
CA SER C 97 10.49 38.07 0.09
C SER C 97 11.69 37.59 -0.70
N TRP C 98 12.34 38.51 -1.40
CA TRP C 98 13.52 38.16 -2.15
C TRP C 98 14.44 39.36 -2.25
N GLU C 99 15.74 39.10 -2.15
CA GLU C 99 16.72 40.15 -2.07
C GLU C 99 17.76 39.90 -3.14
N SER C 100 17.94 40.85 -4.06
CA SER C 100 18.86 40.64 -5.16
C SER C 100 20.30 40.46 -4.69
N SER C 101 20.75 41.34 -3.82
CA SER C 101 22.13 41.32 -3.34
C SER C 101 22.57 39.94 -2.85
N SER C 102 21.72 39.25 -2.09
CA SER C 102 22.07 37.93 -1.56
C SER C 102 21.46 36.79 -2.39
N GLY C 103 20.40 37.10 -3.14
CA GLY C 103 19.70 36.10 -3.89
C GLY C 103 18.73 35.30 -3.02
N ILE C 104 18.70 35.60 -1.72
CA ILE C 104 17.88 34.81 -0.79
C ILE C 104 16.38 35.11 -0.87
N ALA C 105 15.58 34.04 -0.96
CA ALA C 105 14.13 34.14 -0.92
C ALA C 105 13.61 33.44 0.32
N GLU C 106 12.93 34.15 1.22
CA GLU C 106 12.34 33.48 2.37
C GLU C 106 10.83 33.42 2.20
N PHE C 107 10.30 32.24 2.46
CA PHE C 107 8.87 32.03 2.53
C PHE C 107 8.39 32.04 3.99
N TRP C 108 7.18 32.54 4.21
CA TRP C 108 6.61 32.60 5.54
C TRP C 108 5.15 32.17 5.51
N ILE C 109 4.90 30.93 5.89
CA ILE C 109 3.56 30.36 5.85
C ILE C 109 2.87 30.43 7.18
N ASN C 110 1.83 31.26 7.26
CA ASN C 110 1.09 31.43 8.50
C ASN C 110 2.01 31.88 9.60
N GLY C 111 2.91 32.81 9.27
CA GLY C 111 3.78 33.39 10.29
C GLY C 111 4.98 32.54 10.67
N THR C 112 5.11 31.37 10.04
CA THR C 112 6.24 30.48 10.28
C THR C 112 7.19 30.58 9.11
N PRO C 113 8.48 30.75 9.39
CA PRO C 113 9.47 30.80 8.30
C PRO C 113 9.87 29.42 7.76
N LEU C 114 9.85 29.28 6.44
CA LEU C 114 10.34 28.06 5.84
C LEU C 114 11.85 28.16 5.72
N VAL C 115 12.48 27.12 5.18
CA VAL C 115 13.91 27.18 4.97
C VAL C 115 14.23 28.20 3.87
N LYS C 116 15.23 29.04 4.10
CA LYS C 116 15.62 30.04 3.10
C LYS C 116 16.28 29.30 1.95
N LYS C 117 16.04 29.76 0.74
CA LYS C 117 16.73 29.24 -0.44
C LYS C 117 17.22 30.43 -1.27
N GLY C 118 18.11 30.18 -2.23
CA GLY C 118 18.69 31.27 -2.99
C GLY C 118 18.62 31.05 -4.49
N LEU C 119 18.57 32.16 -5.23
CA LEU C 119 18.55 32.10 -6.69
C LEU C 119 18.75 33.50 -7.28
N ARG C 120 19.31 33.55 -8.48
CA ARG C 120 19.38 34.80 -9.21
C ARG C 120 20.08 35.91 -8.45
N GLN C 121 21.10 35.58 -7.66
CA GLN C 121 21.88 36.61 -7.01
C GLN C 121 22.36 37.62 -8.05
N GLY C 122 22.06 38.89 -7.82
CA GLY C 122 22.53 39.95 -8.70
C GLY C 122 21.54 40.37 -9.77
N TYR C 123 20.49 39.58 -9.91
CA TYR C 123 19.50 39.81 -10.94
C TYR C 123 18.62 41.01 -10.60
N PHE C 124 18.07 41.67 -11.61
CA PHE C 124 17.09 42.72 -11.39
C PHE C 124 15.79 42.31 -12.04
N VAL C 125 14.76 42.14 -11.23
CA VAL C 125 13.43 41.83 -11.74
C VAL C 125 12.90 42.95 -12.63
N GLU C 126 12.43 42.61 -13.83
CA GLU C 126 12.05 43.62 -14.80
C GLU C 126 10.81 44.41 -14.42
N ALA C 127 10.68 45.61 -14.98
CA ALA C 127 9.60 46.54 -14.61
C ALA C 127 8.45 46.52 -15.61
N GLN C 128 7.48 47.43 -15.41
CA GLN C 128 6.29 47.53 -16.27
C GLN C 128 5.68 46.16 -16.55
N PRO C 129 5.22 45.49 -15.48
CA PRO C 129 4.71 44.13 -15.56
C PRO C 129 3.21 44.09 -15.87
N LYS C 130 2.76 42.92 -16.30
CA LYS C 130 1.37 42.53 -16.27
C LYS C 130 1.28 41.54 -15.10
N ILE C 131 0.38 41.82 -14.15
CA ILE C 131 0.25 40.96 -12.98
C ILE C 131 -1.12 40.32 -12.95
N VAL C 132 -1.17 39.02 -12.70
CA VAL C 132 -2.42 38.30 -12.84
C VAL C 132 -2.70 37.32 -11.71
N LEU C 133 -3.89 37.45 -11.14
CA LEU C 133 -4.39 36.48 -10.16
C LEU C 133 -5.35 35.50 -10.84
N GLY C 134 -5.23 34.22 -10.51
CA GLY C 134 -6.24 33.27 -10.95
C GLY C 134 -5.86 32.48 -12.19
N GLN C 135 -4.74 32.86 -12.81
CA GLN C 135 -4.22 32.17 -13.99
C GLN C 135 -2.72 32.29 -14.00
N GLU C 136 -2.07 31.44 -14.79
CA GLU C 136 -0.62 31.54 -14.94
C GLU C 136 -0.31 31.97 -16.35
N GLN C 137 0.41 33.08 -16.47
CA GLN C 137 0.76 33.63 -17.78
C GLN C 137 1.95 32.91 -18.40
N ASP C 138 1.83 32.67 -19.70
CA ASP C 138 2.93 32.13 -20.47
C ASP C 138 3.24 33.13 -21.60
N SER C 139 2.61 34.31 -21.52
CA SER C 139 2.92 35.42 -22.40
C SER C 139 2.90 36.74 -21.61
N TYR C 140 2.95 37.88 -22.30
N TYR C 140 2.68 37.81 -22.35
CA TYR C 140 2.86 39.18 -21.60
CA TYR C 140 2.79 39.16 -21.86
C TYR C 140 1.38 39.56 -21.40
C TYR C 140 1.40 39.63 -21.36
N GLY C 141 0.72 38.82 -20.53
CA GLY C 141 -0.64 39.14 -20.10
C GLY C 141 -1.67 38.07 -20.45
N GLY C 142 -1.22 36.97 -21.05
CA GLY C 142 -2.14 35.93 -21.44
C GLY C 142 -1.52 34.56 -21.72
N LYS C 143 -2.09 33.88 -22.72
CA LYS C 143 -1.75 32.49 -23.01
C LYS C 143 -1.74 31.71 -21.72
N PHE C 144 -2.94 31.56 -21.14
CA PHE C 144 -3.12 30.87 -19.87
C PHE C 144 -3.17 29.37 -20.04
N ASP C 145 -3.20 28.66 -18.92
CA ASP C 145 -3.31 27.21 -18.92
C ASP C 145 -4.36 26.84 -17.88
N ARG C 146 -5.34 26.05 -18.29
CA ARG C 146 -6.44 25.72 -17.43
C ARG C 146 -5.98 24.90 -16.23
N SER C 147 -5.02 24.01 -16.46
CA SER C 147 -4.60 23.09 -15.43
C SER C 147 -3.63 23.73 -14.45
N GLN C 148 -3.41 25.04 -14.60
CA GLN C 148 -2.62 25.79 -13.63
C GLN C 148 -3.45 26.88 -13.00
N SER C 149 -4.70 26.98 -13.41
CA SER C 149 -5.58 28.03 -12.92
C SER C 149 -5.83 27.87 -11.43
N PHE C 150 -6.11 28.99 -10.78
CA PHE C 150 -6.43 28.97 -9.36
C PHE C 150 -7.94 29.03 -9.16
N VAL C 151 -8.42 28.16 -8.30
CA VAL C 151 -9.84 28.10 -7.93
C VAL C 151 -10.01 28.19 -6.41
N GLY C 152 -10.57 29.30 -5.95
CA GLY C 152 -10.74 29.52 -4.53
C GLY C 152 -10.84 30.98 -4.24
N GLU C 153 -10.31 31.41 -3.10
CA GLU C 153 -10.45 32.78 -2.67
C GLU C 153 -9.08 33.38 -2.36
N ILE C 154 -8.89 34.65 -2.71
CA ILE C 154 -7.65 35.37 -2.40
C ILE C 154 -7.98 36.75 -1.87
N GLY C 155 -7.22 37.21 -0.89
CA GLY C 155 -7.44 38.53 -0.31
C GLY C 155 -6.27 39.03 0.52
N ASP C 156 -6.42 40.22 1.09
CA ASP C 156 -5.37 40.81 1.92
C ASP C 156 -4.00 40.75 1.24
N LEU C 157 -3.96 41.17 -0.03
CA LEU C 157 -2.74 41.17 -0.82
C LEU C 157 -1.97 42.50 -0.73
N TYR C 158 -0.69 42.41 -0.43
CA TYR C 158 0.16 43.59 -0.30
C TYR C 158 1.53 43.30 -0.92
N MET C 159 2.15 44.31 -1.53
CA MET C 159 3.49 44.12 -2.06
C MET C 159 4.37 45.35 -1.84
N TRP C 160 5.52 45.13 -1.21
CA TRP C 160 6.48 46.21 -0.92
C TRP C 160 7.76 46.07 -1.75
N ASP C 161 8.42 47.18 -2.02
CA ASP C 161 9.66 47.18 -2.81
C ASP C 161 10.89 47.01 -1.92
N SER C 162 10.66 46.55 -0.70
CA SER C 162 11.74 46.26 0.23
C SER C 162 11.52 44.89 0.86
N VAL C 163 12.46 44.46 1.70
CA VAL C 163 12.30 43.18 2.40
C VAL C 163 11.85 43.41 3.84
N LEU C 164 10.66 42.93 4.16
CA LEU C 164 10.13 43.14 5.49
C LEU C 164 10.89 42.33 6.53
N PRO C 165 11.20 42.96 7.67
CA PRO C 165 11.71 42.26 8.85
C PRO C 165 10.66 41.29 9.36
N PRO C 166 11.04 40.36 10.25
CA PRO C 166 10.06 39.42 10.80
C PRO C 166 8.92 40.13 11.54
N GLU C 167 9.23 41.23 12.23
CA GLU C 167 8.27 41.92 13.06
C GLU C 167 7.11 42.41 12.22
N ASN C 168 7.42 42.80 10.98
CA ASN C 168 6.44 43.35 10.03
C ASN C 168 5.66 42.29 9.29
N ILE C 169 6.26 41.12 9.14
CA ILE C 169 5.58 40.00 8.51
C ILE C 169 4.51 39.49 9.46
N LEU C 170 4.85 39.38 10.73
CA LEU C 170 3.85 39.06 11.76
C LEU C 170 2.69 40.04 11.76
N SER C 171 3.00 41.33 11.66
CA SER C 171 1.96 42.35 11.64
C SER C 171 0.97 42.08 10.51
N ALA C 172 1.48 41.71 9.33
CA ALA C 172 0.63 41.45 8.17
C ALA C 172 -0.22 40.19 8.36
N TYR C 173 0.40 39.18 8.92
CA TYR C 173 -0.30 37.94 9.23
C TYR C 173 -1.44 38.20 10.21
N GLN C 174 -1.22 39.10 11.16
CA GLN C 174 -2.22 39.37 12.19
C GLN C 174 -3.22 40.43 11.77
N GLY C 175 -3.14 40.87 10.51
CA GLY C 175 -4.14 41.76 9.95
C GLY C 175 -3.91 43.25 10.15
N THR C 176 -2.70 43.63 10.58
CA THR C 176 -2.37 45.04 10.77
C THR C 176 -1.09 45.40 10.01
N PRO C 177 -1.08 45.18 8.68
CA PRO C 177 0.12 45.34 7.86
C PRO C 177 0.53 46.80 7.69
N LEU C 178 1.82 47.00 7.47
CA LEU C 178 2.33 48.31 7.10
C LEU C 178 1.80 48.66 5.73
N PRO C 179 1.69 49.96 5.44
CA PRO C 179 1.23 50.37 4.10
C PRO C 179 2.25 50.01 3.00
N ALA C 180 1.75 49.46 1.89
CA ALA C 180 2.60 48.94 0.83
C ALA C 180 2.66 49.85 -0.40
N ASN C 181 3.80 49.88 -1.08
CA ASN C 181 4.04 50.87 -2.13
C ASN C 181 4.02 50.30 -3.53
N ILE C 182 3.79 49.00 -3.67
CA ILE C 182 3.67 48.41 -5.00
C ILE C 182 2.25 47.94 -5.24
N LEU C 183 1.71 47.19 -4.30
CA LEU C 183 0.32 46.78 -4.35
C LEU C 183 -0.28 46.89 -2.96
N ASP C 184 -1.32 47.69 -2.82
CA ASP C 184 -1.99 47.81 -1.52
C ASP C 184 -3.45 47.41 -1.66
N TRP C 185 -3.87 46.49 -0.80
CA TRP C 185 -5.22 45.94 -0.82
C TRP C 185 -6.27 47.01 -0.53
N GLN C 186 -5.86 48.08 0.11
CA GLN C 186 -6.82 49.10 0.51
C GLN C 186 -6.88 50.24 -0.50
N ALA C 187 -6.00 50.20 -1.48
CA ALA C 187 -6.08 51.09 -2.64
C ALA C 187 -5.55 50.30 -3.82
N LEU C 188 -6.41 49.46 -4.38
CA LEU C 188 -6.00 48.52 -5.39
C LEU C 188 -6.54 48.90 -6.77
N ASN C 189 -5.69 48.84 -7.79
CA ASN C 189 -6.16 49.05 -9.15
C ASN C 189 -6.21 47.73 -9.86
N TYR C 190 -7.43 47.29 -10.17
CA TYR C 190 -7.61 45.96 -10.72
C TYR C 190 -8.69 45.92 -11.80
N GLU C 191 -8.52 45.03 -12.77
CA GLU C 191 -9.57 44.71 -13.74
C GLU C 191 -10.01 43.28 -13.48
N ILE C 192 -11.30 43.04 -13.53
CA ILE C 192 -11.82 41.69 -13.47
C ILE C 192 -12.19 41.22 -14.88
N ARG C 193 -11.64 40.08 -15.28
CA ARG C 193 -11.96 39.50 -16.56
C ARG C 193 -12.54 38.12 -16.31
N GLY C 194 -13.72 37.87 -16.86
CA GLY C 194 -14.36 36.58 -16.71
C GLY C 194 -15.20 36.46 -15.45
N TYR C 195 -15.28 35.24 -14.94
CA TYR C 195 -16.09 34.92 -13.77
C TYR C 195 -15.26 35.05 -12.50
N VAL C 196 -15.24 36.26 -11.93
CA VAL C 196 -14.65 36.48 -10.63
C VAL C 196 -15.59 37.34 -9.81
N ILE C 197 -15.88 36.90 -8.60
CA ILE C 197 -16.82 37.60 -7.74
C ILE C 197 -16.09 38.14 -6.53
N ILE C 198 -16.49 39.33 -6.08
CA ILE C 198 -15.97 39.87 -4.84
C ILE C 198 -16.99 39.63 -3.74
N LYS C 199 -16.53 39.01 -2.65
CA LYS C 199 -17.39 38.69 -1.52
C LYS C 199 -16.66 39.04 -0.25
N PRO C 200 -17.39 39.13 0.86
CA PRO C 200 -16.72 39.33 2.14
C PRO C 200 -15.86 38.14 2.58
N LEU C 201 -14.79 38.46 3.30
CA LEU C 201 -13.86 37.45 3.78
C LEU C 201 -14.41 36.89 5.07
N VAL C 202 -14.79 35.63 5.05
CA VAL C 202 -15.45 35.01 6.21
C VAL C 202 -14.60 33.93 6.90
N TRP C 203 -13.39 33.71 6.43
CA TRP C 203 -12.56 32.60 6.90
C TRP C 203 -11.29 33.01 7.64
N VAL C 204 -11.19 34.28 7.98
CA VAL C 204 -10.26 34.68 9.00
C VAL C 204 -11.07 35.52 9.98
N HIS D 1 21.56 15.78 -47.48
CA HIS D 1 20.87 14.48 -47.74
C HIS D 1 21.81 13.37 -47.35
N THR D 2 21.63 12.88 -46.13
CA THR D 2 22.51 11.90 -45.54
C THR D 2 21.72 10.62 -45.28
N ASP D 3 22.30 9.48 -45.65
CA ASP D 3 21.64 8.18 -45.44
C ASP D 3 21.97 7.59 -44.07
N LEU D 4 20.98 7.56 -43.18
CA LEU D 4 21.22 7.09 -41.83
C LEU D 4 20.75 5.67 -41.63
N SER D 5 20.61 4.92 -42.72
CA SER D 5 20.15 3.54 -42.62
C SER D 5 20.95 2.80 -41.56
N GLY D 6 20.26 2.19 -40.61
CA GLY D 6 20.92 1.37 -39.62
C GLY D 6 21.73 2.15 -38.60
N LYS D 7 21.48 3.46 -38.54
CA LYS D 7 22.09 4.29 -37.50
C LYS D 7 21.00 4.95 -36.65
N VAL D 8 21.38 5.48 -35.50
CA VAL D 8 20.46 6.22 -34.64
C VAL D 8 21.10 7.47 -34.10
N PHE D 9 20.29 8.42 -33.65
CA PHE D 9 20.80 9.53 -32.87
C PHE D 9 20.82 9.07 -31.43
N VAL D 10 21.88 9.42 -30.71
CA VAL D 10 21.98 9.10 -29.29
C VAL D 10 22.06 10.38 -28.47
N PHE D 11 21.02 10.66 -27.70
CA PHE D 11 21.04 11.77 -26.77
C PHE D 11 21.43 11.17 -25.43
N PRO D 12 22.72 11.27 -25.09
CA PRO D 12 23.28 10.40 -24.06
C PRO D 12 23.24 10.95 -22.64
N ARG D 13 22.65 12.13 -22.46
CA ARG D 13 22.53 12.68 -21.13
C ARG D 13 21.40 13.69 -21.08
N GLU D 14 20.87 13.90 -19.88
CA GLU D 14 19.84 14.91 -19.66
C GLU D 14 20.48 16.27 -19.74
N SER D 15 19.80 17.19 -20.42
CA SER D 15 20.36 18.50 -20.70
C SER D 15 19.29 19.43 -21.20
N VAL D 16 19.66 20.69 -21.38
CA VAL D 16 18.74 21.67 -21.93
C VAL D 16 19.33 22.25 -23.22
N THR D 17 20.37 21.60 -23.72
CA THR D 17 21.16 22.15 -24.79
C THR D 17 21.29 21.18 -25.95
N ASP D 18 21.49 19.89 -25.66
CA ASP D 18 21.63 18.89 -26.72
C ASP D 18 20.32 18.75 -27.48
N HIS D 19 20.40 18.73 -28.81
CA HIS D 19 19.23 18.53 -29.66
C HIS D 19 19.60 18.38 -31.12
N VAL D 20 18.66 17.94 -31.93
CA VAL D 20 18.85 17.85 -33.38
C VAL D 20 17.77 18.64 -34.13
N ASN D 21 18.19 19.46 -35.09
CA ASN D 21 17.24 20.16 -35.93
C ASN D 21 17.01 19.36 -37.18
N LEU D 22 15.74 19.06 -37.47
CA LEU D 22 15.38 18.44 -38.73
C LEU D 22 14.90 19.50 -39.70
N ILE D 23 15.37 19.40 -40.93
CA ILE D 23 15.12 20.41 -41.95
C ILE D 23 14.34 19.84 -43.09
N THR D 24 13.18 20.43 -43.36
CA THR D 24 12.37 20.06 -44.50
C THR D 24 11.95 21.32 -45.23
N PRO D 25 11.74 21.22 -46.55
CA PRO D 25 11.22 22.37 -47.31
C PRO D 25 9.76 22.70 -46.96
N LEU D 26 8.87 21.75 -47.22
CA LEU D 26 7.45 21.87 -46.90
C LEU D 26 6.78 23.11 -47.56
N GLU D 27 6.64 24.21 -46.83
CA GLU D 27 6.05 25.44 -47.36
C GLU D 27 4.54 25.42 -47.62
N LYS D 28 3.97 24.25 -47.93
CA LYS D 28 2.51 24.11 -48.04
C LYS D 28 1.93 23.53 -46.76
N PRO D 29 0.94 24.22 -46.17
CA PRO D 29 0.36 23.79 -44.89
C PRO D 29 -0.11 22.33 -44.91
N LEU D 30 0.01 21.66 -43.77
CA LEU D 30 -0.29 20.24 -43.71
C LEU D 30 -1.76 19.93 -43.43
N GLN D 31 -2.33 19.05 -44.25
CA GLN D 31 -3.75 18.71 -44.17
C GLN D 31 -3.87 17.30 -43.56
N ASN D 32 -3.15 16.36 -44.15
CA ASN D 32 -3.06 15.01 -43.62
C ASN D 32 -1.58 14.75 -43.41
N PHE D 33 -1.22 13.80 -42.56
CA PHE D 33 0.19 13.43 -42.36
C PHE D 33 0.36 12.16 -41.52
N THR D 34 1.43 11.42 -41.80
CA THR D 34 1.81 10.28 -40.96
C THR D 34 3.27 10.43 -40.55
N LEU D 35 3.55 10.18 -39.28
CA LEU D 35 4.89 10.30 -38.75
C LEU D 35 5.24 8.99 -38.09
N CYS D 36 6.47 8.51 -38.24
CA CYS D 36 6.88 7.34 -37.47
C CYS D 36 8.39 7.20 -37.32
N PHE D 37 8.79 6.45 -36.29
CA PHE D 37 10.18 6.37 -35.86
C PHE D 37 10.33 5.33 -34.74
N ARG D 38 11.58 4.99 -34.41
CA ARG D 38 11.86 4.09 -33.30
C ARG D 38 12.53 4.88 -32.21
N ALA D 39 12.21 4.54 -30.97
CA ALA D 39 12.82 5.19 -29.83
C ALA D 39 13.10 4.19 -28.72
N TYR D 40 14.15 4.45 -27.97
CA TYR D 40 14.53 3.58 -26.88
C TYR D 40 15.04 4.46 -25.75
N SER D 41 14.30 4.51 -24.64
CA SER D 41 14.69 5.36 -23.52
C SER D 41 14.21 4.76 -22.21
N ASP D 42 15.00 4.92 -21.15
CA ASP D 42 14.61 4.44 -19.81
C ASP D 42 14.22 5.56 -18.85
N LEU D 43 13.66 6.63 -19.41
CA LEU D 43 13.18 7.73 -18.61
C LEU D 43 11.80 7.36 -18.11
N SER D 44 11.53 7.65 -16.83
CA SER D 44 10.22 7.38 -16.27
C SER D 44 9.33 8.61 -16.34
N ARG D 45 9.96 9.79 -16.33
CA ARG D 45 9.24 11.05 -16.45
C ARG D 45 8.75 11.32 -17.85
N ALA D 46 8.14 12.48 -18.03
CA ALA D 46 7.61 12.85 -19.33
C ALA D 46 8.71 13.33 -20.26
N TYR D 47 8.55 13.15 -21.56
CA TYR D 47 9.52 13.69 -22.50
C TYR D 47 8.93 13.91 -23.87
N SER D 48 9.49 14.86 -24.60
CA SER D 48 9.11 15.10 -25.98
C SER D 48 9.86 14.15 -26.89
N LEU D 49 9.15 13.47 -27.77
CA LEU D 49 9.79 12.70 -28.81
C LEU D 49 10.08 13.57 -30.01
N PHE D 50 9.02 14.14 -30.58
CA PHE D 50 9.07 14.93 -31.81
C PHE D 50 8.41 16.30 -31.60
N SER D 51 9.18 17.37 -31.67
CA SER D 51 8.63 18.73 -31.51
C SER D 51 8.67 19.55 -32.80
N TYR D 52 7.50 20.00 -33.22
CA TYR D 52 7.33 20.72 -34.49
C TYR D 52 6.59 22.03 -34.21
N ASN D 53 7.31 23.15 -34.31
CA ASN D 53 6.73 24.46 -34.06
C ASN D 53 6.81 25.33 -35.31
N THR D 54 5.97 26.34 -35.37
CA THR D 54 6.04 27.31 -36.47
C THR D 54 6.06 28.71 -35.88
N GLN D 55 6.36 29.69 -36.73
CA GLN D 55 6.40 31.07 -36.28
C GLN D 55 5.12 31.43 -35.57
N GLY D 56 5.23 31.84 -34.32
CA GLY D 56 4.08 32.29 -33.56
C GLY D 56 3.19 31.21 -32.96
N ARG D 57 3.53 29.93 -33.17
CA ARG D 57 2.68 28.86 -32.67
C ARG D 57 3.47 27.76 -31.98
N ASP D 58 3.29 27.66 -30.66
CA ASP D 58 3.90 26.61 -29.87
C ASP D 58 3.09 25.33 -30.07
N ASN D 59 3.76 24.21 -29.90
CA ASN D 59 3.12 22.90 -29.97
C ASN D 59 2.17 22.78 -31.14
N GLU D 60 2.66 23.10 -32.34
CA GLU D 60 1.82 23.01 -33.52
C GLU D 60 1.62 21.55 -33.85
N LEU D 61 2.69 20.79 -33.76
CA LEU D 61 2.62 19.35 -33.93
C LEU D 61 3.64 18.75 -32.97
N LEU D 62 3.17 17.99 -31.99
CA LEU D 62 4.07 17.50 -30.95
C LEU D 62 3.67 16.12 -30.51
N VAL D 63 4.62 15.19 -30.58
CA VAL D 63 4.42 13.84 -30.05
C VAL D 63 5.14 13.75 -28.73
N TYR D 64 4.42 13.40 -27.68
CA TYR D 64 4.89 13.62 -26.32
C TYR D 64 4.45 12.52 -25.38
N LYS D 65 5.42 11.88 -24.73
CA LYS D 65 5.15 10.75 -23.87
C LYS D 65 4.90 11.23 -22.45
N GLU D 66 3.68 11.02 -21.97
CA GLU D 66 3.27 11.52 -20.67
C GLU D 66 3.91 10.77 -19.51
N ARG D 67 4.00 9.46 -19.70
CA ARG D 67 4.41 8.53 -18.66
C ARG D 67 4.38 7.15 -19.30
N VAL D 68 4.78 6.11 -18.58
CA VAL D 68 4.83 4.80 -19.21
C VAL D 68 3.46 4.39 -19.65
N GLY D 69 3.30 4.09 -20.93
CA GLY D 69 2.05 3.61 -21.45
C GLY D 69 1.06 4.65 -21.96
N GLU D 70 1.43 5.92 -21.97
CA GLU D 70 0.56 6.97 -22.48
C GLU D 70 1.28 7.83 -23.49
N TYR D 71 0.73 7.89 -24.70
CA TYR D 71 1.25 8.74 -25.74
C TYR D 71 0.27 9.88 -26.04
N SER D 72 0.78 11.10 -26.11
CA SER D 72 -0.03 12.26 -26.45
C SER D 72 0.37 12.85 -27.81
N LEU D 73 -0.64 13.34 -28.52
CA LEU D 73 -0.42 14.10 -29.74
C LEU D 73 -1.00 15.50 -29.58
N TYR D 74 -0.17 16.51 -29.82
CA TYR D 74 -0.66 17.87 -29.88
C TYR D 74 -0.80 18.31 -31.34
N ILE D 75 -1.90 18.97 -31.66
CA ILE D 75 -2.10 19.58 -32.97
C ILE D 75 -2.63 20.99 -32.75
N GLY D 76 -1.81 22.00 -33.02
CA GLY D 76 -2.20 23.37 -32.77
C GLY D 76 -2.62 23.58 -31.34
N ARG D 77 -1.75 23.20 -30.40
CA ARG D 77 -1.98 23.39 -28.96
C ARG D 77 -3.07 22.51 -28.35
N HIS D 78 -3.95 21.93 -29.16
CA HIS D 78 -4.91 20.97 -28.66
C HIS D 78 -4.25 19.61 -28.49
N LYS D 79 -4.69 18.87 -27.47
CA LYS D 79 -4.01 17.66 -27.10
C LYS D 79 -4.95 16.46 -27.10
N VAL D 80 -4.37 15.28 -27.31
CA VAL D 80 -5.13 14.04 -27.37
C VAL D 80 -4.22 12.97 -26.82
N THR D 81 -4.74 12.06 -26.00
CA THR D 81 -3.88 11.05 -25.37
C THR D 81 -4.45 9.65 -25.51
N SER D 82 -3.60 8.67 -25.82
CA SER D 82 -4.07 7.29 -25.89
C SER D 82 -3.17 6.33 -25.16
N LYS D 83 -3.76 5.29 -24.58
CA LYS D 83 -3.03 4.37 -23.72
C LYS D 83 -2.72 3.07 -24.42
N VAL D 84 -1.65 2.41 -23.97
CA VAL D 84 -1.27 1.09 -24.48
C VAL D 84 -0.53 0.30 -23.40
N ILE D 85 -0.61 -1.03 -23.47
CA ILE D 85 0.17 -1.87 -22.58
C ILE D 85 1.57 -2.02 -23.10
N GLU D 86 2.58 -1.54 -22.37
CA GLU D 86 3.95 -1.79 -22.81
C GLU D 86 4.85 -2.15 -21.65
N LYS D 87 5.93 -2.86 -21.98
CA LYS D 87 6.97 -3.19 -21.03
C LYS D 87 7.85 -1.98 -20.82
N PHE D 88 8.64 -1.97 -19.76
CA PHE D 88 9.53 -0.84 -19.52
C PHE D 88 10.73 -1.24 -18.68
N PRO D 89 11.92 -0.78 -19.09
CA PRO D 89 12.11 0.00 -20.32
C PRO D 89 12.14 -0.93 -21.51
N ALA D 90 11.72 -0.43 -22.68
CA ALA D 90 11.75 -1.25 -23.88
C ALA D 90 11.80 -0.38 -25.13
N PRO D 91 12.39 -0.91 -26.20
CA PRO D 91 12.34 -0.24 -27.50
C PRO D 91 10.93 -0.24 -28.02
N VAL D 92 10.55 0.84 -28.69
CA VAL D 92 9.23 0.96 -29.23
C VAL D 92 9.30 1.49 -30.65
N HIS D 93 8.38 1.05 -31.50
CA HIS D 93 8.20 1.70 -32.78
C HIS D 93 6.89 2.47 -32.74
N ILE D 94 6.97 3.78 -32.73
CA ILE D 94 5.80 4.63 -32.68
C ILE D 94 5.44 5.10 -34.07
N CYS D 95 4.14 5.26 -34.30
CA CYS D 95 3.66 5.74 -35.57
C CYS D 95 2.32 6.43 -35.36
N VAL D 96 2.19 7.63 -35.88
CA VAL D 96 1.01 8.44 -35.62
C VAL D 96 0.57 9.15 -36.90
N SER D 97 -0.74 9.15 -37.15
CA SER D 97 -1.28 9.84 -38.32
C SER D 97 -2.41 10.75 -37.89
N TRP D 98 -2.72 11.75 -38.72
CA TRP D 98 -3.78 12.68 -38.40
C TRP D 98 -4.36 13.21 -39.69
N GLU D 99 -5.67 13.37 -39.70
CA GLU D 99 -6.40 13.71 -40.90
C GLU D 99 -7.27 14.91 -40.59
N SER D 100 -7.05 16.02 -41.29
CA SER D 100 -7.78 17.24 -40.98
C SER D 100 -9.28 17.08 -41.17
N SER D 101 -9.67 16.52 -42.31
CA SER D 101 -11.09 16.39 -42.65
C SER D 101 -11.89 15.74 -41.52
N SER D 102 -11.36 14.69 -40.88
CA SER D 102 -12.10 14.01 -39.82
C SER D 102 -11.63 14.43 -38.44
N GLY D 103 -10.42 14.98 -38.38
CA GLY D 103 -9.81 15.31 -37.11
C GLY D 103 -9.23 14.12 -36.37
N ILE D 104 -9.39 12.93 -36.95
CA ILE D 104 -8.93 11.70 -36.29
C ILE D 104 -7.41 11.51 -36.28
N ALA D 105 -6.88 11.16 -35.11
CA ALA D 105 -5.46 10.83 -34.96
C ALA D 105 -5.34 9.40 -34.50
N GLU D 106 -4.68 8.54 -35.28
CA GLU D 106 -4.47 7.17 -34.81
C GLU D 106 -3.02 6.99 -34.45
N PHE D 107 -2.83 6.35 -33.31
CA PHE D 107 -1.52 5.93 -32.86
C PHE D 107 -1.33 4.44 -33.13
N TRP D 108 -0.09 4.06 -33.43
CA TRP D 108 0.24 2.67 -33.73
C TRP D 108 1.56 2.31 -33.05
N ILE D 109 1.46 1.64 -31.90
CA ILE D 109 2.63 1.26 -31.11
C ILE D 109 3.07 -0.18 -31.37
N ASN D 110 4.22 -0.32 -31.99
CA ASN D 110 4.74 -1.63 -32.34
C ASN D 110 3.75 -2.39 -33.20
N GLY D 111 3.18 -1.70 -34.18
CA GLY D 111 2.27 -2.33 -35.13
C GLY D 111 0.87 -2.62 -34.61
N THR D 112 0.60 -2.20 -33.38
CA THR D 112 -0.71 -2.36 -32.78
C THR D 112 -1.41 -1.01 -32.75
N PRO D 113 -2.66 -0.95 -33.22
CA PRO D 113 -3.38 0.32 -33.18
C PRO D 113 -3.97 0.65 -31.81
N LEU D 114 -3.77 1.89 -31.36
CA LEU D 114 -4.40 2.33 -30.13
C LEU D 114 -5.80 2.80 -30.48
N VAL D 115 -6.55 3.23 -29.47
CA VAL D 115 -7.87 3.78 -29.72
C VAL D 115 -7.74 5.11 -30.47
N LYS D 116 -8.56 5.28 -31.50
CA LYS D 116 -8.53 6.52 -32.27
C LYS D 116 -9.10 7.62 -31.40
N LYS D 117 -8.54 8.82 -31.53
CA LYS D 117 -9.13 9.99 -30.89
C LYS D 117 -9.17 11.12 -31.91
N GLY D 118 -9.91 12.18 -31.61
CA GLY D 118 -10.06 13.27 -32.56
C GLY D 118 -9.81 14.65 -31.99
N LEU D 119 -9.37 15.56 -32.83
CA LEU D 119 -9.10 16.92 -32.41
C LEU D 119 -8.87 17.82 -33.62
N ARG D 120 -9.18 19.10 -33.47
CA ARG D 120 -8.84 20.05 -34.50
C ARG D 120 -9.42 19.72 -35.87
N GLN D 121 -10.62 19.14 -35.92
CA GLN D 121 -11.24 18.89 -37.20
C GLN D 121 -11.30 20.18 -38.01
N GLY D 122 -10.78 20.15 -39.23
CA GLY D 122 -10.83 21.30 -40.10
C GLY D 122 -9.60 22.19 -40.07
N TYR D 123 -8.74 21.94 -39.10
CA TYR D 123 -7.53 22.74 -38.90
C TYR D 123 -6.49 22.46 -39.97
N PHE D 124 -5.66 23.44 -40.28
CA PHE D 124 -4.51 23.20 -41.14
C PHE D 124 -3.24 23.44 -40.36
N VAL D 125 -2.41 22.40 -40.22
CA VAL D 125 -1.13 22.53 -39.55
C VAL D 125 -0.20 23.47 -40.30
N GLU D 126 0.37 24.45 -39.62
CA GLU D 126 1.13 25.50 -40.29
C GLU D 126 2.44 25.01 -40.91
N ALA D 127 2.93 25.76 -41.90
CA ALA D 127 4.11 25.35 -42.68
C ALA D 127 5.39 26.04 -42.23
N GLN D 128 6.48 25.82 -42.98
CA GLN D 128 7.79 26.38 -42.65
C GLN D 128 8.11 26.23 -41.17
N PRO D 129 8.20 24.99 -40.70
CA PRO D 129 8.41 24.69 -39.30
C PRO D 129 9.87 24.61 -38.91
N LYS D 130 10.12 24.66 -37.62
CA LYS D 130 11.38 24.25 -37.05
C LYS D 130 11.06 22.93 -36.36
N ILE D 131 11.79 21.88 -36.71
CA ILE D 131 11.51 20.57 -36.13
C ILE D 131 12.69 20.11 -35.27
N VAL D 132 12.40 19.60 -34.07
CA VAL D 132 13.46 19.30 -33.13
C VAL D 132 13.29 17.96 -32.44
N LEU D 133 14.37 17.17 -32.49
CA LEU D 133 14.46 15.95 -31.71
C LEU D 133 15.28 16.19 -30.46
N GLY D 134 14.84 15.64 -29.34
CA GLY D 134 15.67 15.66 -28.14
C GLY D 134 15.37 16.77 -27.16
N GLN D 135 14.46 17.66 -27.56
CA GLN D 135 14.02 18.76 -26.72
C GLN D 135 12.61 19.14 -27.10
N GLU D 136 11.93 19.84 -26.22
CA GLU D 136 10.60 20.34 -26.53
C GLU D 136 10.66 21.86 -26.64
N GLN D 137 10.26 22.37 -27.80
CA GLN D 137 10.27 23.81 -28.06
C GLN D 137 9.09 24.51 -27.42
N ASP D 138 9.37 25.68 -26.86
CA ASP D 138 8.34 26.56 -26.37
C ASP D 138 8.45 27.91 -27.11
N SER D 139 9.31 27.92 -28.13
CA SER D 139 9.44 29.07 -29.02
C SER D 139 9.60 28.60 -30.48
N TYR D 140 10.00 29.50 -31.37
CA TYR D 140 10.28 29.09 -32.74
C TYR D 140 11.71 28.59 -32.89
N GLY D 141 11.98 27.41 -32.34
CA GLY D 141 13.27 26.78 -32.51
C GLY D 141 14.07 26.69 -31.23
N GLY D 142 13.49 27.15 -30.12
CA GLY D 142 14.22 27.15 -28.86
C GLY D 142 13.37 27.26 -27.60
N LYS D 143 13.94 27.92 -26.61
CA LYS D 143 13.36 28.00 -25.27
C LYS D 143 12.95 26.61 -24.82
N PHE D 144 13.96 25.78 -24.60
CA PHE D 144 13.77 24.39 -24.22
C PHE D 144 13.51 24.25 -22.72
N ASP D 145 13.21 23.03 -22.32
CA ASP D 145 12.98 22.72 -20.92
C ASP D 145 13.70 21.42 -20.63
N ARG D 146 14.54 21.44 -19.62
CA ARG D 146 15.36 20.29 -19.32
C ARG D 146 14.53 19.09 -18.92
N SER D 147 13.48 19.33 -18.16
CA SER D 147 12.66 18.26 -17.62
C SER D 147 11.69 17.68 -18.64
N GLN D 148 11.80 18.11 -19.89
CA GLN D 148 11.01 17.51 -20.96
C GLN D 148 11.94 16.94 -22.01
N SER D 149 13.25 17.09 -21.79
CA SER D 149 14.24 16.65 -22.76
C SER D 149 14.19 15.13 -22.94
N PHE D 150 14.55 14.65 -24.12
CA PHE D 150 14.59 13.22 -24.38
C PHE D 150 16.02 12.70 -24.23
N VAL D 151 16.14 11.56 -23.53
CA VAL D 151 17.42 10.91 -23.30
C VAL D 151 17.35 9.46 -23.71
N GLY D 152 18.08 9.12 -24.76
CA GLY D 152 18.02 7.77 -25.30
C GLY D 152 18.38 7.76 -26.78
N GLU D 153 17.77 6.88 -27.53
CA GLU D 153 18.13 6.72 -28.93
C GLU D 153 16.89 6.85 -29.81
N ILE D 154 17.05 7.50 -30.97
CA ILE D 154 15.97 7.62 -31.96
C ILE D 154 16.49 7.31 -33.35
N GLY D 155 15.70 6.61 -34.16
CA GLY D 155 16.10 6.28 -35.52
C GLY D 155 14.94 5.84 -36.39
N ASP D 156 15.24 5.52 -37.64
CA ASP D 156 14.20 5.07 -38.58
C ASP D 156 12.99 6.01 -38.60
N LEU D 157 13.27 7.31 -38.70
CA LEU D 157 12.24 8.35 -38.72
C LEU D 157 11.79 8.69 -40.15
N TYR D 158 10.48 8.68 -40.37
CA TYR D 158 9.90 8.97 -41.67
C TYR D 158 8.63 9.80 -41.51
N MET D 159 8.37 10.74 -42.42
CA MET D 159 7.16 11.52 -42.35
C MET D 159 6.56 11.76 -43.73
N TRP D 160 5.29 11.38 -43.90
CA TRP D 160 4.57 11.53 -45.16
C TRP D 160 3.47 12.57 -45.04
N ASP D 161 3.12 13.21 -46.16
CA ASP D 161 2.07 14.23 -46.16
C ASP D 161 0.68 13.63 -46.43
N SER D 162 0.59 12.31 -46.26
CA SER D 162 -0.68 11.61 -46.39
C SER D 162 -0.88 10.70 -45.20
N VAL D 163 -2.01 10.00 -45.16
CA VAL D 163 -2.28 9.07 -44.08
C VAL D 163 -2.07 7.65 -44.55
N LEU D 164 -1.09 6.97 -43.98
CA LEU D 164 -0.78 5.63 -44.40
C LEU D 164 -1.90 4.65 -44.01
N PRO D 165 -2.24 3.74 -44.94
CA PRO D 165 -3.10 2.58 -44.63
C PRO D 165 -2.39 1.65 -43.66
N PRO D 166 -3.13 0.72 -43.06
CA PRO D 166 -2.50 -0.21 -42.12
C PRO D 166 -1.36 -1.01 -42.77
N GLU D 167 -1.55 -1.38 -44.04
CA GLU D 167 -0.62 -2.26 -44.73
C GLU D 167 0.76 -1.63 -44.78
N ASN D 168 0.76 -0.30 -44.90
CA ASN D 168 1.98 0.49 -45.04
C ASN D 168 2.62 0.81 -43.71
N ILE D 169 1.81 0.84 -42.67
CA ILE D 169 2.33 1.07 -41.34
C ILE D 169 3.08 -0.17 -40.89
N LEU D 170 2.51 -1.34 -41.13
CA LEU D 170 3.20 -2.61 -40.91
C LEU D 170 4.54 -2.68 -41.63
N SER D 171 4.56 -2.22 -42.88
CA SER D 171 5.78 -2.23 -43.67
C SER D 171 6.87 -1.43 -42.97
N ALA D 172 6.51 -0.27 -42.46
CA ALA D 172 7.48 0.60 -41.77
C ALA D 172 7.97 -0.04 -40.47
N TYR D 173 7.04 -0.66 -39.74
CA TYR D 173 7.37 -1.35 -38.51
C TYR D 173 8.35 -2.48 -38.78
N GLN D 174 8.18 -3.16 -39.91
CA GLN D 174 9.02 -4.30 -40.24
C GLN D 174 10.28 -3.92 -40.98
N GLY D 175 10.52 -2.61 -41.12
CA GLY D 175 11.78 -2.12 -41.64
C GLY D 175 11.87 -1.96 -43.14
N THR D 176 10.73 -2.02 -43.83
CA THR D 176 10.69 -1.85 -45.28
C THR D 176 9.68 -0.77 -45.67
N PRO D 177 9.85 0.45 -45.13
CA PRO D 177 8.88 1.53 -45.30
C PRO D 177 8.84 2.09 -46.72
N LEU D 178 7.69 2.64 -47.08
CA LEU D 178 7.56 3.36 -48.33
C LEU D 178 8.38 4.62 -48.25
N PRO D 179 8.83 5.14 -49.40
CA PRO D 179 9.60 6.39 -49.40
C PRO D 179 8.74 7.59 -48.97
N ALA D 180 9.29 8.42 -48.09
CA ALA D 180 8.55 9.53 -47.48
C ALA D 180 8.92 10.88 -48.08
N ASN D 181 7.95 11.79 -48.13
CA ASN D 181 8.13 13.04 -48.85
C ASN D 181 8.28 14.28 -47.96
N ILE D 182 8.24 14.10 -46.65
CA ILE D 182 8.48 15.22 -45.74
C ILE D 182 9.77 15.05 -44.99
N LEU D 183 9.95 13.88 -44.41
CA LEU D 183 11.23 13.53 -43.77
C LEU D 183 11.57 12.08 -44.11
N ASP D 184 12.72 11.86 -44.71
CA ASP D 184 13.13 10.51 -45.02
C ASP D 184 14.47 10.22 -44.36
N TRP D 185 14.51 9.11 -43.62
CA TRP D 185 15.68 8.73 -42.85
C TRP D 185 16.87 8.42 -43.75
N GLN D 186 16.61 8.13 -45.01
CA GLN D 186 17.69 7.74 -45.91
C GLN D 186 18.16 8.91 -46.75
N ALA D 187 17.47 10.04 -46.63
CA ALA D 187 17.96 11.30 -47.16
C ALA D 187 17.50 12.40 -46.21
N LEU D 188 18.24 12.57 -45.13
CA LEU D 188 17.81 13.45 -44.06
C LEU D 188 18.66 14.70 -43.99
N ASN D 189 18.02 15.85 -43.85
CA ASN D 189 18.76 17.08 -43.64
C ASN D 189 18.65 17.49 -42.19
N TYR D 190 19.77 17.44 -41.48
CA TYR D 190 19.76 17.65 -40.04
C TYR D 190 20.97 18.42 -39.56
N GLU D 191 20.78 19.20 -38.49
CA GLU D 191 21.89 19.83 -37.78
C GLU D 191 21.94 19.22 -36.40
N ILE D 192 23.15 18.91 -35.93
CA ILE D 192 23.33 18.47 -34.56
C ILE D 192 23.83 19.63 -33.71
N ARG D 193 23.12 19.92 -32.64
CA ARG D 193 23.54 20.95 -31.72
C ARG D 193 23.74 20.32 -30.35
N GLY D 194 24.93 20.50 -29.79
CA GLY D 194 25.24 19.97 -28.47
C GLY D 194 25.78 18.55 -28.50
N TYR D 195 25.47 17.80 -27.45
CA TYR D 195 25.98 16.44 -27.28
C TYR D 195 25.01 15.44 -27.85
N VAL D 196 25.15 15.15 -29.14
CA VAL D 196 24.37 14.08 -29.76
C VAL D 196 25.32 13.25 -30.61
N ILE D 197 25.30 11.95 -30.42
CA ILE D 197 26.20 11.07 -31.14
C ILE D 197 25.40 10.18 -32.09
N ILE D 198 25.97 9.91 -33.26
CA ILE D 198 25.37 8.94 -34.17
C ILE D 198 26.09 7.62 -34.02
N LYS D 199 25.32 6.57 -33.77
CA LYS D 199 25.86 5.24 -33.61
C LYS D 199 25.01 4.24 -34.40
N PRO D 200 25.54 3.03 -34.61
CA PRO D 200 24.71 2.01 -35.25
C PRO D 200 23.54 1.57 -34.37
N LEU D 201 22.45 1.18 -35.03
CA LEU D 201 21.25 0.72 -34.35
C LEU D 201 21.42 -0.76 -34.02
N VAL D 202 21.53 -1.07 -32.72
CA VAL D 202 21.81 -2.44 -32.30
C VAL D 202 20.64 -3.11 -31.55
N TRP D 203 19.50 -2.42 -31.46
CA TRP D 203 18.38 -2.93 -30.67
C TRP D 203 17.12 -3.25 -31.47
N VAL D 204 17.25 -3.32 -32.78
CA VAL D 204 16.25 -4.01 -33.58
C VAL D 204 17.03 -4.96 -34.47
N HIS E 1 -48.48 21.27 10.40
CA HIS E 1 -47.52 22.13 11.13
C HIS E 1 -47.23 21.46 12.44
N THR E 2 -46.15 20.72 12.45
CA THR E 2 -45.75 19.91 13.59
C THR E 2 -44.42 20.41 14.13
N ASP E 3 -44.35 20.57 15.46
CA ASP E 3 -43.11 21.05 16.09
C ASP E 3 -42.18 19.88 16.43
N LEU E 4 -41.07 19.77 15.70
CA LEU E 4 -40.14 18.67 15.91
C LEU E 4 -38.94 19.06 16.77
N SER E 5 -39.08 20.13 17.55
CA SER E 5 -37.97 20.59 18.36
C SER E 5 -37.42 19.43 19.17
N GLY E 6 -36.12 19.20 19.05
CA GLY E 6 -35.45 18.20 19.85
C GLY E 6 -35.77 16.78 19.42
N LYS E 7 -36.31 16.63 18.23
CA LYS E 7 -36.54 15.30 17.67
C LYS E 7 -35.79 15.18 16.34
N VAL E 8 -35.64 13.96 15.85
CA VAL E 8 -35.01 13.71 14.56
C VAL E 8 -35.79 12.66 13.78
N PHE E 9 -35.60 12.63 12.46
CA PHE E 9 -36.06 11.51 11.67
C PHE E 9 -34.97 10.44 11.73
N VAL E 10 -35.37 9.18 11.85
CA VAL E 10 -34.43 8.08 11.85
C VAL E 10 -34.71 7.15 10.69
N PHE E 11 -33.81 7.13 9.71
CA PHE E 11 -33.88 6.18 8.61
C PHE E 11 -33.00 5.02 9.02
N PRO E 12 -33.61 3.99 9.60
CA PRO E 12 -32.85 2.97 10.35
C PRO E 12 -32.32 1.80 9.53
N ARG E 13 -32.53 1.80 8.21
CA ARG E 13 -31.99 0.71 7.40
C ARG E 13 -31.87 1.14 5.97
N GLU E 14 -30.97 0.50 5.24
CA GLU E 14 -30.81 0.78 3.83
C GLU E 14 -32.00 0.21 3.09
N SER E 15 -32.54 0.99 2.17
CA SER E 15 -33.76 0.60 1.46
C SER E 15 -33.95 1.47 0.24
N VAL E 16 -34.97 1.14 -0.54
CA VAL E 16 -35.29 1.94 -1.71
C VAL E 16 -36.72 2.48 -1.56
N THR E 17 -37.25 2.36 -0.35
CA THR E 17 -38.66 2.63 -0.14
C THR E 17 -38.88 3.63 0.98
N ASP E 18 -38.09 3.55 2.05
CA ASP E 18 -38.22 4.47 3.18
C ASP E 18 -37.82 5.88 2.78
N HIS E 19 -38.62 6.87 3.15
CA HIS E 19 -38.31 8.26 2.87
C HIS E 19 -39.31 9.21 3.52
N VAL E 20 -38.99 10.49 3.50
CA VAL E 20 -39.91 11.49 4.02
C VAL E 20 -40.14 12.57 2.97
N ASN E 21 -41.40 12.95 2.78
CA ASN E 21 -41.73 14.04 1.89
C ASN E 21 -41.89 15.33 2.68
N LEU E 22 -41.15 16.35 2.29
CA LEU E 22 -41.31 17.66 2.87
C LEU E 22 -42.20 18.52 1.98
N ILE E 23 -43.11 19.23 2.61
CA ILE E 23 -44.13 19.97 1.88
C ILE E 23 -44.02 21.45 2.17
N THR E 24 -43.82 22.23 1.13
CA THR E 24 -43.82 23.67 1.26
C THR E 24 -44.70 24.24 0.17
N PRO E 25 -45.29 25.42 0.42
CA PRO E 25 -46.07 26.11 -0.61
C PRO E 25 -45.19 26.66 -1.75
N LEU E 26 -44.29 27.57 -1.40
CA LEU E 26 -43.34 28.14 -2.36
C LEU E 26 -44.02 28.83 -3.57
N GLU E 27 -44.14 28.12 -4.70
CA GLU E 27 -44.80 28.67 -5.90
C GLU E 27 -44.04 29.76 -6.66
N LYS E 28 -43.23 30.57 -5.96
CA LYS E 28 -42.39 31.57 -6.60
C LYS E 28 -40.98 31.05 -6.75
N PRO E 29 -40.42 31.06 -7.98
CA PRO E 29 -39.09 30.50 -8.24
C PRO E 29 -38.01 31.08 -7.31
N LEU E 30 -37.03 30.24 -6.96
CA LEU E 30 -36.02 30.61 -5.98
C LEU E 30 -34.83 31.31 -6.59
N GLN E 31 -34.50 32.46 -6.02
CA GLN E 31 -33.42 33.27 -6.55
C GLN E 31 -32.20 33.17 -5.64
N ASN E 32 -32.43 33.39 -4.35
CA ASN E 32 -31.42 33.14 -3.32
C ASN E 32 -32.02 32.12 -2.35
N PHE E 33 -31.18 31.41 -1.60
CA PHE E 33 -31.69 30.49 -0.57
C PHE E 33 -30.58 29.95 0.34
N THR E 34 -30.92 29.69 1.61
CA THR E 34 -30.04 29.00 2.54
C THR E 34 -30.75 27.80 3.13
N LEU E 35 -30.03 26.68 3.20
CA LEU E 35 -30.60 25.45 3.71
C LEU E 35 -29.68 24.97 4.79
N CYS E 36 -30.20 24.43 5.89
CA CYS E 36 -29.32 23.80 6.87
C CYS E 36 -30.04 22.80 7.78
N PHE E 37 -29.26 21.91 8.38
CA PHE E 37 -29.79 20.76 9.12
C PHE E 37 -28.63 20.00 9.78
N ARG E 38 -28.98 19.06 10.65
CA ARG E 38 -27.99 18.17 11.26
C ARG E 38 -28.20 16.78 10.72
N ALA E 39 -27.09 16.06 10.55
CA ALA E 39 -27.15 14.69 10.10
C ALA E 39 -26.10 13.84 10.83
N TYR E 40 -26.40 12.57 11.01
CA TYR E 40 -25.50 11.67 11.69
C TYR E 40 -25.63 10.32 11.01
N SER E 41 -24.60 9.90 10.29
CA SER E 41 -24.65 8.63 9.58
C SER E 41 -23.29 8.01 9.50
N ASP E 42 -23.22 6.67 9.53
CA ASP E 42 -21.94 5.97 9.42
C ASP E 42 -21.78 5.24 8.08
N LEU E 43 -22.38 5.81 7.05
CA LEU E 43 -22.26 5.27 5.70
C LEU E 43 -20.94 5.76 5.14
N SER E 44 -20.21 4.88 4.45
CA SER E 44 -18.96 5.28 3.85
C SER E 44 -19.17 5.64 2.40
N ARG E 45 -20.20 5.04 1.80
CA ARG E 45 -20.55 5.32 0.41
C ARG E 45 -21.23 6.68 0.26
N ALA E 46 -21.63 6.98 -0.97
CA ALA E 46 -22.28 8.25 -1.28
C ALA E 46 -23.73 8.21 -0.86
N TYR E 47 -24.28 9.35 -0.48
CA TYR E 47 -25.70 9.41 -0.19
C TYR E 47 -26.30 10.79 -0.39
N SER E 48 -27.60 10.83 -0.70
CA SER E 48 -28.31 12.10 -0.79
C SER E 48 -28.76 12.53 0.60
N LEU E 49 -28.49 13.76 0.95
CA LEU E 49 -29.02 14.31 2.19
C LEU E 49 -30.39 14.93 1.94
N PHE E 50 -30.41 15.90 1.02
CA PHE E 50 -31.60 16.69 0.68
C PHE E 50 -31.86 16.67 -0.84
N SER E 51 -32.95 16.03 -1.26
CA SER E 51 -33.30 16.01 -2.69
C SER E 51 -34.53 16.83 -3.03
N TYR E 52 -34.34 17.77 -3.94
CA TYR E 52 -35.37 18.75 -4.34
C TYR E 52 -35.51 18.74 -5.86
N ASN E 53 -36.61 18.18 -6.35
CA ASN E 53 -36.88 18.10 -7.79
C ASN E 53 -38.12 18.86 -8.17
N THR E 54 -38.23 19.24 -9.43
CA THR E 54 -39.45 19.83 -9.91
C THR E 54 -39.94 19.11 -11.16
N GLN E 55 -41.15 19.43 -11.59
CA GLN E 55 -41.71 18.80 -12.75
C GLN E 55 -40.71 18.93 -13.88
N GLY E 56 -40.24 17.79 -14.37
CA GLY E 56 -39.40 17.75 -15.56
C GLY E 56 -37.93 18.03 -15.34
N ARG E 57 -37.53 18.27 -14.10
CA ARG E 57 -36.15 18.60 -13.84
C ARG E 57 -35.59 17.80 -12.68
N ASP E 58 -34.68 16.89 -13.00
CA ASP E 58 -33.98 16.11 -11.98
C ASP E 58 -32.92 16.99 -11.38
N ASN E 59 -32.57 16.66 -10.16
CA ASN E 59 -31.51 17.32 -9.43
C ASN E 59 -31.56 18.84 -9.57
N GLU E 60 -32.71 19.42 -9.28
CA GLU E 60 -32.87 20.86 -9.40
C GLU E 60 -32.11 21.52 -8.28
N LEU E 61 -32.26 20.94 -7.09
CA LEU E 61 -31.52 21.38 -5.92
C LEU E 61 -31.23 20.16 -5.08
N LEU E 62 -29.95 19.79 -4.99
CA LEU E 62 -29.59 18.54 -4.34
C LEU E 62 -28.32 18.69 -3.54
N VAL E 63 -28.40 18.36 -2.25
CA VAL E 63 -27.22 18.30 -1.40
C VAL E 63 -26.85 16.84 -1.23
N TYR E 64 -25.61 16.52 -1.57
CA TYR E 64 -25.22 15.13 -1.79
C TYR E 64 -23.80 14.90 -1.34
N LYS E 65 -23.61 13.91 -0.48
CA LYS E 65 -22.31 13.59 0.10
C LYS E 65 -21.59 12.55 -0.75
N GLU E 66 -20.49 12.95 -1.36
CA GLU E 66 -19.78 12.08 -2.30
C GLU E 66 -19.07 10.95 -1.59
N ARG E 67 -18.48 11.27 -0.45
CA ARG E 67 -17.59 10.39 0.29
C ARG E 67 -17.18 11.18 1.54
N VAL E 68 -16.43 10.56 2.43
CA VAL E 68 -16.06 11.27 3.65
C VAL E 68 -15.26 12.51 3.33
N GLY E 69 -15.79 13.65 3.77
CA GLY E 69 -15.08 14.91 3.62
C GLY E 69 -15.35 15.69 2.35
N GLU E 70 -16.30 15.24 1.53
CA GLU E 70 -16.69 15.95 0.31
C GLU E 70 -18.18 16.17 0.23
N TYR E 71 -18.59 17.43 0.17
CA TYR E 71 -20.00 17.77 -0.01
C TYR E 71 -20.24 18.37 -1.39
N SER E 72 -21.25 17.88 -2.09
CA SER E 72 -21.62 18.43 -3.39
C SER E 72 -22.96 19.15 -3.33
N LEU E 73 -23.08 20.22 -4.11
CA LEU E 73 -24.35 20.89 -4.31
C LEU E 73 -24.72 20.86 -5.78
N TYR E 74 -25.92 20.37 -6.08
CA TYR E 74 -26.43 20.45 -7.44
C TYR E 74 -27.44 21.59 -7.53
N ILE E 75 -27.35 22.37 -8.60
CA ILE E 75 -28.33 23.40 -8.90
C ILE E 75 -28.68 23.27 -10.37
N GLY E 76 -29.87 22.76 -10.67
CA GLY E 76 -30.27 22.58 -12.06
C GLY E 76 -29.32 21.68 -12.81
N ARG E 77 -29.05 20.50 -12.23
CA ARG E 77 -28.21 19.48 -12.82
C ARG E 77 -26.73 19.81 -12.85
N HIS E 78 -26.37 21.08 -12.70
CA HIS E 78 -24.96 21.45 -12.56
C HIS E 78 -24.48 21.17 -11.13
N LYS E 79 -23.22 20.82 -11.00
CA LYS E 79 -22.70 20.33 -9.73
C LYS E 79 -21.49 21.10 -9.30
N VAL E 80 -21.27 21.12 -8.00
CA VAL E 80 -20.17 21.86 -7.37
C VAL E 80 -19.82 21.10 -6.12
N THR E 81 -18.52 20.89 -5.89
CA THR E 81 -18.06 20.10 -4.75
C THR E 81 -17.01 20.82 -3.89
N SER E 82 -17.15 20.75 -2.58
CA SER E 82 -16.15 21.33 -1.70
C SER E 82 -15.71 20.38 -0.60
N LYS E 83 -14.43 20.47 -0.22
CA LYS E 83 -13.86 19.54 0.72
C LYS E 83 -13.71 20.14 2.10
N VAL E 84 -13.68 19.28 3.11
CA VAL E 84 -13.46 19.70 4.49
C VAL E 84 -12.82 18.58 5.29
N ILE E 85 -12.07 18.92 6.32
CA ILE E 85 -11.55 17.91 7.21
C ILE E 85 -12.61 17.49 8.23
N GLU E 86 -13.04 16.24 8.21
CA GLU E 86 -13.95 15.81 9.27
C GLU E 86 -13.61 14.43 9.80
N LYS E 87 -14.03 14.18 11.04
CA LYS E 87 -13.86 12.87 11.66
C LYS E 87 -14.94 11.97 11.12
N PHE E 88 -14.78 10.66 11.30
CA PHE E 88 -15.80 9.74 10.83
C PHE E 88 -15.81 8.45 11.61
N PRO E 89 -17.01 7.97 11.97
CA PRO E 89 -18.27 8.68 11.74
C PRO E 89 -18.47 9.77 12.78
N ALA E 90 -19.18 10.82 12.43
CA ALA E 90 -19.43 11.89 13.38
C ALA E 90 -20.66 12.67 12.99
N PRO E 91 -21.34 13.27 13.99
CA PRO E 91 -22.46 14.16 13.71
C PRO E 91 -21.94 15.41 13.03
N VAL E 92 -22.73 15.95 12.12
CA VAL E 92 -22.34 17.14 11.40
C VAL E 92 -23.50 18.13 11.34
N HIS E 93 -23.19 19.42 11.37
CA HIS E 93 -24.19 20.41 11.06
C HIS E 93 -23.83 21.03 9.73
N ILE E 94 -24.61 20.72 8.72
CA ILE E 94 -24.39 21.22 7.37
C ILE E 94 -25.25 22.43 7.11
N CYS E 95 -24.70 23.34 6.32
CA CYS E 95 -25.44 24.53 5.97
C CYS E 95 -24.91 25.05 4.65
N VAL E 96 -25.81 25.30 3.71
CA VAL E 96 -25.42 25.66 2.34
C VAL E 96 -26.31 26.79 1.81
N SER E 97 -25.69 27.78 1.18
CA SER E 97 -26.45 28.88 0.60
C SER E 97 -26.03 29.06 -0.86
N TRP E 98 -26.91 29.68 -1.64
CA TRP E 98 -26.64 29.90 -3.04
C TRP E 98 -27.35 31.17 -3.50
N GLU E 99 -26.67 31.93 -4.35
CA GLU E 99 -27.14 33.25 -4.74
C GLU E 99 -27.12 33.31 -6.25
N SER E 100 -28.27 33.53 -6.87
CA SER E 100 -28.35 33.49 -8.33
C SER E 100 -27.49 34.56 -8.97
N SER E 101 -27.61 35.78 -8.48
CA SER E 101 -26.89 36.91 -9.04
C SER E 101 -25.40 36.63 -9.22
N SER E 102 -24.75 36.03 -8.24
CA SER E 102 -23.32 35.77 -8.34
C SER E 102 -23.03 34.33 -8.72
N GLY E 103 -24.01 33.45 -8.50
CA GLY E 103 -23.84 32.03 -8.75
C GLY E 103 -23.07 31.33 -7.64
N ILE E 104 -22.66 32.08 -6.62
CA ILE E 104 -21.83 31.52 -5.54
C ILE E 104 -22.61 30.66 -4.54
N ALA E 105 -22.06 29.48 -4.26
CA ALA E 105 -22.61 28.60 -3.26
C ALA E 105 -21.59 28.45 -2.12
N GLU E 106 -21.95 28.80 -0.89
CA GLU E 106 -21.03 28.56 0.21
C GLU E 106 -21.56 27.45 1.07
N PHE E 107 -20.65 26.56 1.44
CA PHE E 107 -20.94 25.49 2.37
C PHE E 107 -20.37 25.86 3.73
N TRP E 108 -21.06 25.43 4.79
CA TRP E 108 -20.63 25.73 6.15
C TRP E 108 -20.79 24.48 7.00
N ILE E 109 -19.69 23.78 7.24
CA ILE E 109 -19.70 22.53 7.99
C ILE E 109 -19.31 22.75 9.45
N ASN E 110 -20.28 22.55 10.32
CA ASN E 110 -20.04 22.73 11.73
C ASN E 110 -19.53 24.14 12.00
N GLY E 111 -20.13 25.12 11.32
CA GLY E 111 -19.83 26.52 11.60
C GLY E 111 -18.54 27.00 10.94
N THR E 112 -17.92 26.12 10.18
CA THR E 112 -16.71 26.46 9.45
C THR E 112 -17.03 26.61 7.99
N PRO E 113 -16.59 27.71 7.36
CA PRO E 113 -16.87 27.89 5.93
C PRO E 113 -15.91 27.11 5.03
N LEU E 114 -16.46 26.39 4.06
CA LEU E 114 -15.64 25.74 3.05
C LEU E 114 -15.29 26.76 1.98
N VAL E 115 -14.50 26.32 1.00
CA VAL E 115 -14.17 27.20 -0.10
C VAL E 115 -15.44 27.47 -0.95
N LYS E 116 -15.65 28.75 -1.30
CA LYS E 116 -16.80 29.11 -2.10
C LYS E 116 -16.59 28.59 -3.49
N LYS E 117 -17.66 28.12 -4.13
CA LYS E 117 -17.59 27.75 -5.53
C LYS E 117 -18.81 28.34 -6.20
N GLY E 118 -18.80 28.36 -7.53
CA GLY E 118 -19.88 29.02 -8.27
C GLY E 118 -20.46 28.16 -9.38
N LEU E 119 -21.74 28.38 -9.67
CA LEU E 119 -22.41 27.65 -10.73
C LEU E 119 -23.75 28.32 -11.05
N ARG E 120 -24.20 28.16 -12.28
CA ARG E 120 -25.55 28.56 -12.62
C ARG E 120 -25.82 30.03 -12.33
N GLN E 121 -24.82 30.88 -12.50
CA GLN E 121 -25.07 32.30 -12.37
C GLN E 121 -26.23 32.72 -13.28
N GLY E 122 -27.22 33.38 -12.68
CA GLY E 122 -28.35 33.88 -13.45
C GLY E 122 -29.55 32.96 -13.48
N TYR E 123 -29.35 31.72 -13.05
CA TYR E 123 -30.39 30.71 -13.07
C TYR E 123 -31.47 30.98 -12.03
N PHE E 124 -32.69 30.51 -12.29
CA PHE E 124 -33.73 30.55 -11.28
C PHE E 124 -34.16 29.13 -10.96
N VAL E 125 -33.98 28.74 -9.71
CA VAL E 125 -34.42 27.43 -9.23
C VAL E 125 -35.94 27.29 -9.33
N GLU E 126 -36.40 26.23 -9.98
CA GLU E 126 -37.83 26.09 -10.24
C GLU E 126 -38.68 25.89 -8.98
N ALA E 127 -39.96 26.22 -9.08
CA ALA E 127 -40.86 26.19 -7.93
C ALA E 127 -41.76 24.95 -7.88
N GLN E 128 -42.70 24.92 -6.94
CA GLN E 128 -43.60 23.78 -6.77
C GLN E 128 -42.85 22.47 -6.82
N PRO E 129 -41.93 22.27 -5.87
CA PRO E 129 -41.06 21.11 -5.83
C PRO E 129 -41.65 19.95 -5.06
N LYS E 130 -41.06 18.78 -5.28
CA LYS E 130 -41.22 17.64 -4.41
C LYS E 130 -39.91 17.56 -3.65
N ILE E 131 -39.95 17.57 -2.34
CA ILE E 131 -38.72 17.54 -1.56
C ILE E 131 -38.66 16.25 -0.75
N VAL E 132 -37.50 15.58 -0.77
CA VAL E 132 -37.40 14.27 -0.16
C VAL E 132 -36.15 14.04 0.66
N LEU E 133 -36.35 13.62 1.90
CA LEU E 133 -35.27 13.19 2.78
C LEU E 133 -35.16 11.67 2.74
N GLY E 134 -33.93 11.15 2.65
CA GLY E 134 -33.72 9.73 2.85
C GLY E 134 -33.58 8.94 1.57
N GLN E 135 -33.78 9.63 0.45
CA GLN E 135 -33.68 9.04 -0.87
C GLN E 135 -33.29 10.10 -1.85
N GLU E 136 -32.77 9.70 -3.00
CA GLU E 136 -32.44 10.64 -4.06
C GLU E 136 -33.41 10.43 -5.23
N GLN E 137 -34.13 11.49 -5.59
CA GLN E 137 -35.09 11.43 -6.69
C GLN E 137 -34.44 11.49 -8.06
N ASP E 138 -34.93 10.65 -8.96
CA ASP E 138 -34.55 10.71 -10.35
C ASP E 138 -35.81 10.96 -11.20
N SER E 139 -36.91 11.27 -10.52
CA SER E 139 -38.16 11.67 -11.16
C SER E 139 -38.82 12.76 -10.33
N TYR E 140 -40.08 13.07 -10.64
CA TYR E 140 -40.83 14.05 -9.85
C TYR E 140 -41.47 13.41 -8.62
N GLY E 141 -40.64 13.04 -7.66
CA GLY E 141 -41.12 12.52 -6.41
C GLY E 141 -40.80 11.05 -6.17
N GLY E 142 -40.08 10.43 -7.12
CA GLY E 142 -39.75 9.03 -7.01
C GLY E 142 -38.60 8.53 -7.87
N LYS E 143 -38.74 7.28 -8.32
CA LYS E 143 -37.67 6.58 -9.02
C LYS E 143 -36.38 6.75 -8.22
N PHE E 144 -36.36 6.12 -7.06
CA PHE E 144 -35.24 6.21 -6.13
C PHE E 144 -34.14 5.24 -6.49
N ASP E 145 -33.03 5.33 -5.77
CA ASP E 145 -31.91 4.43 -5.96
C ASP E 145 -31.44 4.02 -4.58
N ARG E 146 -31.32 2.73 -4.36
CA ARG E 146 -30.98 2.20 -3.04
C ARG E 146 -29.58 2.60 -2.62
N SER E 147 -28.67 2.61 -3.58
CA SER E 147 -27.27 2.86 -3.28
C SER E 147 -26.98 4.34 -3.12
N GLN E 148 -28.02 5.18 -3.12
CA GLN E 148 -27.87 6.60 -2.82
C GLN E 148 -28.70 6.97 -1.62
N SER E 149 -29.39 5.98 -1.05
CA SER E 149 -30.29 6.23 0.08
C SER E 149 -29.51 6.66 1.30
N PHE E 150 -30.15 7.46 2.16
CA PHE E 150 -29.54 7.91 3.39
C PHE E 150 -29.98 7.02 4.53
N VAL E 151 -29.01 6.58 5.33
CA VAL E 151 -29.25 5.77 6.52
C VAL E 151 -28.64 6.41 7.76
N GLY E 152 -29.50 6.88 8.67
CA GLY E 152 -29.03 7.59 9.83
C GLY E 152 -30.08 8.52 10.38
N GLU E 153 -29.67 9.65 10.93
CA GLU E 153 -30.60 10.54 11.58
C GLU E 153 -30.46 11.94 10.99
N ILE E 154 -31.58 12.64 10.83
CA ILE E 154 -31.59 14.02 10.37
C ILE E 154 -32.55 14.86 11.21
N GLY E 155 -32.17 16.10 11.51
CA GLY E 155 -32.99 16.97 12.32
C GLY E 155 -32.59 18.43 12.23
N ASP E 156 -33.30 19.29 12.95
CA ASP E 156 -33.01 20.72 12.96
C ASP E 156 -32.83 21.29 11.56
N LEU E 157 -33.79 20.96 10.69
CA LEU E 157 -33.77 21.39 9.29
C LEU E 157 -34.53 22.70 9.07
N TYR E 158 -33.88 23.65 8.41
CA TYR E 158 -34.47 24.96 8.16
C TYR E 158 -34.09 25.43 6.75
N MET E 159 -34.99 26.14 6.08
CA MET E 159 -34.67 26.67 4.77
C MET E 159 -35.26 28.06 4.57
N TRP E 160 -34.40 29.01 4.24
CA TRP E 160 -34.79 30.42 4.00
C TRP E 160 -34.69 30.80 2.52
N ASP E 161 -35.48 31.77 2.08
CA ASP E 161 -35.46 32.19 0.69
C ASP E 161 -34.47 33.33 0.48
N SER E 162 -33.56 33.48 1.46
CA SER E 162 -32.50 34.48 1.38
C SER E 162 -31.15 33.85 1.73
N VAL E 163 -30.09 34.63 1.62
CA VAL E 163 -28.78 34.12 1.99
C VAL E 163 -28.39 34.63 3.36
N LEU E 164 -28.25 33.71 4.30
CA LEU E 164 -27.91 34.09 5.65
C LEU E 164 -26.49 34.63 5.75
N PRO E 165 -26.32 35.73 6.52
CA PRO E 165 -25.00 36.22 6.89
C PRO E 165 -24.30 35.21 7.79
N PRO E 166 -22.99 35.35 8.00
CA PRO E 166 -22.29 34.42 8.90
C PRO E 166 -22.87 34.41 10.32
N GLU E 167 -23.28 35.58 10.81
CA GLU E 167 -23.76 35.73 12.17
C GLU E 167 -24.97 34.83 12.40
N ASN E 168 -25.79 34.68 11.37
CA ASN E 168 -27.03 33.91 11.45
C ASN E 168 -26.81 32.43 11.25
N ILE E 169 -25.75 32.10 10.53
CA ILE E 169 -25.40 30.70 10.32
C ILE E 169 -24.88 30.13 11.65
N LEU E 170 -24.02 30.89 12.32
CA LEU E 170 -23.58 30.51 13.66
C LEU E 170 -24.76 30.30 14.60
N SER E 171 -25.75 31.19 14.53
CA SER E 171 -26.91 31.08 15.40
C SER E 171 -27.59 29.72 15.19
N ALA E 172 -27.72 29.31 13.94
CA ALA E 172 -28.38 28.05 13.60
C ALA E 172 -27.57 26.84 14.09
N TYR E 173 -26.26 26.93 13.90
CA TYR E 173 -25.35 25.91 14.38
C TYR E 173 -25.42 25.76 15.90
N GLN E 174 -25.59 26.88 16.60
CA GLN E 174 -25.64 26.86 18.06
C GLN E 174 -27.03 26.58 18.61
N GLY E 175 -27.98 26.28 17.72
CA GLY E 175 -29.31 25.86 18.15
C GLY E 175 -30.32 26.97 18.39
N THR E 176 -30.00 28.20 17.97
CA THR E 176 -30.91 29.33 18.13
C THR E 176 -31.17 30.03 16.79
N PRO E 177 -31.64 29.28 15.80
CA PRO E 177 -31.81 29.78 14.43
C PRO E 177 -32.91 30.80 14.28
N LEU E 178 -32.76 31.69 13.29
CA LEU E 178 -33.82 32.61 12.92
C LEU E 178 -34.97 31.82 12.34
N PRO E 179 -36.19 32.36 12.44
CA PRO E 179 -37.34 31.67 11.86
C PRO E 179 -37.27 31.62 10.32
N ALA E 180 -37.56 30.46 9.74
CA ALA E 180 -37.39 30.22 8.31
C ALA E 180 -38.71 30.22 7.57
N ASN E 181 -38.70 30.67 6.32
CA ASN E 181 -39.93 30.89 5.57
C ASN E 181 -40.19 29.88 4.46
N ILE E 182 -39.31 28.91 4.28
CA ILE E 182 -39.54 27.87 3.29
C ILE E 182 -39.75 26.54 3.98
N LEU E 183 -38.85 26.18 4.88
CA LEU E 183 -39.02 24.99 5.71
C LEU E 183 -38.60 25.30 7.14
N ASP E 184 -39.51 25.13 8.08
CA ASP E 184 -39.17 25.38 9.48
C ASP E 184 -39.40 24.10 10.26
N TRP E 185 -38.39 23.69 10.99
CA TRP E 185 -38.43 22.46 11.79
C TRP E 185 -39.48 22.51 12.90
N GLN E 186 -39.88 23.71 13.28
CA GLN E 186 -40.81 23.84 14.39
C GLN E 186 -42.24 23.98 13.91
N ALA E 187 -42.41 24.11 12.60
CA ALA E 187 -43.73 24.01 11.98
C ALA E 187 -43.53 23.34 10.62
N LEU E 188 -43.41 22.02 10.64
CA LEU E 188 -43.02 21.28 9.46
C LEU E 188 -44.19 20.50 8.88
N ASN E 189 -44.36 20.53 7.56
CA ASN E 189 -45.37 19.71 6.92
C ASN E 189 -44.70 18.57 6.22
N TYR E 190 -44.92 17.37 6.71
CA TYR E 190 -44.20 16.21 6.20
C TYR E 190 -45.07 14.97 6.13
N GLU E 191 -44.76 14.10 5.17
CA GLU E 191 -45.34 12.77 5.11
C GLU E 191 -44.22 11.77 5.32
N ILE E 192 -44.50 10.74 6.10
CA ILE E 192 -43.55 9.64 6.24
C ILE E 192 -44.00 8.47 5.39
N ARG E 193 -43.13 8.02 4.52
CA ARG E 193 -43.41 6.84 3.71
C ARG E 193 -42.37 5.79 4.05
N GLY E 194 -42.84 4.60 4.39
CA GLY E 194 -41.93 3.52 4.70
C GLY E 194 -41.49 3.45 6.16
N TYR E 195 -40.29 2.93 6.36
CA TYR E 195 -39.73 2.75 7.70
C TYR E 195 -38.93 3.97 8.10
N VAL E 196 -39.60 4.95 8.68
CA VAL E 196 -38.92 6.09 9.26
C VAL E 196 -39.49 6.35 10.64
N ILE E 197 -38.63 6.46 11.64
CA ILE E 197 -39.10 6.66 13.00
C ILE E 197 -38.67 8.03 13.51
N ILE E 198 -39.54 8.65 14.29
CA ILE E 198 -39.17 9.89 14.96
C ILE E 198 -38.75 9.60 16.38
N LYS E 199 -37.55 10.05 16.73
CA LYS E 199 -37.02 9.85 18.08
C LYS E 199 -36.42 11.16 18.59
N PRO E 200 -36.19 11.24 19.90
CA PRO E 200 -35.49 12.41 20.42
C PRO E 200 -34.03 12.49 19.93
N LEU E 201 -33.56 13.73 19.81
CA LEU E 201 -32.20 14.00 19.38
C LEU E 201 -31.27 13.91 20.59
N VAL E 202 -30.41 12.91 20.60
CA VAL E 202 -29.56 12.67 21.77
C VAL E 202 -28.08 12.92 21.49
N TRP E 203 -27.74 13.39 20.29
CA TRP E 203 -26.34 13.54 19.88
C TRP E 203 -25.88 14.98 19.63
N VAL E 204 -26.68 15.94 20.07
CA VAL E 204 -26.16 17.28 20.26
C VAL E 204 -26.61 17.69 21.66
N HIS F 1 -30.83 2.04 -44.88
CA HIS F 1 -30.19 0.70 -44.87
C HIS F 1 -28.82 0.84 -45.47
N THR F 2 -27.84 0.98 -44.58
CA THR F 2 -26.46 1.21 -44.97
C THR F 2 -25.60 0.05 -44.52
N ASP F 3 -24.73 -0.42 -45.41
CA ASP F 3 -23.82 -1.53 -45.10
C ASP F 3 -22.51 -1.05 -44.47
N LEU F 4 -22.34 -1.33 -43.19
CA LEU F 4 -21.16 -0.85 -42.48
C LEU F 4 -20.10 -1.92 -42.34
N SER F 5 -20.17 -2.95 -43.17
CA SER F 5 -19.20 -4.04 -43.08
C SER F 5 -17.80 -3.49 -43.07
N GLY F 6 -17.03 -3.88 -42.06
CA GLY F 6 -15.63 -3.49 -41.97
C GLY F 6 -15.41 -2.03 -41.63
N LYS F 7 -16.46 -1.38 -41.13
CA LYS F 7 -16.33 -0.02 -40.65
C LYS F 7 -16.72 0.03 -39.16
N VAL F 8 -16.37 1.13 -38.48
CA VAL F 8 -16.79 1.36 -37.10
C VAL F 8 -17.25 2.79 -36.90
N PHE F 9 -18.01 3.01 -35.82
CA PHE F 9 -18.30 4.36 -35.38
C PHE F 9 -17.13 4.74 -34.47
N VAL F 10 -16.66 5.99 -34.59
CA VAL F 10 -15.59 6.49 -33.74
C VAL F 10 -16.10 7.68 -32.95
N PHE F 11 -16.25 7.50 -31.64
CA PHE F 11 -16.58 8.61 -30.76
C PHE F 11 -15.27 9.12 -30.21
N PRO F 12 -14.74 10.17 -30.82
CA PRO F 12 -13.32 10.49 -30.64
C PRO F 12 -13.01 11.43 -29.48
N ARG F 13 -14.01 11.81 -28.70
CA ARG F 13 -13.74 12.69 -27.57
C ARG F 13 -14.84 12.59 -26.55
N GLU F 14 -14.52 12.88 -25.31
CA GLU F 14 -15.50 12.89 -24.24
C GLU F 14 -16.40 14.10 -24.45
N SER F 15 -17.71 13.89 -24.29
CA SER F 15 -18.68 14.93 -24.58
C SER F 15 -20.02 14.55 -24.00
N VAL F 16 -20.96 15.49 -24.08
CA VAL F 16 -22.33 15.23 -23.68
C VAL F 16 -23.28 15.39 -24.87
N THR F 17 -22.70 15.47 -26.05
CA THR F 17 -23.47 15.82 -27.23
C THR F 17 -23.31 14.80 -28.35
N ASP F 18 -22.11 14.25 -28.53
CA ASP F 18 -21.86 13.30 -29.60
C ASP F 18 -22.59 12.01 -29.28
N HIS F 19 -23.27 11.46 -30.28
CA HIS F 19 -23.97 10.18 -30.14
C HIS F 19 -24.54 9.69 -31.46
N VAL F 20 -24.97 8.44 -31.48
CA VAL F 20 -25.63 7.89 -32.65
C VAL F 20 -26.98 7.30 -32.29
N ASN F 21 -27.99 7.62 -33.07
CA ASN F 21 -29.30 7.04 -32.88
C ASN F 21 -29.45 5.82 -33.77
N LEU F 22 -29.79 4.68 -33.19
CA LEU F 22 -30.11 3.50 -33.96
C LEU F 22 -31.62 3.39 -34.09
N ILE F 23 -32.07 3.10 -35.30
CA ILE F 23 -33.49 3.09 -35.61
C ILE F 23 -33.95 1.70 -36.00
N THR F 24 -34.93 1.19 -35.28
CA THR F 24 -35.52 -0.08 -35.64
C THR F 24 -37.02 0.08 -35.60
N PRO F 25 -37.76 -0.69 -36.44
CA PRO F 25 -39.23 -0.70 -36.35
C PRO F 25 -39.73 -1.32 -35.04
N LEU F 26 -39.44 -2.60 -34.82
CA LEU F 26 -39.83 -3.32 -33.60
C LEU F 26 -41.35 -3.35 -33.34
N GLU F 27 -41.85 -2.44 -32.49
CA GLU F 27 -43.30 -2.34 -32.22
C GLU F 27 -43.93 -3.47 -31.38
N LYS F 28 -43.40 -4.68 -31.47
CA LYS F 28 -43.83 -5.80 -30.62
C LYS F 28 -42.87 -5.99 -29.45
N PRO F 29 -43.39 -5.96 -28.21
CA PRO F 29 -42.55 -6.04 -27.00
C PRO F 29 -41.60 -7.23 -26.98
N LEU F 30 -40.42 -7.04 -26.42
CA LEU F 30 -39.37 -8.05 -26.50
C LEU F 30 -39.47 -9.07 -25.39
N GLN F 31 -39.41 -10.33 -25.76
CA GLN F 31 -39.55 -11.42 -24.79
C GLN F 31 -38.19 -12.09 -24.59
N ASN F 32 -37.55 -12.47 -25.69
CA ASN F 32 -36.18 -12.95 -25.67
C ASN F 32 -35.39 -12.01 -26.57
N PHE F 33 -34.06 -11.99 -26.43
CA PHE F 33 -33.21 -11.19 -27.33
C PHE F 33 -31.72 -11.46 -27.10
N THR F 34 -30.94 -11.33 -28.18
CA THR F 34 -29.48 -11.37 -28.08
C THR F 34 -28.90 -10.15 -28.77
N LEU F 35 -27.91 -9.55 -28.12
CA LEU F 35 -27.29 -8.33 -28.63
C LEU F 35 -25.80 -8.60 -28.69
N CYS F 36 -25.12 -8.12 -29.71
CA CYS F 36 -23.67 -8.21 -29.68
C CYS F 36 -22.96 -7.22 -30.61
N PHE F 37 -21.71 -6.93 -30.29
CA PHE F 37 -20.96 -5.89 -30.98
C PHE F 37 -19.50 -5.92 -30.51
N ARG F 38 -18.65 -5.16 -31.19
CA ARG F 38 -17.26 -5.01 -30.78
C ARG F 38 -17.05 -3.60 -30.30
N ALA F 39 -16.21 -3.44 -29.29
CA ALA F 39 -15.91 -2.13 -28.78
C ALA F 39 -14.44 -2.05 -28.43
N TYR F 40 -13.88 -0.86 -28.51
CA TYR F 40 -12.47 -0.65 -28.17
C TYR F 40 -12.35 0.71 -27.53
N SER F 41 -12.05 0.74 -26.23
CA SER F 41 -11.93 2.01 -25.52
C SER F 41 -10.93 1.95 -24.41
N ASP F 42 -10.22 3.05 -24.18
CA ASP F 42 -9.26 3.09 -23.07
C ASP F 42 -9.72 3.94 -21.89
N LEU F 43 -11.03 3.97 -21.68
CA LEU F 43 -11.60 4.68 -20.54
C LEU F 43 -11.49 3.78 -19.33
N SER F 44 -11.11 4.35 -18.19
CA SER F 44 -11.01 3.55 -16.98
C SER F 44 -12.29 3.67 -16.20
N ARG F 45 -13.00 4.79 -16.39
CA ARG F 45 -14.27 5.01 -15.70
C ARG F 45 -15.40 4.21 -16.30
N ALA F 46 -16.59 4.44 -15.76
CA ALA F 46 -17.77 3.72 -16.23
C ALA F 46 -18.27 4.34 -17.50
N TYR F 47 -18.86 3.53 -18.36
CA TYR F 47 -19.51 4.06 -19.54
C TYR F 47 -20.62 3.20 -20.06
N SER F 48 -21.57 3.83 -20.76
CA SER F 48 -22.64 3.09 -21.40
C SER F 48 -22.16 2.62 -22.74
N LEU F 49 -22.37 1.35 -23.04
CA LEU F 49 -22.12 0.85 -24.39
C LEU F 49 -23.34 1.04 -25.25
N PHE F 50 -24.45 0.42 -24.82
CA PHE F 50 -25.71 0.35 -25.57
C PHE F 50 -26.88 0.81 -24.69
N SER F 51 -27.48 1.95 -25.02
CA SER F 51 -28.63 2.48 -24.26
C SER F 51 -29.95 2.42 -25.01
N TYR F 52 -30.91 1.71 -24.43
CA TYR F 52 -32.22 1.45 -25.05
C TYR F 52 -33.31 1.87 -24.07
N ASN F 53 -33.98 2.98 -24.38
CA ASN F 53 -35.06 3.49 -23.53
C ASN F 53 -36.37 3.49 -24.25
N THR F 54 -37.46 3.53 -23.52
CA THR F 54 -38.78 3.66 -24.13
C THR F 54 -39.55 4.77 -23.45
N GLN F 55 -40.68 5.15 -24.03
CA GLN F 55 -41.47 6.22 -23.46
C GLN F 55 -41.75 5.92 -22.01
N GLY F 56 -41.30 6.82 -21.13
CA GLY F 56 -41.60 6.72 -19.72
C GLY F 56 -40.77 5.71 -18.92
N ARG F 57 -39.80 5.06 -19.56
CA ARG F 57 -38.99 4.09 -18.87
C ARG F 57 -37.51 4.26 -19.15
N ASP F 58 -36.78 4.69 -18.12
CA ASP F 58 -35.33 4.80 -18.20
C ASP F 58 -34.72 3.42 -18.06
N ASN F 59 -33.55 3.25 -18.65
CA ASN F 59 -32.78 2.03 -18.55
C ASN F 59 -33.65 0.81 -18.75
N GLU F 60 -34.40 0.78 -19.86
CA GLU F 60 -35.24 -0.36 -20.16
C GLU F 60 -34.37 -1.53 -20.57
N LEU F 61 -33.37 -1.23 -21.38
CA LEU F 61 -32.40 -2.23 -21.74
C LEU F 61 -31.08 -1.50 -21.89
N LEU F 62 -30.13 -1.78 -21.01
CA LEU F 62 -28.87 -1.03 -20.99
C LEU F 62 -27.68 -1.93 -20.74
N VAL F 63 -26.70 -1.89 -21.63
CA VAL F 63 -25.44 -2.60 -21.42
C VAL F 63 -24.42 -1.55 -20.99
N TYR F 64 -23.82 -1.76 -19.82
CA TYR F 64 -23.08 -0.70 -19.15
C TYR F 64 -21.85 -1.26 -18.45
N LYS F 65 -20.69 -0.68 -18.75
CA LYS F 65 -19.44 -1.16 -18.20
C LYS F 65 -19.09 -0.40 -16.92
N GLU F 66 -19.06 -1.12 -15.79
CA GLU F 66 -18.88 -0.50 -14.49
C GLU F 66 -17.46 -0.02 -14.26
N ARG F 67 -16.52 -0.83 -14.74
CA ARG F 67 -15.10 -0.65 -14.48
C ARG F 67 -14.43 -1.79 -15.21
N VAL F 68 -13.09 -1.83 -15.20
CA VAL F 68 -12.41 -2.86 -15.97
C VAL F 68 -12.78 -4.21 -15.44
N GLY F 69 -13.31 -5.07 -16.30
CA GLY F 69 -13.62 -6.43 -15.91
C GLY F 69 -15.01 -6.68 -15.39
N GLU F 70 -15.87 -5.67 -15.38
CA GLU F 70 -17.25 -5.85 -14.92
C GLU F 70 -18.23 -5.32 -15.94
N TYR F 71 -19.12 -6.19 -16.41
CA TYR F 71 -20.20 -5.81 -17.31
C TYR F 71 -21.56 -5.91 -16.64
N SER F 72 -22.35 -4.86 -16.75
CA SER F 72 -23.70 -4.85 -16.21
C SER F 72 -24.76 -4.85 -17.29
N LEU F 73 -25.87 -5.55 -17.02
CA LEU F 73 -27.05 -5.49 -17.86
C LEU F 73 -28.23 -4.98 -17.06
N TYR F 74 -28.87 -3.94 -17.59
CA TYR F 74 -30.10 -3.46 -17.02
C TYR F 74 -31.27 -3.96 -17.87
N ILE F 75 -32.34 -4.40 -17.20
CA ILE F 75 -33.58 -4.77 -17.86
C ILE F 75 -34.69 -4.15 -17.02
N GLY F 76 -35.33 -3.12 -17.53
CA GLY F 76 -36.40 -2.45 -16.81
C GLY F 76 -35.91 -1.96 -15.47
N ARG F 77 -34.82 -1.20 -15.47
CA ARG F 77 -34.25 -0.57 -14.28
C ARG F 77 -33.59 -1.55 -13.31
N HIS F 78 -33.91 -2.85 -13.39
CA HIS F 78 -33.20 -3.85 -12.58
C HIS F 78 -31.86 -4.15 -13.21
N LYS F 79 -30.88 -4.45 -12.36
CA LYS F 79 -29.52 -4.56 -12.83
C LYS F 79 -28.92 -5.89 -12.46
N VAL F 80 -27.92 -6.30 -13.23
CA VAL F 80 -27.25 -7.57 -13.03
C VAL F 80 -25.82 -7.37 -13.51
N THR F 81 -24.84 -7.89 -12.77
CA THR F 81 -23.44 -7.65 -13.11
C THR F 81 -22.63 -8.94 -13.13
N SER F 82 -21.76 -9.09 -14.13
CA SER F 82 -20.88 -10.26 -14.14
C SER F 82 -19.44 -9.89 -14.41
N LYS F 83 -18.52 -10.67 -13.86
CA LYS F 83 -17.12 -10.32 -13.95
C LYS F 83 -16.40 -11.23 -14.92
N VAL F 84 -15.28 -10.73 -15.45
CA VAL F 84 -14.43 -11.51 -16.34
C VAL F 84 -12.99 -11.02 -16.26
N ILE F 85 -12.04 -11.89 -16.57
CA ILE F 85 -10.64 -11.48 -16.63
C ILE F 85 -10.33 -10.87 -17.98
N GLU F 86 -9.98 -9.60 -18.03
CA GLU F 86 -9.57 -9.03 -19.31
C GLU F 86 -8.37 -8.13 -19.19
N LYS F 87 -7.64 -7.99 -20.31
CA LYS F 87 -6.53 -7.07 -20.39
C LYS F 87 -7.08 -5.67 -20.58
N PHE F 88 -6.24 -4.67 -20.36
CA PHE F 88 -6.68 -3.29 -20.55
C PHE F 88 -5.53 -2.36 -20.86
N PRO F 89 -5.71 -1.47 -21.86
CA PRO F 89 -6.91 -1.44 -22.69
C PRO F 89 -6.85 -2.52 -23.76
N ALA F 90 -8.00 -3.00 -24.18
CA ALA F 90 -8.01 -4.03 -25.22
C ALA F 90 -9.35 -4.02 -25.95
N PRO F 91 -9.33 -4.45 -27.22
CA PRO F 91 -10.58 -4.66 -27.95
C PRO F 91 -11.34 -5.83 -27.36
N VAL F 92 -12.65 -5.72 -27.34
CA VAL F 92 -13.47 -6.79 -26.80
C VAL F 92 -14.64 -7.06 -27.73
N HIS F 93 -15.06 -8.33 -27.80
CA HIS F 93 -16.32 -8.64 -28.45
C HIS F 93 -17.32 -9.03 -27.39
N ILE F 94 -18.29 -8.16 -27.18
CA ILE F 94 -19.32 -8.38 -26.18
C ILE F 94 -20.56 -8.96 -26.80
N CYS F 95 -21.23 -9.82 -26.05
CA CYS F 95 -22.45 -10.43 -26.51
C CYS F 95 -23.28 -10.82 -25.31
N VAL F 96 -24.54 -10.40 -25.30
CA VAL F 96 -25.41 -10.61 -24.15
C VAL F 96 -26.82 -11.05 -24.59
N SER F 97 -27.37 -12.04 -23.91
CA SER F 97 -28.73 -12.49 -24.24
C SER F 97 -29.58 -12.51 -22.98
N TRP F 98 -30.89 -12.47 -23.15
CA TRP F 98 -31.77 -12.48 -22.00
C TRP F 98 -33.07 -13.13 -22.39
N GLU F 99 -33.63 -13.90 -21.48
CA GLU F 99 -34.79 -14.72 -21.77
C GLU F 99 -35.84 -14.44 -20.72
N SER F 100 -37.02 -13.95 -21.12
CA SER F 100 -38.01 -13.56 -20.14
C SER F 100 -38.48 -14.73 -19.30
N SER F 101 -38.78 -15.83 -19.96
CA SER F 101 -39.33 -17.00 -19.28
C SER F 101 -38.49 -17.41 -18.08
N SER F 102 -37.18 -17.40 -18.22
CA SER F 102 -36.31 -17.83 -17.12
C SER F 102 -35.71 -16.64 -16.37
N GLY F 103 -35.68 -15.48 -17.01
CA GLY F 103 -35.07 -14.30 -16.43
C GLY F 103 -33.56 -14.30 -16.58
N ILE F 104 -33.01 -15.38 -17.14
CA ILE F 104 -31.55 -15.51 -17.24
C ILE F 104 -30.90 -14.62 -18.32
N ALA F 105 -29.83 -13.94 -17.92
CA ALA F 105 -29.02 -13.14 -18.83
C ALA F 105 -27.61 -13.74 -18.90
N GLU F 106 -27.15 -14.17 -20.07
CA GLU F 106 -25.78 -14.64 -20.17
C GLU F 106 -24.97 -13.63 -20.94
N PHE F 107 -23.78 -13.37 -20.41
CA PHE F 107 -22.80 -12.54 -21.06
C PHE F 107 -21.72 -13.42 -21.69
N TRP F 108 -21.17 -12.98 -22.81
CA TRP F 108 -20.17 -13.73 -23.54
C TRP F 108 -19.11 -12.78 -24.04
N ILE F 109 -18.00 -12.73 -23.32
CA ILE F 109 -16.90 -11.82 -23.64
C ILE F 109 -15.80 -12.51 -24.42
N ASN F 110 -15.64 -12.11 -25.67
CA ASN F 110 -14.65 -12.70 -26.53
C ASN F 110 -14.87 -14.19 -26.65
N GLY F 111 -16.13 -14.60 -26.79
CA GLY F 111 -16.46 -15.99 -27.00
C GLY F 111 -16.41 -16.86 -25.76
N THR F 112 -16.17 -16.24 -24.61
CA THR F 112 -16.14 -16.95 -23.33
C THR F 112 -17.38 -16.59 -22.55
N PRO F 113 -18.07 -17.58 -22.01
CA PRO F 113 -19.26 -17.27 -21.21
C PRO F 113 -18.95 -16.85 -19.78
N LEU F 114 -19.57 -15.76 -19.35
CA LEU F 114 -19.49 -15.36 -17.96
C LEU F 114 -20.49 -16.16 -17.16
N VAL F 115 -20.53 -15.93 -15.86
CA VAL F 115 -21.51 -16.60 -15.03
C VAL F 115 -22.92 -16.07 -15.35
N LYS F 116 -23.88 -16.97 -15.46
CA LYS F 116 -25.23 -16.56 -15.77
C LYS F 116 -25.78 -15.87 -14.54
N LYS F 117 -26.60 -14.83 -14.75
CA LYS F 117 -27.34 -14.24 -13.66
C LYS F 117 -28.79 -14.05 -14.10
N GLY F 118 -29.68 -13.76 -13.18
CA GLY F 118 -31.09 -13.65 -13.51
C GLY F 118 -31.78 -12.40 -12.96
N LEU F 119 -32.78 -11.93 -13.70
CA LEU F 119 -33.53 -10.75 -13.30
C LEU F 119 -34.80 -10.62 -14.12
N ARG F 120 -35.81 -9.98 -13.53
CA ARG F 120 -36.99 -9.64 -14.30
C ARG F 120 -37.69 -10.84 -14.94
N GLN F 121 -37.65 -12.00 -14.29
CA GLN F 121 -38.37 -13.16 -14.81
C GLN F 121 -39.81 -12.76 -15.06
N GLY F 122 -40.28 -12.98 -16.28
CA GLY F 122 -41.68 -12.72 -16.63
C GLY F 122 -41.93 -11.37 -17.27
N TYR F 123 -40.93 -10.50 -17.18
CA TYR F 123 -41.04 -9.14 -17.68
C TYR F 123 -41.08 -9.11 -19.20
N PHE F 124 -41.73 -8.10 -19.77
CA PHE F 124 -41.64 -7.85 -21.19
C PHE F 124 -40.99 -6.51 -21.45
N VAL F 125 -39.86 -6.54 -22.13
CA VAL F 125 -39.15 -5.31 -22.53
C VAL F 125 -39.99 -4.48 -23.49
N GLU F 126 -40.18 -3.21 -23.17
CA GLU F 126 -41.09 -2.38 -23.93
C GLU F 126 -40.62 -2.11 -25.35
N ALA F 127 -41.57 -1.76 -26.22
CA ALA F 127 -41.30 -1.58 -27.64
C ALA F 127 -41.18 -0.10 -28.06
N GLN F 128 -41.06 0.15 -29.37
CA GLN F 128 -40.87 1.50 -29.89
C GLN F 128 -39.84 2.29 -29.08
N PRO F 129 -38.60 1.81 -29.09
CA PRO F 129 -37.53 2.40 -28.31
C PRO F 129 -36.80 3.51 -29.04
N LYS F 130 -36.03 4.28 -28.28
CA LYS F 130 -34.98 5.12 -28.81
C LYS F 130 -33.71 4.41 -28.40
N ILE F 131 -32.83 4.13 -29.35
CA ILE F 131 -31.60 3.40 -29.04
C ILE F 131 -30.42 4.30 -29.34
N VAL F 132 -29.47 4.36 -28.42
CA VAL F 132 -28.37 5.31 -28.56
C VAL F 132 -27.02 4.71 -28.24
N LEU F 133 -26.09 4.90 -29.17
CA LEU F 133 -24.68 4.57 -28.95
C LEU F 133 -23.89 5.82 -28.54
N GLY F 134 -23.00 5.70 -27.55
CA GLY F 134 -22.09 6.79 -27.25
C GLY F 134 -22.52 7.70 -26.12
N GLN F 135 -23.71 7.45 -25.60
CA GLN F 135 -24.25 8.22 -24.49
C GLN F 135 -25.20 7.33 -23.73
N GLU F 136 -25.49 7.70 -22.49
CA GLU F 136 -26.48 6.98 -21.69
C GLU F 136 -27.70 7.86 -21.50
N GLN F 137 -28.87 7.38 -21.94
CA GLN F 137 -30.10 8.14 -21.82
C GLN F 137 -30.69 8.08 -20.43
N ASP F 138 -31.19 9.23 -19.98
CA ASP F 138 -31.94 9.29 -18.73
C ASP F 138 -33.33 9.86 -19.06
N SER F 139 -33.63 9.97 -20.35
CA SER F 139 -34.97 10.34 -20.82
C SER F 139 -35.35 9.50 -22.04
N TYR F 140 -36.40 9.91 -22.75
CA TYR F 140 -36.74 9.24 -24.01
C TYR F 140 -35.97 9.83 -25.19
N GLY F 141 -34.67 9.52 -25.24
CA GLY F 141 -33.85 9.94 -26.35
C GLY F 141 -32.80 10.97 -26.00
N GLY F 142 -32.72 11.35 -24.73
CA GLY F 142 -31.81 12.41 -24.35
C GLY F 142 -31.51 12.50 -22.87
N LYS F 143 -31.29 13.73 -22.41
CA LYS F 143 -30.80 14.01 -21.06
C LYS F 143 -29.63 13.08 -20.77
N PHE F 144 -28.52 13.35 -21.45
CA PHE F 144 -27.32 12.55 -21.36
C PHE F 144 -26.48 12.95 -20.16
N ASP F 145 -25.42 12.18 -19.91
CA ASP F 145 -24.47 12.47 -18.84
C ASP F 145 -23.08 12.30 -19.40
N ARG F 146 -22.25 13.31 -19.23
CA ARG F 146 -20.94 13.31 -19.83
C ARG F 146 -20.06 12.22 -19.23
N SER F 147 -20.20 12.01 -17.94
CA SER F 147 -19.33 11.09 -17.24
C SER F 147 -19.75 9.64 -17.43
N GLN F 148 -20.73 9.41 -18.30
CA GLN F 148 -21.13 8.05 -18.67
C GLN F 148 -20.95 7.85 -20.15
N SER F 149 -20.50 8.89 -20.83
CA SER F 149 -20.36 8.83 -22.28
C SER F 149 -19.31 7.83 -22.70
N PHE F 150 -19.47 7.26 -23.88
CA PHE F 150 -18.50 6.32 -24.39
C PHE F 150 -17.56 7.00 -25.36
N VAL F 151 -16.26 6.75 -25.16
CA VAL F 151 -15.22 7.29 -26.03
C VAL F 151 -14.35 6.17 -26.58
N GLY F 152 -14.44 5.95 -27.89
CA GLY F 152 -13.70 4.88 -28.53
C GLY F 152 -14.39 4.44 -29.81
N GLU F 153 -14.33 3.16 -30.11
CA GLU F 153 -14.82 2.66 -31.38
C GLU F 153 -15.82 1.53 -31.13
N ILE F 154 -16.90 1.50 -31.92
CA ILE F 154 -17.88 0.43 -31.87
C ILE F 154 -18.23 -0.04 -33.26
N GLY F 155 -18.39 -1.35 -33.44
CA GLY F 155 -18.73 -1.89 -34.75
C GLY F 155 -19.27 -3.31 -34.68
N ASP F 156 -19.61 -3.88 -35.84
CA ASP F 156 -20.12 -5.25 -35.89
C ASP F 156 -21.24 -5.47 -34.88
N LEU F 157 -22.20 -4.55 -34.88
CA LEU F 157 -23.36 -4.60 -33.99
C LEU F 157 -24.56 -5.35 -34.61
N TYR F 158 -25.11 -6.31 -33.87
CA TYR F 158 -26.23 -7.12 -34.35
C TYR F 158 -27.19 -7.39 -33.18
N MET F 159 -28.49 -7.39 -33.46
CA MET F 159 -29.45 -7.71 -32.42
C MET F 159 -30.58 -8.59 -32.94
N TRP F 160 -30.78 -9.73 -32.28
CA TRP F 160 -31.84 -10.68 -32.66
C TRP F 160 -32.95 -10.73 -31.62
N ASP F 161 -34.16 -11.09 -32.04
CA ASP F 161 -35.30 -11.16 -31.12
C ASP F 161 -35.44 -12.55 -30.50
N SER F 162 -34.35 -13.33 -30.58
CA SER F 162 -34.29 -14.65 -29.98
C SER F 162 -33.00 -14.81 -29.18
N VAL F 163 -32.84 -15.96 -28.53
CA VAL F 163 -31.61 -16.23 -27.79
C VAL F 163 -30.71 -17.15 -28.58
N LEU F 164 -29.54 -16.64 -28.98
CA LEU F 164 -28.64 -17.43 -29.79
C LEU F 164 -28.03 -18.56 -28.98
N PRO F 165 -27.97 -19.75 -29.58
CA PRO F 165 -27.19 -20.88 -29.03
C PRO F 165 -25.72 -20.53 -29.02
N PRO F 166 -24.90 -21.33 -28.30
CA PRO F 166 -23.46 -21.04 -28.25
C PRO F 166 -22.82 -21.08 -29.64
N GLU F 167 -23.29 -21.98 -30.50
CA GLU F 167 -22.69 -22.21 -31.79
C GLU F 167 -22.77 -20.94 -32.63
N ASN F 168 -23.86 -20.21 -32.45
CA ASN F 168 -24.13 -18.98 -33.19
C ASN F 168 -23.43 -17.76 -32.62
N ILE F 169 -23.15 -17.80 -31.33
CA ILE F 169 -22.43 -16.72 -30.68
C ILE F 169 -20.99 -16.77 -31.15
N LEU F 170 -20.41 -17.96 -31.18
CA LEU F 170 -19.09 -18.14 -31.75
C LEU F 170 -19.00 -17.62 -33.17
N SER F 171 -20.03 -17.90 -33.97
CA SER F 171 -20.03 -17.47 -35.36
C SER F 171 -19.92 -15.96 -35.43
N ALA F 172 -20.64 -15.27 -34.56
CA ALA F 172 -20.62 -13.81 -34.54
C ALA F 172 -19.26 -13.26 -34.10
N TYR F 173 -18.69 -13.92 -33.10
CA TYR F 173 -17.37 -13.57 -32.61
C TYR F 173 -16.33 -13.73 -33.70
N GLN F 174 -16.47 -14.77 -34.52
CA GLN F 174 -15.49 -15.04 -35.57
C GLN F 174 -15.79 -14.29 -36.87
N GLY F 175 -16.78 -13.41 -36.84
CA GLY F 175 -17.04 -12.53 -37.95
C GLY F 175 -17.96 -13.06 -39.03
N THR F 176 -18.66 -14.16 -38.76
CA THR F 176 -19.60 -14.73 -39.73
C THR F 176 -20.98 -14.92 -39.10
N PRO F 177 -21.55 -13.83 -38.57
CA PRO F 177 -22.81 -13.88 -37.81
C PRO F 177 -24.03 -14.24 -38.66
N LEU F 178 -25.03 -14.85 -38.01
CA LEU F 178 -26.32 -15.04 -38.65
C LEU F 178 -26.98 -13.70 -38.88
N PRO F 179 -27.85 -13.62 -39.89
CA PRO F 179 -28.56 -12.36 -40.15
C PRO F 179 -29.53 -12.02 -39.01
N ALA F 180 -29.52 -10.75 -38.60
CA ALA F 180 -30.28 -10.31 -37.42
C ALA F 180 -31.53 -9.54 -37.80
N ASN F 181 -32.58 -9.66 -37.00
CA ASN F 181 -33.87 -9.09 -37.36
C ASN F 181 -34.28 -7.83 -36.58
N ILE F 182 -33.45 -7.39 -35.64
CA ILE F 182 -33.74 -6.16 -34.91
C ILE F 182 -32.77 -5.07 -35.29
N LEU F 183 -31.47 -5.39 -35.25
CA LEU F 183 -30.43 -4.48 -35.73
C LEU F 183 -29.41 -5.27 -36.52
N ASP F 184 -29.18 -4.90 -37.77
CA ASP F 184 -28.18 -5.58 -38.56
C ASP F 184 -27.18 -4.55 -39.04
N TRP F 185 -25.90 -4.84 -38.79
CA TRP F 185 -24.80 -3.94 -39.13
C TRP F 185 -24.66 -3.76 -40.64
N GLN F 186 -25.20 -4.69 -41.41
CA GLN F 186 -25.04 -4.63 -42.85
C GLN F 186 -26.24 -3.98 -43.51
N ALA F 187 -27.28 -3.71 -42.73
CA ALA F 187 -28.38 -2.87 -43.17
C ALA F 187 -28.83 -2.10 -41.96
N LEU F 188 -28.14 -1.00 -41.67
CA LEU F 188 -28.38 -0.28 -40.44
C LEU F 188 -29.03 1.08 -40.68
N ASN F 189 -30.05 1.40 -39.89
CA ASN F 189 -30.65 2.71 -39.98
C ASN F 189 -30.21 3.53 -38.80
N TYR F 190 -29.40 4.56 -39.06
CA TYR F 190 -28.80 5.32 -38.00
C TYR F 190 -28.73 6.81 -38.32
N GLU F 191 -28.83 7.65 -37.29
CA GLU F 191 -28.56 9.06 -37.41
C GLU F 191 -27.31 9.36 -36.61
N ILE F 192 -26.43 10.20 -37.15
CA ILE F 192 -25.27 10.65 -36.38
C ILE F 192 -25.53 12.06 -35.86
N ARG F 193 -25.40 12.24 -34.56
CA ARG F 193 -25.54 13.56 -33.97
C ARG F 193 -24.25 13.92 -33.28
N GLY F 194 -23.69 15.07 -33.63
CA GLY F 194 -22.46 15.52 -33.02
C GLY F 194 -21.20 15.02 -33.71
N TYR F 195 -20.14 14.87 -32.94
CA TYR F 195 -18.85 14.46 -33.47
C TYR F 195 -18.70 12.97 -33.42
N VAL F 196 -19.15 12.30 -34.47
CA VAL F 196 -18.93 10.86 -34.63
C VAL F 196 -18.43 10.60 -36.05
N ILE F 197 -17.34 9.87 -36.18
CA ILE F 197 -16.77 9.62 -37.50
C ILE F 197 -16.87 8.15 -37.82
N ILE F 198 -17.11 7.83 -39.09
CA ILE F 198 -17.05 6.44 -39.53
C ILE F 198 -15.72 6.17 -40.20
N LYS F 199 -15.01 5.16 -39.70
CA LYS F 199 -13.71 4.80 -40.24
C LYS F 199 -13.65 3.29 -40.42
N PRO F 200 -12.68 2.81 -41.19
CA PRO F 200 -12.49 1.36 -41.30
C PRO F 200 -12.05 0.71 -39.98
N LEU F 201 -12.47 -0.53 -39.79
CA LEU F 201 -12.14 -1.28 -38.59
C LEU F 201 -10.77 -1.90 -38.77
N VAL F 202 -9.78 -1.44 -38.01
CA VAL F 202 -8.41 -1.90 -38.20
C VAL F 202 -7.89 -2.74 -37.05
N TRP F 203 -8.73 -3.03 -36.07
CA TRP F 203 -8.27 -3.72 -34.85
C TRP F 203 -8.87 -5.11 -34.63
N VAL F 204 -9.49 -5.66 -35.66
CA VAL F 204 -9.73 -7.09 -35.70
C VAL F 204 -9.23 -7.55 -37.06
N HIS G 1 -27.02 -15.06 44.58
CA HIS G 1 -27.00 -13.57 44.61
C HIS G 1 -25.70 -13.13 45.22
N THR G 2 -24.76 -12.85 44.32
CA THR G 2 -23.40 -12.50 44.70
C THR G 2 -23.08 -11.07 44.28
N ASP G 3 -22.50 -10.30 45.20
CA ASP G 3 -22.16 -8.90 44.90
C ASP G 3 -20.76 -8.79 44.29
N LEU G 4 -20.71 -8.49 43.00
CA LEU G 4 -19.43 -8.41 42.31
C LEU G 4 -18.92 -6.97 42.18
N SER G 5 -19.41 -6.06 43.02
CA SER G 5 -18.99 -4.67 42.95
C SER G 5 -17.48 -4.59 42.93
N GLY G 6 -16.93 -3.91 41.93
CA GLY G 6 -15.50 -3.70 41.86
C GLY G 6 -14.68 -4.92 41.49
N LYS G 7 -15.36 -5.95 40.99
CA LYS G 7 -14.67 -7.13 40.48
C LYS G 7 -15.02 -7.33 38.99
N VAL G 8 -14.25 -8.18 38.32
CA VAL G 8 -14.52 -8.53 36.93
C VAL G 8 -14.33 -10.02 36.71
N PHE G 9 -14.93 -10.53 35.64
CA PHE G 9 -14.60 -11.87 35.18
C PHE G 9 -13.40 -11.74 34.29
N VAL G 10 -12.47 -12.68 34.39
CA VAL G 10 -11.29 -12.69 33.55
C VAL G 10 -11.26 -13.98 32.76
N PHE G 11 -11.43 -13.87 31.45
CA PHE G 11 -11.27 -15.00 30.54
C PHE G 11 -9.87 -14.91 29.99
N PRO G 12 -8.93 -15.64 30.61
CA PRO G 12 -7.52 -15.34 30.45
C PRO G 12 -6.83 -16.06 29.30
N ARG G 13 -7.57 -16.82 28.51
CA ARG G 13 -6.96 -17.48 27.37
C ARG G 13 -8.00 -17.83 26.33
N GLU G 14 -7.56 -17.94 25.08
CA GLU G 14 -8.46 -18.37 24.03
C GLU G 14 -8.78 -19.84 24.22
N SER G 15 -10.05 -20.19 24.07
CA SER G 15 -10.51 -21.54 24.33
C SER G 15 -11.89 -21.76 23.72
N VAL G 16 -12.35 -23.00 23.79
CA VAL G 16 -13.70 -23.33 23.36
C VAL G 16 -14.50 -23.89 24.55
N THR G 17 -13.96 -23.72 25.74
CA THR G 17 -14.51 -24.38 26.91
C THR G 17 -14.81 -23.40 28.04
N ASP G 18 -13.93 -22.43 28.25
CA ASP G 18 -14.11 -21.43 29.32
C ASP G 18 -15.32 -20.56 29.01
N HIS G 19 -16.18 -20.36 30.01
CA HIS G 19 -17.33 -19.47 29.85
C HIS G 19 -18.06 -19.27 31.17
N VAL G 20 -18.97 -18.30 31.20
CA VAL G 20 -19.79 -18.09 32.39
C VAL G 20 -21.27 -18.12 32.01
N ASN G 21 -22.05 -18.84 32.80
CA ASN G 21 -23.50 -18.85 32.60
C ASN G 21 -24.15 -17.83 33.50
N LEU G 22 -24.90 -16.92 32.91
CA LEU G 22 -25.72 -15.99 33.68
C LEU G 22 -27.15 -16.53 33.80
N ILE G 23 -27.68 -16.43 35.01
CA ILE G 23 -28.96 -17.02 35.31
C ILE G 23 -29.96 -15.96 35.73
N THR G 24 -31.05 -15.88 34.99
CA THR G 24 -32.14 -14.98 35.35
C THR G 24 -33.44 -15.74 35.30
N PRO G 25 -34.43 -15.33 36.11
CA PRO G 25 -35.77 -15.94 36.03
C PRO G 25 -36.52 -15.59 34.72
N LEU G 26 -36.79 -14.30 34.52
CA LEU G 26 -37.41 -13.79 33.31
C LEU G 26 -38.79 -14.42 33.04
N GLU G 27 -38.85 -15.45 32.19
CA GLU G 27 -40.12 -16.16 31.90
C GLU G 27 -41.15 -15.37 31.05
N LYS G 28 -41.18 -14.05 31.17
CA LYS G 28 -42.03 -13.22 30.30
C LYS G 28 -41.21 -12.65 29.14
N PRO G 29 -41.67 -12.89 27.88
CA PRO G 29 -40.95 -12.44 26.68
C PRO G 29 -40.58 -10.95 26.72
N LEU G 30 -39.43 -10.63 26.16
CA LEU G 30 -38.91 -9.27 26.23
C LEU G 30 -39.41 -8.38 25.12
N GLN G 31 -39.91 -7.22 25.51
CA GLN G 31 -40.47 -6.28 24.55
C GLN G 31 -39.51 -5.10 24.36
N ASN G 32 -39.10 -4.49 25.46
CA ASN G 32 -38.06 -3.48 25.47
C ASN G 32 -36.94 -4.00 26.37
N PHE G 33 -35.73 -3.47 26.23
CA PHE G 33 -34.62 -3.85 27.11
C PHE G 33 -33.36 -3.00 26.88
N THR G 34 -32.60 -2.80 27.97
CA THR G 34 -31.30 -2.15 27.90
C THR G 34 -30.27 -3.04 28.58
N LEU G 35 -29.13 -3.19 27.93
CA LEU G 35 -28.06 -4.02 28.44
C LEU G 35 -26.80 -3.17 28.48
N CYS G 36 -25.99 -3.31 29.53
CA CYS G 36 -24.71 -2.63 29.50
C CYS G 36 -23.68 -3.26 30.44
N PHE G 37 -22.41 -2.97 30.14
CA PHE G 37 -21.29 -3.62 30.81
C PHE G 37 -19.97 -2.96 30.39
N ARG G 38 -18.87 -3.31 31.06
CA ARG G 38 -17.53 -2.87 30.67
C ARG G 38 -16.74 -4.05 30.20
N ALA G 39 -15.94 -3.82 29.17
CA ALA G 39 -15.11 -4.89 28.64
C ALA G 39 -13.74 -4.34 28.31
N TYR G 40 -12.72 -5.19 28.43
CA TYR G 40 -11.37 -4.82 28.08
C TYR G 40 -10.69 -6.02 27.45
N SER G 41 -10.38 -5.92 26.15
CA SER G 41 -9.77 -7.02 25.43
C SER G 41 -8.88 -6.52 24.34
N ASP G 42 -7.77 -7.23 24.07
CA ASP G 42 -6.87 -6.84 22.98
C ASP G 42 -6.94 -7.80 21.78
N LEU G 43 -8.12 -8.35 21.55
CA LEU G 43 -8.35 -9.23 20.41
C LEU G 43 -8.60 -8.36 19.21
N SER G 44 -8.01 -8.71 18.07
CA SER G 44 -8.23 -7.95 16.86
C SER G 44 -9.36 -8.58 16.07
N ARG G 45 -9.55 -9.89 16.27
CA ARG G 45 -10.58 -10.62 15.56
C ARG G 45 -11.95 -10.36 16.16
N ALA G 46 -12.95 -11.03 15.59
CA ALA G 46 -14.31 -10.87 16.03
C ALA G 46 -14.54 -11.68 17.30
N TYR G 47 -15.43 -11.22 18.16
CA TYR G 47 -15.78 -11.98 19.34
C TYR G 47 -17.17 -11.65 19.86
N SER G 48 -17.78 -12.62 20.54
CA SER G 48 -19.06 -12.39 21.20
C SER G 48 -18.81 -11.78 22.55
N LEU G 49 -19.52 -10.70 22.85
CA LEU G 49 -19.52 -10.16 24.20
C LEU G 49 -20.56 -10.86 25.07
N PHE G 50 -21.82 -10.76 24.62
CA PHE G 50 -22.98 -11.23 25.35
C PHE G 50 -23.85 -12.13 24.46
N SER G 51 -23.92 -13.41 24.78
CA SER G 51 -24.74 -14.36 24.00
C SER G 51 -25.97 -14.86 24.75
N TYR G 52 -27.14 -14.62 24.16
CA TYR G 52 -28.44 -14.92 24.76
C TYR G 52 -29.25 -15.75 23.77
N ASN G 53 -29.41 -17.04 24.06
CA ASN G 53 -30.17 -17.95 23.19
C ASN G 53 -31.37 -18.51 23.92
N THR G 54 -32.34 -18.99 23.17
CA THR G 54 -33.47 -19.68 23.77
C THR G 54 -33.70 -21.01 23.08
N GLN G 55 -34.55 -21.83 23.66
CA GLN G 55 -34.84 -23.13 23.07
C GLN G 55 -35.23 -22.97 21.62
N GLY G 56 -34.43 -23.55 20.73
CA GLY G 56 -34.74 -23.57 19.31
C GLY G 56 -34.37 -22.33 18.52
N ARG G 57 -33.79 -21.33 19.18
CA ARG G 57 -33.47 -20.09 18.48
C ARG G 57 -32.05 -19.63 18.78
N ASP G 58 -31.21 -19.71 17.76
CA ASP G 58 -29.85 -19.21 17.86
C ASP G 58 -29.87 -17.70 17.73
N ASN G 59 -28.87 -17.07 18.31
CA ASN G 59 -28.70 -15.63 18.23
C ASN G 59 -30.00 -14.88 18.45
N GLU G 60 -30.69 -15.18 19.54
CA GLU G 60 -31.92 -14.49 19.85
C GLU G 60 -31.62 -13.07 20.28
N LEU G 61 -30.59 -12.95 21.09
CA LEU G 61 -30.12 -11.64 21.48
C LEU G 61 -28.61 -11.75 21.64
N LEU G 62 -27.86 -11.07 20.78
CA LEU G 62 -26.42 -11.24 20.78
C LEU G 62 -25.71 -9.93 20.52
N VAL G 63 -24.82 -9.56 21.43
CA VAL G 63 -23.96 -8.40 21.23
C VAL G 63 -22.60 -8.91 20.80
N TYR G 64 -22.14 -8.45 19.64
CA TYR G 64 -21.02 -9.09 18.96
C TYR G 64 -20.12 -8.07 18.28
N LYS G 65 -18.84 -8.09 18.61
CA LYS G 65 -17.86 -7.16 18.05
C LYS G 65 -17.25 -7.70 16.75
N GLU G 66 -17.52 -7.03 15.64
CA GLU G 66 -17.09 -7.51 14.33
C GLU G 66 -15.60 -7.34 14.11
N ARG G 67 -15.11 -6.20 14.56
CA ARG G 67 -13.73 -5.79 14.34
C ARG G 67 -13.57 -4.47 15.09
N VAL G 68 -12.37 -3.91 15.11
CA VAL G 68 -12.19 -2.68 15.89
C VAL G 68 -13.10 -1.60 15.37
N GLY G 69 -13.93 -1.06 16.25
CA GLY G 69 -14.78 0.05 15.88
C GLY G 69 -16.13 -0.29 15.31
N GLU G 70 -16.50 -1.58 15.30
CA GLU G 70 -17.82 -1.99 14.82
C GLU G 70 -18.51 -2.89 15.81
N TYR G 71 -19.67 -2.45 16.29
CA TYR G 71 -20.49 -3.26 17.17
C TYR G 71 -21.76 -3.72 16.48
N SER G 72 -22.06 -5.02 16.59
CA SER G 72 -23.28 -5.58 16.01
C SER G 72 -24.26 -6.03 17.11
N LEU G 73 -25.54 -5.85 16.82
CA LEU G 73 -26.60 -6.40 17.66
C LEU G 73 -27.47 -7.34 16.86
N TYR G 74 -27.62 -8.56 17.36
CA TYR G 74 -28.53 -9.51 16.77
C TYR G 74 -29.80 -9.56 17.61
N ILE G 75 -30.95 -9.61 16.94
CA ILE G 75 -32.23 -9.77 17.58
C ILE G 75 -33.00 -10.78 16.75
N GLY G 76 -33.16 -11.99 17.25
CA GLY G 76 -33.85 -13.03 16.51
C GLY G 76 -33.19 -13.27 15.16
N ARG G 77 -31.89 -13.52 15.17
CA ARG G 77 -31.10 -13.84 13.99
C ARG G 77 -30.90 -12.66 13.03
N HIS G 78 -31.72 -11.62 13.11
CA HIS G 78 -31.49 -10.41 12.31
C HIS G 78 -30.39 -9.57 12.94
N LYS G 79 -29.62 -8.88 12.12
CA LYS G 79 -28.43 -8.22 12.59
C LYS G 79 -28.42 -6.77 12.23
N VAL G 80 -27.70 -5.98 13.01
CA VAL G 80 -27.60 -4.54 12.83
C VAL G 80 -26.24 -4.13 13.34
N THR G 81 -25.54 -3.26 12.61
CA THR G 81 -24.17 -2.90 12.97
C THR G 81 -23.97 -1.39 13.01
N SER G 82 -23.25 -0.89 14.01
CA SER G 82 -22.95 0.53 14.04
C SER G 82 -21.49 0.79 14.32
N LYS G 83 -20.97 1.87 13.76
CA LYS G 83 -19.55 2.16 13.86
C LYS G 83 -19.28 3.28 14.85
N VAL G 84 -18.05 3.29 15.37
CA VAL G 84 -17.60 4.34 16.29
C VAL G 84 -16.10 4.49 16.23
N ILE G 85 -15.61 5.68 16.53
CA ILE G 85 -14.17 5.87 16.61
C ILE G 85 -13.65 5.43 17.96
N GLU G 86 -12.79 4.43 18.00
CA GLU G 86 -12.19 4.07 19.27
C GLU G 86 -10.70 3.76 19.16
N LYS G 87 -10.01 3.90 20.29
CA LYS G 87 -8.61 3.56 20.37
C LYS G 87 -8.52 2.06 20.55
N PHE G 88 -7.34 1.50 20.30
CA PHE G 88 -7.16 0.07 20.49
C PHE G 88 -5.73 -0.32 20.81
N PRO G 89 -5.54 -1.20 21.80
CA PRO G 89 -6.63 -1.73 22.63
C PRO G 89 -7.02 -0.74 23.70
N ALA G 90 -8.28 -0.77 24.13
CA ALA G 90 -8.71 0.13 25.18
C ALA G 90 -9.94 -0.44 25.90
N PRO G 91 -10.11 -0.07 27.17
CA PRO G 91 -11.33 -0.38 27.90
C PRO G 91 -12.50 0.38 27.31
N VAL G 92 -13.66 -0.26 27.29
CA VAL G 92 -14.84 0.35 26.74
C VAL G 92 -16.02 0.09 27.65
N HIS G 93 -16.93 1.06 27.73
CA HIS G 93 -18.21 0.82 28.36
C HIS G 93 -19.28 0.78 27.28
N ILE G 94 -19.80 -0.42 27.04
CA ILE G 94 -20.82 -0.63 26.03
C ILE G 94 -22.19 -0.64 26.64
N CYS G 95 -23.15 -0.10 25.92
CA CYS G 95 -24.52 -0.07 26.38
C CYS G 95 -25.43 -0.05 25.18
N VAL G 96 -26.40 -0.96 25.17
CA VAL G 96 -27.27 -1.13 24.02
C VAL G 96 -28.72 -1.30 24.44
N SER G 97 -29.64 -0.63 23.77
CA SER G 97 -31.05 -0.79 24.08
C SER G 97 -31.83 -1.13 22.81
N TRP G 98 -33.00 -1.72 22.96
CA TRP G 98 -33.82 -2.06 21.81
C TRP G 98 -35.28 -2.02 22.18
N GLU G 99 -36.11 -1.52 21.28
CA GLU G 99 -37.49 -1.26 21.57
C GLU G 99 -38.34 -1.96 20.51
N SER G 100 -39.20 -2.88 20.91
CA SER G 100 -39.94 -3.66 19.90
C SER G 100 -40.86 -2.77 19.06
N SER G 101 -41.62 -1.92 19.72
CA SER G 101 -42.58 -1.07 19.03
C SER G 101 -41.98 -0.32 17.85
N SER G 102 -40.78 0.23 18.01
CA SER G 102 -40.16 0.98 16.93
C SER G 102 -39.12 0.14 16.18
N GLY G 103 -38.63 -0.91 16.82
CA GLY G 103 -37.57 -1.71 16.25
C GLY G 103 -36.19 -1.09 16.39
N ILE G 104 -36.12 0.11 16.98
CA ILE G 104 -34.86 0.85 17.07
C ILE G 104 -33.90 0.29 18.12
N ALA G 105 -32.64 0.15 17.73
CA ALA G 105 -31.59 -0.26 18.64
C ALA G 105 -30.57 0.87 18.73
N GLU G 106 -30.32 1.43 19.92
CA GLU G 106 -29.27 2.43 20.03
C GLU G 106 -28.11 1.84 20.79
N PHE G 107 -26.93 2.09 20.26
CA PHE G 107 -25.69 1.73 20.94
C PHE G 107 -25.10 2.96 21.61
N TRP G 108 -24.45 2.78 22.75
CA TRP G 108 -23.83 3.89 23.45
C TRP G 108 -22.44 3.47 23.94
N ILE G 109 -21.42 3.90 23.20
CA ILE G 109 -20.04 3.54 23.53
C ILE G 109 -19.33 4.61 24.35
N ASN G 110 -19.04 4.29 25.60
CA ASN G 110 -18.38 5.23 26.47
C ASN G 110 -19.19 6.50 26.59
N GLY G 111 -20.50 6.36 26.73
CA GLY G 111 -21.36 7.50 26.97
C GLY G 111 -21.68 8.31 25.72
N THR G 112 -21.17 7.85 24.57
CA THR G 112 -21.45 8.50 23.29
C THR G 112 -22.44 7.67 22.51
N PRO G 113 -23.49 8.30 21.96
CA PRO G 113 -24.46 7.53 21.17
C PRO G 113 -23.99 7.27 19.73
N LEU G 114 -24.13 6.03 19.27
CA LEU G 114 -23.85 5.73 17.89
C LEU G 114 -25.08 6.03 17.09
N VAL G 115 -25.01 5.82 15.78
CA VAL G 115 -26.17 6.02 14.95
C VAL G 115 -27.22 4.95 15.26
N LYS G 116 -28.48 5.37 15.39
CA LYS G 116 -29.55 4.42 15.68
C LYS G 116 -29.78 3.57 14.44
N LYS G 117 -30.07 2.30 14.62
CA LYS G 117 -30.47 1.45 13.51
C LYS G 117 -31.71 0.67 13.95
N GLY G 118 -32.40 0.06 13.00
CA GLY G 118 -33.64 -0.63 13.31
C GLY G 118 -33.73 -2.04 12.76
N LEU G 119 -34.48 -2.90 13.45
CA LEU G 119 -34.66 -4.28 13.05
C LEU G 119 -35.76 -4.92 13.86
N ARG G 120 -36.43 -5.90 13.27
CA ARG G 120 -37.37 -6.73 14.03
C ARG G 120 -38.50 -5.95 14.67
N GLN G 121 -38.93 -4.86 14.05
CA GLN G 121 -40.06 -4.11 14.59
C GLN G 121 -41.22 -5.07 14.81
N GLY G 122 -41.78 -5.07 16.01
CA GLY G 122 -42.93 -5.90 16.35
C GLY G 122 -42.59 -7.25 16.96
N TYR G 123 -41.31 -7.61 16.93
CA TYR G 123 -40.86 -8.91 17.40
C TYR G 123 -40.89 -8.96 18.92
N PHE G 124 -41.04 -10.15 19.46
CA PHE G 124 -40.88 -10.35 20.89
C PHE G 124 -39.72 -11.31 21.16
N VAL G 125 -38.69 -10.80 21.83
CA VAL G 125 -37.55 -11.63 22.24
C VAL G 125 -37.97 -12.76 23.18
N GLU G 126 -37.61 -14.00 22.85
CA GLU G 126 -38.10 -15.15 23.61
C GLU G 126 -37.57 -15.21 25.03
N ALA G 127 -38.30 -15.93 25.89
CA ALA G 127 -37.97 -15.97 27.31
C ALA G 127 -37.23 -17.26 27.72
N GLN G 128 -37.05 -17.44 29.02
CA GLN G 128 -36.32 -18.61 29.54
C GLN G 128 -35.06 -18.88 28.74
N PRO G 129 -34.13 -17.94 28.77
CA PRO G 129 -32.90 -18.03 27.98
C PRO G 129 -31.77 -18.74 28.71
N LYS G 130 -30.76 -19.11 27.93
CA LYS G 130 -29.45 -19.45 28.45
C LYS G 130 -28.57 -18.28 28.06
N ILE G 131 -27.93 -17.65 29.04
CA ILE G 131 -27.09 -16.48 28.76
C ILE G 131 -25.64 -16.81 29.05
N VAL G 132 -24.75 -16.43 28.14
CA VAL G 132 -23.36 -16.83 28.25
C VAL G 132 -22.36 -15.72 27.95
N LEU G 133 -21.45 -15.52 28.88
CA LEU G 133 -20.30 -14.65 28.70
C LEU G 133 -19.06 -15.48 28.30
N GLY G 134 -18.31 -14.99 27.32
CA GLY G 134 -17.02 -15.59 27.02
C GLY G 134 -17.03 -16.57 25.87
N GLN G 135 -18.21 -16.84 25.35
CA GLN G 135 -18.38 -17.75 24.22
C GLN G 135 -19.62 -17.35 23.47
N GLU G 136 -19.72 -17.81 22.22
CA GLU G 136 -20.93 -17.54 21.42
C GLU G 136 -21.68 -18.84 21.18
N GLN G 137 -22.92 -18.90 21.63
CA GLN G 137 -23.73 -20.10 21.52
C GLN G 137 -24.27 -20.28 20.11
N ASP G 138 -24.25 -21.53 19.65
CA ASP G 138 -24.89 -21.89 18.41
C ASP G 138 -25.91 -23.01 18.71
N SER G 139 -26.16 -23.23 19.99
CA SER G 139 -27.23 -24.13 20.44
C SER G 139 -27.90 -23.54 21.67
N TYR G 140 -28.70 -24.35 22.37
CA TYR G 140 -29.31 -23.89 23.62
C TYR G 140 -28.38 -24.09 24.81
N GLY G 141 -27.31 -23.30 24.87
CA GLY G 141 -26.41 -23.34 26.01
C GLY G 141 -25.04 -23.86 25.67
N GLY G 142 -24.80 -24.17 24.40
CA GLY G 142 -23.53 -24.73 24.00
C GLY G 142 -23.19 -24.65 22.52
N LYS G 143 -22.49 -25.68 22.05
CA LYS G 143 -21.93 -25.70 20.69
C LYS G 143 -21.23 -24.36 20.40
N PHE G 144 -20.13 -24.16 21.11
CA PHE G 144 -19.36 -22.93 21.03
C PHE G 144 -18.43 -22.94 19.83
N ASP G 145 -17.75 -21.81 19.62
CA ASP G 145 -16.79 -21.67 18.56
C ASP G 145 -15.60 -20.93 19.13
N ARG G 146 -14.43 -21.51 18.98
CA ARG G 146 -13.22 -20.96 19.58
C ARG G 146 -12.90 -19.60 19.00
N SER G 147 -13.11 -19.46 17.70
CA SER G 147 -12.69 -18.25 17.00
C SER G 147 -13.68 -17.12 17.18
N GLN G 148 -14.68 -17.33 18.04
CA GLN G 148 -15.59 -16.26 18.41
C GLN G 148 -15.53 -16.03 19.92
N SER G 149 -14.69 -16.79 20.61
CA SER G 149 -14.59 -16.70 22.07
C SER G 149 -14.06 -15.37 22.49
N PHE G 150 -14.44 -14.92 23.69
CA PHE G 150 -13.97 -13.66 24.21
C PHE G 150 -12.80 -13.89 25.16
N VAL G 151 -11.74 -13.09 24.99
CA VAL G 151 -10.56 -13.16 25.85
C VAL G 151 -10.22 -11.80 26.41
N GLY G 152 -10.40 -11.65 27.72
CA GLY G 152 -10.21 -10.35 28.34
C GLY G 152 -11.00 -10.25 29.62
N GLU G 153 -11.48 -9.06 29.94
CA GLU G 153 -12.14 -8.86 31.21
C GLU G 153 -13.51 -8.24 30.97
N ILE G 154 -14.50 -8.69 31.75
CA ILE G 154 -15.86 -8.11 31.71
C ILE G 154 -16.38 -7.84 33.12
N GLY G 155 -17.10 -6.74 33.29
CA GLY G 155 -17.65 -6.39 34.60
C GLY G 155 -18.71 -5.32 34.53
N ASP G 156 -19.26 -4.95 35.68
CA ASP G 156 -20.29 -3.91 35.75
C ASP G 156 -21.42 -4.15 34.75
N LEU G 157 -21.91 -5.39 34.72
CA LEU G 157 -22.97 -5.79 33.80
C LEU G 157 -24.35 -5.64 34.41
N TYR G 158 -25.24 -4.96 33.68
CA TYR G 158 -26.60 -4.71 34.15
C TYR G 158 -27.58 -4.88 32.99
N MET G 159 -28.78 -5.40 33.26
CA MET G 159 -29.78 -5.51 32.23
C MET G 159 -31.17 -5.18 32.75
N TRP G 160 -31.82 -4.22 32.11
CA TRP G 160 -33.19 -3.80 32.46
C TRP G 160 -34.22 -4.22 31.40
N ASP G 161 -35.46 -4.39 31.81
CA ASP G 161 -36.55 -4.77 30.88
C ASP G 161 -37.24 -3.56 30.28
N SER G 162 -36.57 -2.42 30.36
CA SER G 162 -37.07 -1.18 29.77
C SER G 162 -35.95 -0.50 29.01
N VAL G 163 -36.26 0.62 28.38
CA VAL G 163 -35.26 1.38 27.64
C VAL G 163 -34.83 2.59 28.44
N LEU G 164 -33.58 2.59 28.85
CA LEU G 164 -33.07 3.70 29.64
C LEU G 164 -32.99 4.98 28.83
N PRO G 165 -33.40 6.10 29.47
CA PRO G 165 -33.17 7.45 28.94
C PRO G 165 -31.69 7.73 28.93
N PRO G 166 -31.26 8.79 28.22
CA PRO G 166 -29.84 9.14 28.18
C PRO G 166 -29.29 9.43 29.57
N GLU G 167 -30.10 10.05 30.42
CA GLU G 167 -29.66 10.49 31.74
C GLU G 167 -29.21 9.29 32.56
N ASN G 168 -29.89 8.17 32.37
CA ASN G 168 -29.64 6.94 33.10
C ASN G 168 -28.49 6.12 32.53
N ILE G 169 -28.24 6.29 31.24
CA ILE G 169 -27.13 5.62 30.60
C ILE G 169 -25.84 6.27 31.07
N LEU G 170 -25.81 7.59 31.12
CA LEU G 170 -24.70 8.31 31.71
C LEU G 170 -24.41 7.86 33.14
N SER G 171 -25.47 7.68 33.93
CA SER G 171 -25.29 7.26 35.30
C SER G 171 -24.55 5.93 35.34
N ALA G 172 -24.92 5.02 34.47
CA ALA G 172 -24.30 3.70 34.44
C ALA G 172 -22.84 3.78 34.03
N TYR G 173 -22.58 4.60 33.03
CA TYR G 173 -21.23 4.83 32.54
C TYR G 173 -20.35 5.41 33.65
N GLN G 174 -20.93 6.28 34.48
CA GLN G 174 -20.16 6.94 35.52
C GLN G 174 -20.11 6.12 36.81
N GLY G 175 -20.65 4.90 36.77
CA GLY G 175 -20.53 3.97 37.88
C GLY G 175 -21.59 4.07 38.96
N THR G 176 -22.67 4.79 38.68
CA THR G 176 -23.78 4.91 39.64
C THR G 176 -25.11 4.52 39.00
N PRO G 177 -25.18 3.30 38.46
CA PRO G 177 -26.33 2.83 37.69
C PRO G 177 -27.59 2.64 38.53
N LEU G 178 -28.74 2.78 37.90
CA LEU G 178 -30.01 2.41 38.53
C LEU G 178 -30.05 0.92 38.76
N PRO G 179 -30.79 0.47 39.77
CA PRO G 179 -30.92 -0.98 39.99
C PRO G 179 -31.67 -1.68 38.83
N ALA G 180 -31.12 -2.82 38.39
CA ALA G 180 -31.63 -3.53 37.22
C ALA G 180 -32.44 -4.77 37.60
N ASN G 181 -33.44 -5.09 36.79
CA ASN G 181 -34.40 -6.15 37.13
C ASN G 181 -34.25 -7.44 36.32
N ILE G 182 -33.30 -7.49 35.40
CA ILE G 182 -33.06 -8.73 34.67
C ILE G 182 -31.71 -9.32 35.04
N LEU G 183 -30.67 -8.49 35.01
CA LEU G 183 -29.36 -8.90 35.50
C LEU G 183 -28.74 -7.77 36.31
N ASP G 184 -28.42 -8.02 37.57
CA ASP G 184 -27.77 -6.98 38.36
C ASP G 184 -26.42 -7.48 38.83
N TRP G 185 -25.39 -6.68 38.58
CA TRP G 185 -24.01 -7.04 38.93
C TRP G 185 -23.83 -7.16 40.45
N GLN G 186 -24.71 -6.57 41.21
CA GLN G 186 -24.53 -6.57 42.65
C GLN G 186 -25.35 -7.69 43.31
N ALA G 187 -26.16 -8.36 42.52
CA ALA G 187 -26.83 -9.58 42.96
C ALA G 187 -26.94 -10.49 41.76
N LEU G 188 -25.84 -11.15 41.45
CA LEU G 188 -25.74 -11.90 40.20
C LEU G 188 -25.79 -13.40 40.45
N ASN G 189 -26.56 -14.11 39.64
CA ASN G 189 -26.56 -15.57 39.71
C ASN G 189 -25.83 -16.12 38.52
N TYR G 190 -24.67 -16.72 38.79
CA TYR G 190 -23.78 -17.16 37.72
C TYR G 190 -23.09 -18.47 38.03
N GLU G 191 -22.83 -19.24 36.98
CA GLU G 191 -21.98 -20.43 37.08
C GLU G 191 -20.73 -20.17 36.26
N ILE G 192 -19.59 -20.57 36.79
CA ILE G 192 -18.33 -20.50 36.06
C ILE G 192 -17.99 -21.88 35.55
N ARG G 193 -17.77 -21.99 34.25
CA ARG G 193 -17.37 -23.25 33.66
C ARG G 193 -16.04 -23.03 32.97
N GLY G 194 -15.07 -23.86 33.31
CA GLY G 194 -13.75 -23.75 32.73
C GLY G 194 -12.80 -22.79 33.45
N TYR G 195 -11.91 -22.19 32.68
CA TYR G 195 -10.92 -21.27 33.22
C TYR G 195 -11.42 -19.85 33.18
N VAL G 196 -12.11 -19.44 34.23
CA VAL G 196 -12.48 -18.04 34.39
C VAL G 196 -12.15 -17.62 35.81
N ILE G 197 -11.45 -16.51 35.96
CA ILE G 197 -11.04 -16.04 37.28
C ILE G 197 -11.73 -14.73 37.60
N ILE G 198 -12.10 -14.57 38.86
CA ILE G 198 -12.63 -13.28 39.31
C ILE G 198 -11.53 -12.49 39.98
N LYS G 199 -11.31 -11.27 39.52
CA LYS G 199 -10.29 -10.41 40.07
C LYS G 199 -10.87 -9.01 40.28
N PRO G 200 -10.16 -8.18 41.05
CA PRO G 200 -10.61 -6.79 41.18
C PRO G 200 -10.47 -6.00 39.86
N LEU G 201 -11.36 -5.04 39.69
CA LEU G 201 -11.37 -4.21 38.50
C LEU G 201 -10.40 -3.07 38.69
N VAL G 202 -9.31 -3.07 37.93
CA VAL G 202 -8.25 -2.08 38.13
C VAL G 202 -8.10 -1.09 36.98
N TRP G 203 -9.00 -1.15 35.99
CA TRP G 203 -8.86 -0.34 34.78
C TRP G 203 -9.98 0.68 34.56
N VAL G 204 -10.78 0.90 35.59
CA VAL G 204 -11.58 2.11 35.65
C VAL G 204 -11.34 2.73 37.03
N HIS H 1 -35.55 -39.82 -10.47
CA HIS H 1 -34.30 -40.20 -11.19
C HIS H 1 -34.28 -39.48 -12.51
N THR H 2 -33.62 -38.33 -12.51
CA THR H 2 -33.57 -37.45 -13.66
C THR H 2 -32.14 -37.36 -14.19
N ASP H 3 -31.99 -37.51 -15.50
CA ASP H 3 -30.67 -37.42 -16.13
C ASP H 3 -30.29 -35.97 -16.46
N LEU H 4 -29.34 -35.42 -15.72
CA LEU H 4 -28.95 -34.03 -15.94
C LEU H 4 -27.68 -33.89 -16.78
N SER H 5 -27.32 -34.94 -17.51
CA SER H 5 -26.13 -34.88 -18.35
C SER H 5 -26.12 -33.61 -19.19
N GLY H 6 -25.04 -32.84 -19.07
CA GLY H 6 -24.87 -31.66 -19.88
C GLY H 6 -25.74 -30.50 -19.46
N LYS H 7 -26.31 -30.58 -18.27
CA LYS H 7 -27.07 -29.46 -17.73
C LYS H 7 -26.45 -29.02 -16.40
N VAL H 8 -26.82 -27.83 -15.93
CA VAL H 8 -26.37 -27.33 -14.63
C VAL H 8 -27.52 -26.68 -13.88
N PHE H 9 -27.37 -26.55 -12.56
CA PHE H 9 -28.27 -25.73 -11.79
C PHE H 9 -27.74 -24.33 -11.86
N VAL H 10 -28.62 -23.35 -12.00
CA VAL H 10 -28.22 -21.94 -12.01
C VAL H 10 -28.89 -21.23 -10.86
N PHE H 11 -28.09 -20.80 -9.89
CA PHE H 11 -28.58 -19.96 -8.80
C PHE H 11 -28.26 -18.53 -9.17
N PRO H 12 -29.25 -17.84 -9.77
CA PRO H 12 -28.96 -16.63 -10.56
C PRO H 12 -28.99 -15.33 -9.77
N ARG H 13 -29.21 -15.41 -8.47
CA ARG H 13 -29.18 -14.19 -7.67
C ARG H 13 -28.89 -14.52 -6.22
N GLU H 14 -28.33 -13.55 -5.49
CA GLU H 14 -28.10 -13.71 -4.06
C GLU H 14 -29.44 -13.69 -3.33
N SER H 15 -29.61 -14.59 -2.38
CA SER H 15 -30.88 -14.76 -1.72
C SER H 15 -30.71 -15.60 -0.48
N VAL H 16 -31.77 -15.72 0.30
CA VAL H 16 -31.77 -16.57 1.47
C VAL H 16 -32.84 -17.66 1.30
N THR H 17 -33.35 -17.80 0.09
CA THR H 17 -34.50 -18.64 -0.15
C THR H 17 -34.26 -19.66 -1.25
N ASP H 18 -33.60 -19.26 -2.34
CA ASP H 18 -33.31 -20.17 -3.44
C ASP H 18 -32.36 -21.28 -2.99
N HIS H 19 -32.68 -22.52 -3.34
CA HIS H 19 -31.82 -23.65 -3.03
C HIS H 19 -32.32 -24.95 -3.66
N VAL H 20 -31.49 -25.97 -3.67
CA VAL H 20 -31.91 -27.27 -4.18
C VAL H 20 -31.70 -28.32 -3.12
N ASN H 21 -32.68 -29.19 -2.94
CA ASN H 21 -32.53 -30.30 -2.03
C ASN H 21 -32.12 -31.54 -2.79
N LEU H 22 -31.01 -32.15 -2.39
CA LEU H 22 -30.61 -33.42 -2.94
C LEU H 22 -31.09 -34.54 -2.03
N ILE H 23 -31.64 -35.58 -2.66
CA ILE H 23 -32.25 -36.67 -1.93
C ILE H 23 -31.53 -37.99 -2.20
N THR H 24 -31.03 -38.61 -1.13
CA THR H 24 -30.43 -39.92 -1.25
C THR H 24 -31.00 -40.81 -0.16
N PRO H 25 -31.05 -42.12 -0.42
CA PRO H 25 -31.47 -43.07 0.64
C PRO H 25 -30.45 -43.17 1.80
N LEU H 26 -29.25 -43.63 1.48
CA LEU H 26 -28.15 -43.74 2.44
C LEU H 26 -28.49 -44.63 3.65
N GLU H 27 -28.91 -44.04 4.77
CA GLU H 27 -29.31 -44.79 5.97
C GLU H 27 -28.17 -45.48 6.75
N LYS H 28 -27.10 -45.88 6.07
CA LYS H 28 -25.91 -46.42 6.74
C LYS H 28 -24.84 -45.35 6.89
N PRO H 29 -24.36 -45.10 8.12
CA PRO H 29 -23.39 -44.04 8.38
C PRO H 29 -22.15 -44.12 7.48
N LEU H 30 -21.59 -42.96 7.14
CA LEU H 30 -20.52 -42.89 6.18
C LEU H 30 -19.15 -43.02 6.82
N GLN H 31 -18.36 -43.92 6.26
CA GLN H 31 -17.03 -44.21 6.79
C GLN H 31 -15.97 -43.61 5.87
N ASN H 32 -16.12 -43.89 4.59
CA ASN H 32 -15.30 -43.30 3.56
C ASN H 32 -16.22 -42.65 2.55
N PHE H 33 -15.72 -41.67 1.80
CA PHE H 33 -16.54 -41.04 0.77
C PHE H 33 -15.76 -40.09 -0.15
N THR H 34 -16.18 -40.00 -1.41
CA THR H 34 -15.63 -39.01 -2.34
C THR H 34 -16.76 -38.24 -2.94
N LEU H 35 -16.58 -36.93 -3.04
CA LEU H 35 -17.61 -36.06 -3.58
C LEU H 35 -16.94 -35.23 -4.66
N CYS H 36 -17.64 -34.97 -5.76
CA CYS H 36 -17.11 -34.03 -6.73
C CYS H 36 -18.17 -33.43 -7.64
N PHE H 37 -17.80 -32.32 -8.27
CA PHE H 37 -18.73 -31.49 -9.02
C PHE H 37 -18.00 -30.32 -9.71
N ARG H 38 -18.70 -29.62 -10.60
CA ARG H 38 -18.18 -28.42 -11.23
C ARG H 38 -18.95 -27.24 -10.77
N ALA H 39 -18.24 -26.13 -10.56
CA ALA H 39 -18.89 -24.90 -10.13
C ALA H 39 -18.29 -23.72 -10.85
N TYR H 40 -19.09 -22.69 -11.06
CA TYR H 40 -18.65 -21.50 -11.72
C TYR H 40 -19.35 -20.33 -11.06
N SER H 41 -18.58 -19.49 -10.36
CA SER H 41 -19.17 -18.35 -9.66
C SER H 41 -18.19 -17.21 -9.61
N ASP H 42 -18.70 -15.98 -9.65
CA ASP H 42 -17.82 -14.80 -9.53
C ASP H 42 -18.00 -14.05 -8.20
N LEU H 43 -18.31 -14.82 -7.16
CA LEU H 43 -18.45 -14.27 -5.82
C LEU H 43 -17.07 -14.15 -5.22
N SER H 44 -16.79 -13.03 -4.55
CA SER H 44 -15.48 -12.86 -3.94
C SER H 44 -15.55 -13.27 -2.48
N ARG H 45 -16.75 -13.19 -1.93
CA ARG H 45 -16.97 -13.56 -0.53
C ARG H 45 -17.02 -15.06 -0.35
N ALA H 46 -17.26 -15.47 0.89
CA ALA H 46 -17.33 -16.88 1.21
C ALA H 46 -18.65 -17.46 0.77
N TYR H 47 -18.68 -18.73 0.41
CA TYR H 47 -19.95 -19.38 0.12
C TYR H 47 -19.90 -20.88 0.33
N SER H 48 -21.06 -21.46 0.63
CA SER H 48 -21.17 -22.91 0.74
C SER H 48 -21.37 -23.48 -0.64
N LEU H 49 -20.61 -24.51 -0.97
CA LEU H 49 -20.87 -25.27 -2.19
C LEU H 49 -21.88 -26.38 -1.93
N PHE H 50 -21.51 -27.25 -1.00
CA PHE H 50 -22.25 -28.47 -0.68
C PHE H 50 -22.51 -28.57 0.83
N SER H 51 -23.76 -28.45 1.24
CA SER H 51 -24.11 -28.54 2.66
C SER H 51 -24.90 -29.79 3.02
N TYR H 52 -24.35 -30.57 3.94
CA TYR H 52 -24.88 -31.88 4.33
C TYR H 52 -25.04 -31.90 5.84
N ASN H 53 -26.27 -31.84 6.32
CA ASN H 53 -26.56 -31.86 7.76
C ASN H 53 -27.39 -33.06 8.14
N THR H 54 -27.37 -33.41 9.41
CA THR H 54 -28.23 -34.49 9.89
C THR H 54 -28.98 -34.02 11.12
N GLN H 55 -29.95 -34.80 11.53
CA GLN H 55 -30.73 -34.46 12.71
C GLN H 55 -29.80 -34.15 13.87
N GLY H 56 -29.87 -32.93 14.36
CA GLY H 56 -29.12 -32.52 15.55
C GLY H 56 -27.66 -32.17 15.34
N ARG H 57 -27.18 -32.22 14.10
CA ARG H 57 -25.78 -31.94 13.85
C ARG H 57 -25.60 -30.99 12.68
N ASP H 58 -25.15 -29.77 12.99
CA ASP H 58 -24.84 -28.80 11.97
C ASP H 58 -23.49 -29.16 11.36
N ASN H 59 -23.29 -28.73 10.13
CA ASN H 59 -22.04 -28.91 9.42
C ASN H 59 -21.46 -30.30 9.58
N GLU H 60 -22.27 -31.32 9.32
CA GLU H 60 -21.81 -32.68 9.43
C GLU H 60 -20.84 -32.98 8.32
N LEU H 61 -21.21 -32.53 7.13
CA LEU H 61 -20.33 -32.63 5.99
C LEU H 61 -20.56 -31.40 5.14
N LEU H 62 -19.56 -30.54 5.02
CA LEU H 62 -19.73 -29.26 4.36
C LEU H 62 -18.51 -28.90 3.57
N VAL H 63 -18.70 -28.62 2.29
CA VAL H 63 -17.62 -28.10 1.45
C VAL H 63 -17.88 -26.62 1.29
N TYR H 64 -16.89 -25.81 1.64
CA TYR H 64 -17.13 -24.38 1.81
C TYR H 64 -15.93 -23.56 1.36
N LYS H 65 -16.17 -22.60 0.46
CA LYS H 65 -15.12 -21.77 -0.08
C LYS H 65 -14.89 -20.50 0.75
N GLU H 66 -13.73 -20.39 1.38
CA GLU H 66 -13.45 -19.31 2.32
C GLU H 66 -13.27 -17.99 1.60
N ARG H 67 -12.56 -18.07 0.48
CA ARG H 67 -12.13 -16.90 -0.27
C ARG H 67 -11.41 -17.44 -1.49
N VAL H 68 -10.98 -16.58 -2.41
CA VAL H 68 -10.35 -17.08 -3.61
C VAL H 68 -9.12 -17.87 -3.26
N GLY H 69 -9.08 -19.12 -3.69
CA GLY H 69 -7.92 -19.96 -3.50
C GLY H 69 -7.88 -20.80 -2.25
N GLU H 70 -8.95 -20.76 -1.43
CA GLU H 70 -9.02 -21.55 -0.20
C GLU H 70 -10.29 -22.37 -0.12
N TYR H 71 -10.13 -23.69 -0.06
CA TYR H 71 -11.26 -24.59 0.11
C TYR H 71 -11.25 -25.24 1.48
N SER H 72 -12.38 -25.21 2.17
CA SER H 72 -12.50 -25.84 3.48
C SER H 72 -13.41 -27.05 3.41
N LEU H 73 -13.09 -28.06 4.23
CA LEU H 73 -13.98 -29.21 4.43
C LEU H 73 -14.34 -29.32 5.91
N TYR H 74 -15.63 -29.38 6.19
CA TYR H 74 -16.09 -29.64 7.54
C TYR H 74 -16.52 -31.10 7.65
N ILE H 75 -16.15 -31.75 8.74
CA ILE H 75 -16.61 -33.09 9.04
C ILE H 75 -17.00 -33.10 10.50
N GLY H 76 -18.29 -33.17 10.79
CA GLY H 76 -18.76 -33.14 12.16
C GLY H 76 -18.28 -31.91 12.89
N ARG H 77 -18.52 -30.73 12.30
CA ARG H 77 -18.18 -29.44 12.88
C ARG H 77 -16.70 -29.11 12.91
N HIS H 78 -15.83 -30.12 12.80
CA HIS H 78 -14.39 -29.86 12.68
C HIS H 78 -14.05 -29.43 11.27
N LYS H 79 -13.06 -28.56 11.14
CA LYS H 79 -12.78 -27.95 9.86
C LYS H 79 -11.35 -28.16 9.42
N VAL H 80 -11.13 -28.11 8.12
CA VAL H 80 -9.81 -28.30 7.53
C VAL H 80 -9.77 -27.48 6.26
N THR H 81 -8.68 -26.78 6.01
CA THR H 81 -8.60 -25.87 4.86
C THR H 81 -7.35 -26.07 4.04
N SER H 82 -7.47 -26.08 2.72
CA SER H 82 -6.29 -26.19 1.88
C SER H 82 -6.27 -25.16 0.78
N LYS H 83 -5.07 -24.74 0.39
CA LYS H 83 -4.92 -23.64 -0.56
C LYS H 83 -4.51 -24.14 -1.91
N VAL H 84 -4.84 -23.36 -2.94
CA VAL H 84 -4.44 -23.66 -4.31
C VAL H 84 -4.34 -22.39 -5.14
N ILE H 85 -3.49 -22.41 -6.15
CA ILE H 85 -3.42 -21.28 -7.05
C ILE H 85 -4.53 -21.35 -8.09
N GLU H 86 -5.44 -20.39 -8.11
CA GLU H 86 -6.43 -20.38 -9.18
C GLU H 86 -6.68 -18.99 -9.73
N LYS H 87 -7.16 -18.95 -10.96
CA LYS H 87 -7.57 -17.71 -11.60
C LYS H 87 -8.94 -17.34 -11.09
N PHE H 88 -9.32 -16.09 -11.28
CA PHE H 88 -10.64 -15.66 -10.82
C PHE H 88 -11.18 -14.48 -11.63
N PRO H 89 -12.46 -14.58 -12.03
CA PRO H 89 -13.32 -15.73 -11.76
C PRO H 89 -13.03 -16.82 -12.78
N ALA H 90 -13.25 -18.07 -12.42
CA ALA H 90 -13.01 -19.17 -13.35
C ALA H 90 -13.82 -20.38 -12.97
N PRO H 91 -14.17 -21.20 -13.96
CA PRO H 91 -14.80 -22.49 -13.69
C PRO H 91 -13.82 -23.42 -13.01
N VAL H 92 -14.31 -24.22 -12.08
CA VAL H 92 -13.44 -25.13 -11.34
C VAL H 92 -14.10 -26.50 -11.28
N HIS H 93 -13.29 -27.54 -11.27
CA HIS H 93 -13.78 -28.86 -10.95
C HIS H 93 -13.21 -29.27 -9.61
N ILE H 94 -14.07 -29.30 -8.61
CA ILE H 94 -13.67 -29.63 -7.26
C ILE H 94 -13.95 -31.09 -6.98
N CYS H 95 -13.11 -31.70 -6.17
CA CYS H 95 -13.28 -33.08 -5.81
C CYS H 95 -12.62 -33.30 -4.47
N VAL H 96 -13.35 -33.89 -3.53
CA VAL H 96 -12.85 -34.04 -2.17
C VAL H 96 -13.18 -35.44 -1.62
N SER H 97 -12.22 -36.06 -0.95
CA SER H 97 -12.46 -37.38 -0.37
C SER H 97 -12.02 -37.36 1.08
N TRP H 98 -12.56 -38.29 1.86
CA TRP H 98 -12.23 -38.35 3.28
C TRP H 98 -12.36 -39.79 3.76
N GLU H 99 -11.44 -40.19 4.61
CA GLU H 99 -11.32 -41.58 5.03
C GLU H 99 -11.32 -41.62 6.53
N SER H 100 -12.28 -42.30 7.14
CA SER H 100 -12.37 -42.28 8.60
C SER H 100 -11.15 -42.89 9.26
N SER H 101 -10.74 -44.05 8.80
CA SER H 101 -9.61 -44.77 9.40
C SER H 101 -8.39 -43.89 9.58
N SER H 102 -8.04 -43.09 8.59
CA SER H 102 -6.86 -42.24 8.68
C SER H 102 -7.19 -40.81 9.03
N GLY H 103 -8.44 -40.42 8.79
CA GLY H 103 -8.87 -39.06 9.03
C GLY H 103 -8.45 -38.11 7.92
N ILE H 104 -7.75 -38.63 6.92
CA ILE H 104 -7.24 -37.79 5.84
C ILE H 104 -8.29 -37.33 4.83
N ALA H 105 -8.26 -36.05 4.52
CA ALA H 105 -9.13 -35.49 3.50
C ALA H 105 -8.26 -34.93 2.39
N GLU H 106 -8.42 -35.42 1.15
CA GLU H 106 -7.66 -34.83 0.05
C GLU H 106 -8.59 -34.05 -0.82
N PHE H 107 -8.14 -32.87 -1.21
CA PHE H 107 -8.84 -32.03 -2.15
C PHE H 107 -8.16 -32.15 -3.49
N TRP H 108 -8.93 -32.05 -4.57
CA TRP H 108 -8.40 -32.15 -5.90
C TRP H 108 -9.04 -31.10 -6.78
N ILE H 109 -8.33 -30.00 -7.01
CA ILE H 109 -8.86 -28.89 -7.81
C ILE H 109 -8.41 -28.92 -9.26
N ASN H 110 -9.36 -29.17 -10.16
CA ASN H 110 -9.05 -29.25 -11.57
C ASN H 110 -8.01 -30.34 -11.82
N GLY H 111 -8.16 -31.48 -11.13
CA GLY H 111 -7.28 -32.60 -11.38
C GLY H 111 -5.92 -32.49 -10.70
N THR H 112 -5.71 -31.41 -9.95
CA THR H 112 -4.49 -31.22 -9.20
C THR H 112 -4.74 -31.47 -7.72
N PRO H 113 -3.88 -32.28 -7.08
CA PRO H 113 -4.08 -32.54 -5.65
C PRO H 113 -3.55 -31.44 -4.75
N LEU H 114 -4.37 -31.00 -3.80
CA LEU H 114 -3.89 -30.05 -2.82
C LEU H 114 -3.17 -30.80 -1.73
N VAL H 115 -2.66 -30.09 -0.73
CA VAL H 115 -2.02 -30.75 0.38
C VAL H 115 -3.05 -31.52 1.20
N LYS H 116 -2.74 -32.76 1.57
CA LYS H 116 -3.65 -33.56 2.38
C LYS H 116 -3.70 -32.95 3.78
N LYS H 117 -4.88 -32.97 4.40
CA LYS H 117 -4.99 -32.58 5.79
C LYS H 117 -5.84 -33.62 6.49
N GLY H 118 -5.87 -33.61 7.82
CA GLY H 118 -6.55 -34.64 8.56
C GLY H 118 -7.44 -34.11 9.65
N LEU H 119 -8.49 -34.86 9.95
CA LEU H 119 -9.46 -34.46 10.97
C LEU H 119 -10.40 -35.62 11.26
N ARG H 120 -10.92 -35.65 12.49
CA ARG H 120 -11.97 -36.59 12.82
C ARG H 120 -11.59 -38.05 12.58
N GLN H 121 -10.33 -38.40 12.77
CA GLN H 121 -9.94 -39.80 12.66
C GLN H 121 -10.82 -40.63 13.56
N GLY H 122 -11.46 -41.66 12.99
CA GLY H 122 -12.28 -42.58 13.74
C GLY H 122 -13.76 -42.24 13.75
N TYR H 123 -14.10 -41.05 13.26
CA TYR H 123 -15.46 -40.55 13.29
C TYR H 123 -16.31 -41.27 12.26
N PHE H 124 -17.61 -41.34 12.51
CA PHE H 124 -18.55 -41.81 11.50
C PHE H 124 -19.53 -40.71 11.16
N VAL H 125 -19.50 -40.27 9.90
CA VAL H 125 -20.45 -39.27 9.40
C VAL H 125 -21.89 -39.78 9.46
N GLU H 126 -22.77 -39.02 10.09
CA GLU H 126 -24.13 -39.49 10.34
C GLU H 126 -24.97 -39.69 9.08
N ALA H 127 -26.00 -40.51 9.19
CA ALA H 127 -26.81 -40.89 8.04
C ALA H 127 -28.13 -40.13 7.96
N GLN H 128 -28.98 -40.51 7.00
CA GLN H 128 -30.28 -39.85 6.79
C GLN H 128 -30.13 -38.34 6.83
N PRO H 129 -29.38 -37.80 5.87
CA PRO H 129 -29.07 -36.38 5.83
C PRO H 129 -30.09 -35.57 5.05
N LYS H 130 -30.03 -34.26 5.24
CA LYS H 130 -30.65 -33.31 4.35
C LYS H 130 -29.47 -32.69 3.62
N ILE H 131 -29.48 -32.75 2.28
CA ILE H 131 -28.37 -32.20 1.51
C ILE H 131 -28.85 -31.01 0.68
N VAL H 132 -28.08 -29.92 0.70
CA VAL H 132 -28.53 -28.69 0.06
C VAL H 132 -27.47 -27.99 -0.75
N LEU H 133 -27.83 -27.70 -2.01
CA LEU H 133 -27.02 -26.86 -2.89
C LEU H 133 -27.54 -25.42 -2.88
N GLY H 134 -26.63 -24.45 -2.81
CA GLY H 134 -27.03 -23.07 -2.99
C GLY H 134 -27.27 -22.29 -1.71
N GLN H 135 -27.18 -22.99 -0.58
CA GLN H 135 -27.35 -22.37 0.72
C GLN H 135 -26.55 -23.17 1.71
N GLU H 136 -26.27 -22.56 2.87
CA GLU H 136 -25.60 -23.27 3.95
C GLU H 136 -26.58 -23.49 5.11
N GLN H 137 -26.82 -24.75 5.47
CA GLN H 137 -27.74 -25.06 6.55
C GLN H 137 -27.13 -24.85 7.94
N ASP H 138 -27.94 -24.29 8.83
CA ASP H 138 -27.57 -24.17 10.23
C ASP H 138 -28.62 -24.88 11.07
N SER H 139 -29.49 -25.63 10.39
CA SER H 139 -30.45 -26.52 11.05
C SER H 139 -30.58 -27.81 10.26
N TYR H 140 -31.61 -28.60 10.55
CA TYR H 140 -31.86 -29.81 9.77
C TYR H 140 -32.70 -29.51 8.52
N GLY H 141 -32.08 -28.85 7.55
CA GLY H 141 -32.74 -28.59 6.29
C GLY H 141 -33.05 -27.13 6.04
N GLY H 142 -32.66 -26.27 6.98
CA GLY H 142 -32.97 -24.85 6.84
C GLY H 142 -32.12 -23.90 7.68
N LYS H 143 -32.77 -22.83 8.11
CA LYS H 143 -32.09 -21.73 8.80
C LYS H 143 -30.83 -21.34 8.02
N PHE H 144 -31.07 -20.78 6.83
CA PHE H 144 -30.02 -20.40 5.92
C PHE H 144 -29.42 -19.05 6.28
N ASP H 145 -28.38 -18.66 5.56
CA ASP H 145 -27.74 -17.38 5.75
C ASP H 145 -27.45 -16.83 4.37
N ARG H 146 -27.88 -15.60 4.14
CA ARG H 146 -27.78 -15.01 2.83
C ARG H 146 -26.33 -14.81 2.44
N SER H 147 -25.52 -14.43 3.40
CA SER H 147 -24.14 -14.06 3.10
C SER H 147 -23.25 -15.27 2.96
N GLN H 148 -23.84 -16.47 2.94
CA GLN H 148 -23.10 -17.69 2.67
C GLN H 148 -23.70 -18.40 1.47
N SER H 149 -24.72 -17.80 0.89
CA SER H 149 -25.42 -18.44 -0.23
C SER H 149 -24.52 -18.50 -1.44
N PHE H 150 -24.77 -19.49 -2.29
CA PHE H 150 -24.00 -19.66 -3.50
C PHE H 150 -24.75 -19.06 -4.68
N VAL H 151 -24.02 -18.28 -5.49
CA VAL H 151 -24.57 -17.64 -6.69
C VAL H 151 -23.73 -17.99 -7.92
N GLY H 152 -24.30 -18.78 -8.80
CA GLY H 152 -23.55 -19.22 -9.95
C GLY H 152 -24.12 -20.52 -10.48
N GLU H 153 -23.26 -21.36 -11.01
CA GLU H 153 -23.71 -22.57 -11.66
C GLU H 153 -23.03 -23.78 -11.05
N ILE H 154 -23.77 -24.88 -10.88
CA ILE H 154 -23.22 -26.15 -10.42
C ILE H 154 -23.72 -27.31 -11.26
N GLY H 155 -22.83 -28.26 -11.53
CA GLY H 155 -23.21 -29.42 -12.33
C GLY H 155 -22.23 -30.57 -12.22
N ASP H 156 -22.50 -31.66 -12.92
CA ASP H 156 -21.62 -32.84 -12.91
C ASP H 156 -21.27 -33.27 -11.49
N LEU H 157 -22.28 -33.35 -10.63
CA LEU H 157 -22.12 -33.73 -9.23
C LEU H 157 -22.27 -35.24 -9.02
N TYR H 158 -21.27 -35.83 -8.36
CA TYR H 158 -21.26 -37.27 -8.07
C TYR H 158 -20.75 -37.52 -6.66
N MET H 159 -21.30 -38.53 -5.98
CA MET H 159 -20.82 -38.87 -4.65
C MET H 159 -20.77 -40.37 -4.44
N TRP H 160 -19.58 -40.88 -4.08
CA TRP H 160 -19.36 -42.30 -3.82
C TRP H 160 -19.11 -42.58 -2.33
N ASP H 161 -19.45 -43.78 -1.88
CA ASP H 161 -19.26 -44.17 -0.48
C ASP H 161 -17.88 -44.79 -0.25
N SER H 162 -16.98 -44.54 -1.20
CA SER H 162 -15.60 -45.02 -1.10
C SER H 162 -14.66 -43.88 -1.47
N VAL H 163 -13.36 -44.13 -1.38
CA VAL H 163 -12.37 -43.12 -1.72
C VAL H 163 -11.77 -43.43 -3.07
N LEU H 164 -12.01 -42.56 -4.03
CA LEU H 164 -11.53 -42.81 -5.36
C LEU H 164 -10.01 -42.71 -5.43
N PRO H 165 -9.39 -43.63 -6.17
CA PRO H 165 -7.97 -43.53 -6.55
C PRO H 165 -7.76 -42.34 -7.45
N PRO H 166 -6.51 -41.93 -7.67
CA PRO H 166 -6.25 -40.78 -8.56
C PRO H 166 -6.77 -41.03 -9.98
N GLU H 167 -6.66 -42.27 -10.44
CA GLU H 167 -7.00 -42.61 -11.81
C GLU H 167 -8.46 -42.30 -12.08
N ASN H 168 -9.28 -42.52 -11.06
CA ASN H 168 -10.72 -42.33 -11.14
C ASN H 168 -11.15 -40.89 -10.97
N ILE H 169 -10.35 -40.12 -10.24
CA ILE H 169 -10.60 -38.70 -10.06
C ILE H 169 -10.34 -37.99 -11.39
N LEU H 170 -9.26 -38.34 -12.05
CA LEU H 170 -8.99 -37.82 -13.39
C LEU H 170 -10.14 -38.13 -14.35
N SER H 171 -10.67 -39.35 -14.27
CA SER H 171 -11.76 -39.73 -15.16
C SER H 171 -12.94 -38.79 -14.96
N ALA H 172 -13.23 -38.45 -13.71
CA ALA H 172 -14.36 -37.58 -13.41
C ALA H 172 -14.12 -36.17 -13.92
N TYR H 173 -12.89 -35.71 -13.73
CA TYR H 173 -12.49 -34.39 -14.20
C TYR H 173 -12.61 -34.29 -15.72
N GLN H 174 -12.30 -35.39 -16.41
CA GLN H 174 -12.33 -35.39 -17.87
C GLN H 174 -13.71 -35.73 -18.43
N GLY H 175 -14.70 -35.86 -17.55
CA GLY H 175 -16.08 -36.02 -17.98
C GLY H 175 -16.52 -37.46 -18.22
N THR H 176 -15.73 -38.43 -17.78
CA THR H 176 -16.09 -39.84 -17.94
C THR H 176 -16.04 -40.58 -16.58
N PRO H 177 -16.80 -40.08 -15.60
CA PRO H 177 -16.75 -40.60 -14.23
C PRO H 177 -17.32 -42.00 -14.08
N LEU H 178 -16.82 -42.73 -13.09
CA LEU H 178 -17.42 -44.00 -12.70
C LEU H 178 -18.80 -43.75 -12.13
N PRO H 179 -19.69 -44.74 -12.25
CA PRO H 179 -21.04 -44.59 -11.68
C PRO H 179 -21.00 -44.50 -10.13
N ALA H 180 -21.75 -43.55 -9.58
CA ALA H 180 -21.73 -43.25 -8.15
C ALA H 180 -22.94 -43.80 -7.41
N ASN H 181 -22.74 -44.18 -6.16
CA ASN H 181 -23.79 -44.89 -5.42
C ASN H 181 -24.45 -44.07 -4.32
N ILE H 182 -24.04 -42.83 -4.15
CA ILE H 182 -24.70 -41.98 -3.17
C ILE H 182 -25.45 -40.85 -3.86
N LEU H 183 -24.78 -40.17 -4.78
CA LEU H 183 -25.44 -39.17 -5.63
C LEU H 183 -24.91 -39.31 -7.06
N ASP H 184 -25.81 -39.54 -8.01
CA ASP H 184 -25.39 -39.63 -9.40
C ASP H 184 -26.11 -38.57 -10.22
N TRP H 185 -25.34 -37.78 -10.95
CA TRP H 185 -25.87 -36.68 -11.76
C TRP H 185 -26.77 -37.18 -12.88
N GLN H 186 -26.63 -38.44 -13.24
CA GLN H 186 -27.41 -38.96 -14.35
C GLN H 186 -28.67 -39.68 -13.87
N ALA H 187 -28.80 -39.86 -12.56
CA ALA H 187 -30.04 -40.31 -11.96
C ALA H 187 -30.16 -39.60 -10.63
N LEU H 188 -30.62 -38.36 -10.67
CA LEU H 188 -30.59 -37.51 -9.49
C LEU H 188 -31.99 -37.29 -8.95
N ASN H 189 -32.14 -37.38 -7.63
CA ASN H 189 -33.41 -37.04 -7.01
C ASN H 189 -33.28 -35.72 -6.30
N TYR H 190 -33.97 -34.70 -6.81
CA TYR H 190 -33.79 -33.35 -6.31
C TYR H 190 -35.09 -32.59 -6.26
N GLU H 191 -35.21 -31.67 -5.31
CA GLU H 191 -36.29 -30.70 -5.27
C GLU H 191 -35.69 -29.33 -5.48
N ILE H 192 -36.37 -28.51 -6.28
CA ILE H 192 -35.96 -27.12 -6.44
C ILE H 192 -36.87 -26.24 -5.62
N ARG H 193 -36.28 -25.43 -4.75
CA ARG H 193 -37.03 -24.48 -3.96
C ARG H 193 -36.53 -23.10 -4.27
N GLY H 194 -37.44 -22.20 -4.63
CA GLY H 194 -37.06 -20.85 -4.98
C GLY H 194 -36.66 -20.64 -6.42
N TYR H 195 -35.78 -19.67 -6.63
CA TYR H 195 -35.34 -19.30 -7.97
C TYR H 195 -34.09 -20.07 -8.34
N VAL H 196 -34.28 -21.25 -8.91
CA VAL H 196 -33.18 -21.99 -9.50
C VAL H 196 -33.59 -22.48 -10.88
N ILE H 197 -32.73 -22.26 -11.86
CA ILE H 197 -33.06 -22.62 -13.23
C ILE H 197 -32.09 -23.70 -13.69
N ILE H 198 -32.60 -24.65 -14.46
CA ILE H 198 -31.73 -25.62 -15.11
C ILE H 198 -31.47 -25.20 -16.55
N LYS H 199 -30.19 -25.11 -16.89
CA LYS H 199 -29.77 -24.72 -18.23
C LYS H 199 -28.67 -25.64 -18.71
N PRO H 200 -28.39 -25.62 -20.02
CA PRO H 200 -27.27 -26.42 -20.53
C PRO H 200 -25.93 -25.88 -20.05
N LEU H 201 -25.00 -26.81 -19.88
CA LEU H 201 -23.66 -26.47 -19.42
C LEU H 201 -22.82 -26.02 -20.62
N VAL H 202 -22.47 -24.74 -20.64
CA VAL H 202 -21.77 -24.18 -21.80
C VAL H 202 -20.32 -23.77 -21.52
N TRP H 203 -19.83 -24.07 -20.31
CA TRP H 203 -18.50 -23.61 -19.90
C TRP H 203 -17.48 -24.72 -19.63
N VAL H 204 -17.80 -25.93 -20.04
CA VAL H 204 -16.77 -26.94 -20.22
C VAL H 204 -16.99 -27.53 -21.60
N HIS I 1 26.64 -5.91 47.08
CA HIS I 1 25.49 -5.01 47.37
C HIS I 1 25.89 -3.61 47.00
N THR I 2 25.51 -3.23 45.79
CA THR I 2 25.88 -1.96 45.22
C THR I 2 24.63 -1.12 44.99
N ASP I 3 24.67 0.16 45.38
CA ASP I 3 23.55 1.07 45.20
C ASP I 3 23.58 1.76 43.82
N LEU I 4 22.67 1.37 42.94
CA LEU I 4 22.66 1.93 41.61
C LEU I 4 21.64 3.05 41.45
N SER I 5 21.21 3.65 42.56
CA SER I 5 20.23 4.71 42.48
C SER I 5 20.65 5.75 41.46
N GLY I 6 19.76 6.03 40.51
CA GLY I 6 20.00 7.08 39.53
C GLY I 6 21.04 6.70 38.48
N LYS I 7 21.34 5.42 38.37
CA LYS I 7 22.23 4.94 37.33
C LYS I 7 21.49 3.91 36.47
N VAL I 8 22.05 3.59 35.30
CA VAL I 8 21.51 2.54 34.44
C VAL I 8 22.64 1.69 33.88
N PHE I 9 22.28 0.49 33.42
CA PHE I 9 23.19 -0.29 32.61
C PHE I 9 22.99 0.17 31.18
N VAL I 10 24.09 0.31 30.44
CA VAL I 10 24.02 0.67 29.03
C VAL I 10 24.63 -0.43 28.17
N PHE I 11 23.78 -1.12 27.41
CA PHE I 11 24.24 -2.11 26.45
C PHE I 11 24.34 -1.39 25.14
N PRO I 12 25.54 -0.93 24.79
CA PRO I 12 25.69 0.09 23.76
C PRO I 12 25.86 -0.41 22.34
N ARG I 13 25.81 -1.72 22.13
CA ARG I 13 25.92 -2.25 20.77
C ARG I 13 25.31 -3.63 20.70
N GLU I 14 24.88 -4.02 19.50
CA GLU I 14 24.35 -5.35 19.30
C GLU I 14 25.49 -6.32 19.33
N SER I 15 25.27 -7.44 20.01
CA SER I 15 26.33 -8.41 20.25
C SER I 15 25.76 -9.72 20.75
N VAL I 16 26.61 -10.72 20.86
CA VAL I 16 26.20 -11.99 21.40
C VAL I 16 27.01 -12.28 22.67
N THR I 17 27.68 -11.26 23.18
CA THR I 17 28.64 -11.46 24.25
C THR I 17 28.39 -10.54 25.44
N ASP I 18 28.00 -9.30 25.17
CA ASP I 18 27.73 -8.34 26.25
C ASP I 18 26.49 -8.76 27.03
N HIS I 19 26.58 -8.74 28.35
CA HIS I 19 25.44 -9.06 29.20
C HIS I 19 25.75 -8.82 30.67
N VAL I 20 24.71 -8.84 31.50
CA VAL I 20 24.88 -8.69 32.94
C VAL I 20 24.25 -9.85 33.67
N ASN I 21 24.97 -10.44 34.61
CA ASN I 21 24.41 -11.48 35.44
C ASN I 21 23.85 -10.88 36.71
N LEU I 22 22.59 -11.13 37.01
CA LEU I 22 22.03 -10.74 38.29
C LEU I 22 22.05 -11.94 39.23
N ILE I 23 22.46 -11.67 40.47
CA ILE I 23 22.66 -12.72 41.45
C ILE I 23 21.72 -12.56 42.63
N THR I 24 20.90 -13.59 42.87
CA THR I 24 20.04 -13.60 44.03
C THR I 24 20.20 -14.93 44.75
N PRO I 25 20.01 -14.95 46.06
CA PRO I 25 19.99 -16.23 46.79
C PRO I 25 18.79 -17.11 46.41
N LEU I 26 17.59 -16.62 46.70
CA LEU I 26 16.33 -17.31 46.39
C LEU I 26 16.21 -18.73 47.03
N GLU I 27 16.54 -19.78 46.27
CA GLU I 27 16.54 -21.16 46.79
C GLU I 27 15.15 -21.77 47.06
N LYS I 28 14.16 -20.95 47.42
CA LYS I 28 12.78 -21.42 47.55
C LYS I 28 11.96 -21.11 46.29
N PRO I 29 11.34 -22.13 45.67
CA PRO I 29 10.60 -21.95 44.41
C PRO I 29 9.56 -20.84 44.46
N LEU I 30 9.38 -20.14 43.35
CA LEU I 30 8.53 -18.96 43.32
C LEU I 30 7.08 -19.28 43.04
N GLN I 31 6.21 -18.75 43.88
CA GLN I 31 4.79 -19.01 43.78
C GLN I 31 4.08 -17.77 43.23
N ASN I 32 4.32 -16.63 43.85
CA ASN I 32 3.88 -15.35 43.34
C ASN I 32 5.11 -14.51 43.10
N PHE I 33 5.03 -13.46 42.30
CA PHE I 33 6.15 -12.55 42.10
C PHE I 33 5.77 -11.32 41.28
N THR I 34 6.43 -10.19 41.57
CA THR I 34 6.32 -8.98 40.76
C THR I 34 7.70 -8.50 40.36
N LEU I 35 7.84 -8.12 39.09
CA LEU I 35 9.11 -7.68 38.55
C LEU I 35 8.87 -6.34 37.91
N CYS I 36 9.81 -5.41 38.02
CA CYS I 36 9.66 -4.16 37.27
C CYS I 36 10.97 -3.41 37.10
N PHE I 37 10.99 -2.57 36.07
CA PHE I 37 12.22 -1.88 35.69
C PHE I 37 11.92 -0.84 34.60
N ARG I 38 12.89 0.00 34.29
CA ARG I 38 12.78 0.94 33.19
C ARG I 38 13.69 0.51 32.07
N ALA I 39 13.26 0.70 30.83
CA ALA I 39 14.09 0.38 29.69
C ALA I 39 13.94 1.46 28.63
N TYR I 40 14.97 1.65 27.83
CA TYR I 40 14.92 2.63 26.76
C TYR I 40 15.74 2.08 25.62
N SER I 41 15.07 1.72 24.53
CA SER I 41 15.77 1.15 23.37
C SER I 41 15.09 1.54 22.10
N ASP I 42 15.86 1.71 21.02
CA ASP I 42 15.27 2.01 19.70
C ASP I 42 15.37 0.85 18.71
N LEU I 43 15.31 -0.37 19.24
CA LEU I 43 15.31 -1.57 18.41
C LEU I 43 13.90 -1.80 17.91
N SER I 44 13.76 -2.16 16.64
CA SER I 44 12.45 -2.42 16.09
C SER I 44 12.16 -3.90 16.13
N ARG I 45 13.23 -4.70 16.15
CA ARG I 45 13.08 -6.15 16.23
C ARG I 45 12.75 -6.60 17.64
N ALA I 46 12.67 -7.92 17.80
CA ALA I 46 12.38 -8.52 19.10
C ALA I 46 13.60 -8.53 19.96
N TYR I 47 13.40 -8.45 21.28
CA TYR I 47 14.51 -8.57 22.20
C TYR I 47 14.07 -9.05 23.56
N SER I 48 14.99 -9.69 24.27
CA SER I 48 14.73 -10.11 25.65
C SER I 48 15.04 -8.95 26.55
N LEU I 49 14.12 -8.64 27.47
CA LEU I 49 14.43 -7.67 28.52
C LEU I 49 15.09 -8.37 29.69
N PHE I 50 14.37 -9.33 30.26
CA PHE I 50 14.74 -10.04 31.49
C PHE I 50 14.69 -11.56 31.26
N SER I 51 15.84 -12.23 31.29
CA SER I 51 15.91 -13.69 31.12
C SER I 51 16.31 -14.44 32.38
N TYR I 52 15.42 -15.32 32.81
CA TYR I 52 15.58 -16.08 34.06
C TYR I 52 15.43 -17.59 33.77
N ASN I 53 16.55 -18.30 33.81
CA ASN I 53 16.56 -19.74 33.54
C ASN I 53 16.99 -20.50 34.76
N THR I 54 16.67 -21.79 34.78
CA THR I 54 17.16 -22.66 35.84
C THR I 54 17.75 -23.92 35.26
N GLN I 55 18.42 -24.70 36.10
CA GLN I 55 19.03 -25.93 35.63
C GLN I 55 18.00 -26.76 34.89
N GLY I 56 18.27 -26.99 33.60
CA GLY I 56 17.44 -27.87 32.80
C GLY I 56 16.16 -27.26 32.26
N ARG I 57 15.92 -25.99 32.52
CA ARG I 57 14.69 -25.38 32.07
C ARG I 57 14.95 -24.03 31.39
N ASP I 58 14.75 -24.00 30.08
CA ASP I 58 14.85 -22.76 29.31
C ASP I 58 13.59 -21.95 29.54
N ASN I 59 13.72 -20.64 29.39
CA ASN I 59 12.62 -19.72 29.49
C ASN I 59 11.72 -20.04 30.67
N GLU I 60 12.30 -20.14 31.86
CA GLU I 60 11.52 -20.43 33.05
C GLU I 60 10.74 -19.19 33.42
N LEU I 61 11.41 -18.06 33.34
CA LEU I 61 10.75 -16.78 33.55
C LEU I 61 11.40 -15.79 32.61
N LEU I 62 10.65 -15.29 31.63
CA LEU I 62 11.23 -14.44 30.60
C LEU I 62 10.28 -13.34 30.20
N VAL I 63 10.75 -12.10 30.30
CA VAL I 63 10.00 -10.96 29.78
C VAL I 63 10.64 -10.58 28.46
N TYR I 64 9.83 -10.54 27.40
CA TYR I 64 10.34 -10.51 26.04
C TYR I 64 9.47 -9.66 25.15
N LYS I 65 10.08 -8.69 24.47
CA LYS I 65 9.37 -7.73 23.64
C LYS I 65 9.29 -8.25 22.20
N GLU I 66 8.08 -8.55 21.73
CA GLU I 66 7.90 -9.16 20.43
C GLU I 66 8.15 -8.18 19.29
N ARG I 67 7.68 -6.96 19.49
CA ARG I 67 7.66 -5.92 18.48
C ARG I 67 7.06 -4.71 19.17
N VAL I 68 7.00 -3.58 18.47
CA VAL I 68 6.50 -2.36 19.12
C VAL I 68 5.09 -2.57 19.58
N GLY I 69 4.85 -2.40 20.87
CA GLY I 69 3.52 -2.48 21.42
C GLY I 69 3.06 -3.84 21.90
N GLU I 70 3.93 -4.84 21.86
CA GLU I 70 3.59 -6.18 22.34
C GLU I 70 4.60 -6.69 23.33
N TYR I 71 4.14 -6.99 24.54
CA TYR I 71 4.99 -7.57 25.58
C TYR I 71 4.57 -9.00 25.87
N SER I 72 5.55 -9.90 25.88
CA SER I 72 5.29 -11.31 26.22
C SER I 72 5.90 -11.70 27.55
N LEU I 73 5.20 -12.56 28.28
CA LEU I 73 5.74 -13.18 29.47
C LEU I 73 5.78 -14.69 29.30
N TYR I 74 6.96 -15.27 29.51
CA TYR I 74 7.08 -16.71 29.54
C TYR I 74 7.15 -17.18 30.99
N ILE I 75 6.46 -18.28 31.29
CA ILE I 75 6.52 -18.92 32.60
C ILE I 75 6.62 -20.41 32.32
N GLY I 76 7.79 -20.99 32.54
CA GLY I 76 7.99 -22.41 32.27
C GLY I 76 7.67 -22.76 30.83
N ARG I 77 8.30 -22.04 29.90
CA ARG I 77 8.17 -22.28 28.46
C ARG I 77 6.80 -21.89 27.88
N HIS I 78 5.78 -21.77 28.72
CA HIS I 78 4.47 -21.28 28.23
C HIS I 78 4.51 -19.78 28.09
N LYS I 79 3.77 -19.27 27.13
CA LYS I 79 3.89 -17.86 26.77
C LYS I 79 2.54 -17.16 26.81
N VAL I 80 2.60 -15.85 27.02
CA VAL I 80 1.41 -15.03 27.12
C VAL I 80 1.78 -13.65 26.62
N THR I 81 0.93 -13.04 25.81
CA THR I 81 1.27 -11.76 25.19
C THR I 81 0.17 -10.72 25.38
N SER I 82 0.54 -9.49 25.68
CA SER I 82 -0.46 -8.44 25.77
C SER I 82 -0.04 -7.18 25.04
N LYS I 83 -1.01 -6.46 24.53
CA LYS I 83 -0.73 -5.31 23.67
C LYS I 83 -0.98 -4.02 24.41
N VAL I 84 -0.31 -2.96 23.94
CA VAL I 84 -0.52 -1.62 24.48
C VAL I 84 -0.18 -0.58 23.43
N ILE I 85 -0.79 0.58 23.54
CA ILE I 85 -0.45 1.69 22.65
C ILE I 85 0.78 2.41 23.17
N GLU I 86 1.87 2.42 22.41
CA GLU I 86 3.03 3.20 22.85
C GLU I 86 3.69 3.93 21.70
N LYS I 87 4.38 5.01 22.04
CA LYS I 87 5.16 5.76 21.07
C LYS I 87 6.46 5.02 20.85
N PHE I 88 7.17 5.36 19.78
CA PHE I 88 8.43 4.72 19.52
C PHE I 88 9.37 5.57 18.69
N PRO I 89 10.66 5.64 19.09
CA PRO I 89 11.16 4.99 20.31
C PRO I 89 10.83 5.82 21.52
N ALA I 90 10.67 5.18 22.67
CA ALA I 90 10.37 5.91 23.88
C ALA I 90 10.79 5.12 25.10
N PRO I 91 11.10 5.83 26.20
CA PRO I 91 11.37 5.17 27.47
C PRO I 91 10.09 4.58 27.99
N VAL I 92 10.19 3.43 28.64
CA VAL I 92 9.04 2.77 29.19
C VAL I 92 9.34 2.30 30.60
N HIS I 93 8.33 2.29 31.46
CA HIS I 93 8.44 1.61 32.73
C HIS I 93 7.56 0.36 32.69
N ILE I 94 8.20 -0.79 32.62
CA ILE I 94 7.50 -2.05 32.56
C ILE I 94 7.39 -2.67 33.95
N CYS I 95 6.27 -3.34 34.18
CA CYS I 95 6.05 -4.00 35.44
C CYS I 95 5.11 -5.16 35.21
N VAL I 96 5.50 -6.33 35.69
CA VAL I 96 4.74 -7.55 35.45
C VAL I 96 4.63 -8.40 36.70
N SER I 97 3.45 -8.94 36.97
CA SER I 97 3.28 -9.81 38.13
C SER I 97 2.60 -11.10 37.69
N TRP I 98 2.76 -12.16 38.49
CA TRP I 98 2.17 -13.44 38.15
C TRP I 98 1.88 -14.19 39.44
N GLU I 99 0.74 -14.88 39.45
CA GLU I 99 0.25 -15.51 40.65
C GLU I 99 -0.04 -16.96 40.33
N SER I 100 0.63 -17.89 41.01
CA SER I 100 0.46 -19.31 40.67
C SER I 100 -0.97 -19.76 40.85
N SER I 101 -1.55 -19.43 42.00
CA SER I 101 -2.88 -19.90 42.35
C SER I 101 -3.89 -19.64 41.24
N SER I 102 -3.86 -18.46 40.64
CA SER I 102 -4.82 -18.13 39.60
C SER I 102 -4.23 -18.29 38.20
N GLY I 103 -2.91 -18.30 38.10
CA GLY I 103 -2.24 -18.34 36.81
C GLY I 103 -2.21 -16.99 36.13
N ILE I 104 -2.83 -15.97 36.74
CA ILE I 104 -2.94 -14.66 36.10
C ILE I 104 -1.64 -13.85 36.09
N ALA I 105 -1.33 -13.28 34.92
CA ALA I 105 -0.18 -12.39 34.75
C ALA I 105 -0.68 -11.02 34.34
N GLU I 106 -0.43 -9.98 35.13
CA GLU I 106 -0.80 -8.65 34.69
C GLU I 106 0.44 -7.87 34.33
N PHE I 107 0.35 -7.18 33.20
CA PHE I 107 1.38 -6.26 32.76
C PHE I 107 0.94 -4.84 33.06
N TRP I 108 1.90 -3.98 33.36
CA TRP I 108 1.62 -2.59 33.68
C TRP I 108 2.65 -1.71 33.02
N ILE I 109 2.27 -1.12 31.89
CA ILE I 109 3.18 -0.29 31.11
C ILE I 109 3.00 1.18 31.41
N ASN I 110 4.01 1.80 32.02
CA ASN I 110 3.93 3.18 32.37
C ASN I 110 2.73 3.46 33.26
N GLY I 111 2.48 2.57 34.21
CA GLY I 111 1.42 2.78 35.19
C GLY I 111 0.03 2.46 34.69
N THR I 112 -0.06 1.98 33.46
CA THR I 112 -1.33 1.58 32.86
C THR I 112 -1.40 0.08 32.82
N PRO I 113 -2.51 -0.50 33.26
CA PRO I 113 -2.65 -1.96 33.20
C PRO I 113 -3.07 -2.49 31.84
N LEU I 114 -2.36 -3.48 31.35
CA LEU I 114 -2.77 -4.14 30.12
C LEU I 114 -3.86 -5.15 30.45
N VAL I 115 -4.36 -5.84 29.44
CA VAL I 115 -5.32 -6.88 29.68
C VAL I 115 -4.66 -8.05 30.43
N LYS I 116 -5.33 -8.56 31.45
CA LYS I 116 -4.79 -9.70 32.18
C LYS I 116 -4.85 -10.94 31.29
N LYS I 117 -3.84 -11.79 31.37
CA LYS I 117 -3.89 -13.08 30.71
C LYS I 117 -3.45 -14.14 31.71
N GLY I 118 -3.67 -15.41 31.38
CA GLY I 118 -3.38 -16.48 32.31
C GLY I 118 -2.60 -17.63 31.72
N LEU I 119 -1.79 -18.27 32.56
CA LEU I 119 -0.98 -19.40 32.12
C LEU I 119 -0.41 -20.14 33.31
N ARG I 120 -0.16 -21.42 33.14
CA ARG I 120 0.58 -22.18 34.15
C ARG I 120 -0.07 -22.16 35.54
N GLN I 121 -1.39 -22.10 35.60
CA GLN I 121 -2.05 -22.16 36.89
C GLN I 121 -1.56 -23.38 37.64
N GLY I 122 -1.07 -23.16 38.87
CA GLY I 122 -0.64 -24.25 39.73
C GLY I 122 0.86 -24.52 39.71
N TYR I 123 1.52 -23.91 38.72
CA TYR I 123 2.94 -24.15 38.49
C TYR I 123 3.79 -23.50 39.57
N PHE I 124 4.96 -24.05 39.84
CA PHE I 124 5.93 -23.38 40.69
C PHE I 124 7.17 -23.07 39.89
N VAL I 125 7.48 -21.78 39.77
CA VAL I 125 8.70 -21.32 39.11
C VAL I 125 9.97 -21.82 39.84
N GLU I 126 10.86 -22.47 39.12
CA GLU I 126 12.00 -23.11 39.76
C GLU I 126 12.98 -22.12 40.38
N ALA I 127 13.77 -22.60 41.34
CA ALA I 127 14.67 -21.75 42.12
C ALA I 127 16.13 -21.84 41.66
N GLN I 128 17.03 -21.22 42.43
CA GLN I 128 18.45 -21.19 42.07
C GLN I 128 18.65 -20.90 40.58
N PRO I 129 18.21 -19.70 40.16
CA PRO I 129 18.28 -19.31 38.76
C PRO I 129 19.59 -18.66 38.39
N LYS I 130 19.80 -18.55 37.08
CA LYS I 130 20.78 -17.65 36.50
C LYS I 130 19.92 -16.58 35.85
N ILE I 131 20.17 -15.32 36.18
CA ILE I 131 19.35 -14.25 35.64
C ILE I 131 20.21 -13.33 34.80
N VAL I 132 19.73 -12.96 33.63
CA VAL I 132 20.57 -12.23 32.69
C VAL I 132 19.87 -11.06 32.02
N LEU I 133 20.50 -9.89 32.10
CA LEU I 133 20.07 -8.73 31.35
C LEU I 133 20.90 -8.59 30.07
N GLY I 134 20.25 -8.27 28.96
CA GLY I 134 20.99 -7.91 27.75
C GLY I 134 21.17 -9.04 26.75
N GLN I 135 20.70 -10.22 27.13
CA GLN I 135 20.76 -11.40 26.28
C GLN I 135 19.64 -12.32 26.66
N GLU I 136 19.30 -13.25 25.78
CA GLU I 136 18.30 -14.25 26.08
C GLU I 136 18.98 -15.61 26.18
N GLN I 137 18.82 -16.27 27.32
CA GLN I 137 19.44 -17.57 27.54
C GLN I 137 18.65 -18.68 26.89
N ASP I 138 19.40 -19.62 26.30
CA ASP I 138 18.82 -20.84 25.79
C ASP I 138 19.50 -22.02 26.50
N SER I 139 20.31 -21.71 27.51
CA SER I 139 20.91 -22.73 28.38
C SER I 139 20.89 -22.25 29.84
N TYR I 140 21.63 -22.93 30.71
CA TYR I 140 21.74 -22.46 32.09
C TYR I 140 22.84 -21.42 32.26
N GLY I 141 22.58 -20.22 31.75
CA GLY I 141 23.50 -19.10 31.90
C GLY I 141 24.17 -18.67 30.62
N GLY I 142 23.83 -19.30 29.51
CA GLY I 142 24.48 -18.98 28.25
C GLY I 142 23.74 -19.41 27.01
N LYS I 143 24.53 -19.77 25.99
CA LYS I 143 24.01 -20.06 24.64
C LYS I 143 23.03 -18.96 24.23
N PHE I 144 23.59 -17.76 24.01
CA PHE I 144 22.83 -16.58 23.67
C PHE I 144 22.51 -16.54 22.18
N ASP I 145 21.71 -15.54 21.80
CA ASP I 145 21.36 -15.32 20.41
C ASP I 145 21.47 -13.83 20.15
N ARG I 146 22.23 -13.48 19.13
CA ARG I 146 22.51 -12.09 18.85
C ARG I 146 21.24 -11.33 18.48
N SER I 147 20.37 -12.00 17.72
CA SER I 147 19.18 -11.34 17.20
C SER I 147 18.06 -11.22 18.24
N GLN I 148 18.36 -11.59 19.48
CA GLN I 148 17.42 -11.40 20.57
C GLN I 148 18.04 -10.50 21.63
N SER I 149 19.27 -10.08 21.38
CA SER I 149 20.00 -9.29 22.36
C SER I 149 19.33 -7.94 22.56
N PHE I 150 19.50 -7.38 23.76
CA PHE I 150 18.97 -6.07 24.05
C PHE I 150 20.03 -5.00 23.90
N VAL I 151 19.67 -3.93 23.19
CA VAL I 151 20.56 -2.79 22.99
C VAL I 151 19.90 -1.50 23.45
N GLY I 152 20.43 -0.91 24.51
CA GLY I 152 19.84 0.27 25.10
C GLY I 152 20.18 0.42 26.57
N GLU I 153 19.24 0.95 27.35
CA GLU I 153 19.51 1.23 28.74
C GLU I 153 18.44 0.58 29.60
N ILE I 154 18.87 0.04 30.75
CA ILE I 154 17.96 -0.54 31.75
C ILE I 154 18.32 -0.06 33.13
N GLY I 155 17.31 0.22 33.96
CA GLY I 155 17.56 0.67 35.31
C GLY I 155 16.35 0.57 36.22
N ASP I 156 16.50 0.97 37.47
CA ASP I 156 15.39 0.93 38.42
C ASP I 156 14.68 -0.43 38.43
N LEU I 157 15.49 -1.49 38.50
CA LEU I 157 14.99 -2.86 38.51
C LEU I 157 14.71 -3.39 39.93
N TYR I 158 13.51 -3.92 40.13
CA TYR I 158 13.14 -4.46 41.43
C TYR I 158 12.33 -5.74 41.25
N MET I 159 12.51 -6.72 42.13
CA MET I 159 11.70 -7.93 42.06
C MET I 159 11.28 -8.42 43.45
N TRP I 160 9.97 -8.59 43.62
CA TRP I 160 9.41 -9.05 44.90
C TRP I 160 8.83 -10.46 44.77
N ASP I 161 8.78 -11.21 45.88
CA ASP I 161 8.25 -12.56 45.86
C ASP I 161 6.75 -12.60 46.18
N SER I 162 6.12 -11.45 46.00
CA SER I 162 4.67 -11.32 46.16
C SER I 162 4.09 -10.56 44.98
N VAL I 163 2.77 -10.40 44.96
CA VAL I 163 2.12 -9.63 43.92
C VAL I 163 1.74 -8.26 44.44
N LEU I 164 2.35 -7.23 43.87
CA LEU I 164 2.08 -5.87 44.32
C LEU I 164 0.66 -5.44 43.95
N PRO I 165 -0.02 -4.77 44.89
CA PRO I 165 -1.29 -4.09 44.62
C PRO I 165 -1.05 -2.93 43.67
N PRO I 166 -2.12 -2.36 43.08
CA PRO I 166 -1.94 -1.24 42.15
C PRO I 166 -1.26 -0.06 42.81
N GLU I 167 -1.55 0.17 44.09
CA GLU I 167 -1.05 1.34 44.79
C GLU I 167 0.46 1.32 44.83
N ASN I 168 1.02 0.13 44.93
CA ASN I 168 2.45 -0.08 45.04
C ASN I 168 3.16 -0.08 43.70
N ILE I 169 2.42 -0.43 42.66
CA ILE I 169 2.97 -0.40 41.31
C ILE I 169 3.14 1.06 40.89
N LEU I 170 2.13 1.88 41.16
CA LEU I 170 2.24 3.31 40.95
C LEU I 170 3.43 3.90 41.67
N SER I 171 3.66 3.46 42.91
CA SER I 171 4.77 3.99 43.70
C SER I 171 6.08 3.72 42.97
N ALA I 172 6.23 2.51 42.43
CA ALA I 172 7.45 2.13 41.74
C ALA I 172 7.63 2.93 40.45
N TYR I 173 6.53 3.12 39.73
CA TYR I 173 6.52 3.93 38.52
C TYR I 173 6.93 5.37 38.81
N GLN I 174 6.50 5.90 39.95
CA GLN I 174 6.81 7.28 40.30
C GLN I 174 8.14 7.44 41.02
N GLY I 175 8.90 6.35 41.13
CA GLY I 175 10.25 6.42 41.63
C GLY I 175 10.41 6.28 43.14
N THR I 176 9.35 5.85 43.83
CA THR I 176 9.40 5.64 45.28
C THR I 176 8.93 4.24 45.67
N PRO I 177 9.60 3.21 45.10
CA PRO I 177 9.17 1.82 45.25
C PRO I 177 9.37 1.27 46.64
N LEU I 178 8.55 0.28 46.99
CA LEU I 178 8.75 -0.46 48.22
C LEU I 178 10.04 -1.25 48.13
N PRO I 179 10.68 -1.52 49.28
CA PRO I 179 11.89 -2.35 49.24
C PRO I 179 11.60 -3.81 48.78
N ALA I 180 12.44 -4.32 47.88
CA ALA I 180 12.22 -5.62 47.26
C ALA I 180 13.11 -6.71 47.83
N ASN I 181 12.61 -7.93 47.89
CA ASN I 181 13.31 -9.02 48.56
C ASN I 181 13.95 -10.05 47.63
N ILE I 182 13.81 -9.89 46.32
CA ILE I 182 14.46 -10.81 45.40
C ILE I 182 15.57 -10.10 44.63
N LEU I 183 15.25 -8.94 44.06
CA LEU I 183 16.24 -8.07 43.44
C LEU I 183 15.96 -6.63 43.83
N ASP I 184 16.93 -5.97 44.42
CA ASP I 184 16.75 -4.57 44.75
C ASP I 184 17.83 -3.76 44.07
N TRP I 185 17.42 -2.74 43.34
CA TRP I 185 18.33 -1.88 42.60
C TRP I 185 19.28 -1.09 43.51
N GLN I 186 18.95 -0.96 44.78
CA GLN I 186 19.77 -0.18 45.67
C GLN I 186 20.71 -1.06 46.47
N ALA I 187 20.55 -2.37 46.35
CA ALA I 187 21.53 -3.32 46.86
C ALA I 187 21.55 -4.47 45.89
N LEU I 188 22.29 -4.31 44.80
CA LEU I 188 22.24 -5.28 43.71
C LEU I 188 23.52 -6.08 43.60
N ASN I 189 23.41 -7.39 43.42
CA ASN I 189 24.60 -8.19 43.21
C ASN I 189 24.64 -8.58 41.76
N TYR I 190 25.63 -8.05 41.04
CA TYR I 190 25.70 -8.23 39.60
C TYR I 190 27.12 -8.42 39.09
N GLU I 191 27.27 -9.19 38.03
CA GLU I 191 28.52 -9.28 37.31
C GLU I 191 28.30 -8.68 35.95
N ILE I 192 29.27 -7.91 35.46
CA ILE I 192 29.22 -7.41 34.09
C ILE I 192 30.15 -8.23 33.22
N ARG I 193 29.61 -8.77 32.14
CA ARG I 193 30.41 -9.51 31.19
C ARG I 193 30.30 -8.82 29.85
N GLY I 194 31.44 -8.50 29.26
CA GLY I 194 31.46 -7.86 27.97
C GLY I 194 31.38 -6.34 28.02
N TYR I 195 30.80 -5.77 26.98
CA TYR I 195 30.70 -4.32 26.86
C TYR I 195 29.41 -3.83 27.44
N VAL I 196 29.41 -3.51 28.73
CA VAL I 196 28.27 -2.88 29.37
C VAL I 196 28.80 -1.76 30.23
N ILE I 197 28.23 -0.58 30.09
CA ILE I 197 28.72 0.59 30.83
C ILE I 197 27.63 1.04 31.80
N ILE I 198 28.06 1.51 32.98
CA ILE I 198 27.12 2.11 33.91
C ILE I 198 27.22 3.62 33.81
N LYS I 199 26.08 4.26 33.55
CA LYS I 199 26.01 5.71 33.41
C LYS I 199 24.83 6.24 34.22
N PRO I 200 24.80 7.55 34.47
CA PRO I 200 23.64 8.15 35.14
C PRO I 200 22.39 8.09 34.27
N LEU I 201 21.25 7.98 34.93
CA LEU I 201 19.95 7.90 34.25
C LEU I 201 19.47 9.30 33.94
N VAL I 202 19.44 9.65 32.65
CA VAL I 202 19.12 11.03 32.25
C VAL I 202 17.77 11.17 31.55
N TRP I 203 17.01 10.09 31.45
CA TRP I 203 15.77 10.09 30.69
C TRP I 203 14.51 9.83 31.49
N VAL I 204 14.61 9.92 32.81
CA VAL I 204 13.43 10.13 33.62
C VAL I 204 13.75 11.31 34.54
N HIS J 1 14.19 -51.36 8.47
CA HIS J 1 14.52 -51.08 7.05
C HIS J 1 13.26 -51.28 6.26
N THR J 2 12.58 -50.18 6.03
CA THR J 2 11.28 -50.18 5.36
C THR J 2 11.38 -49.43 4.02
N ASP J 3 10.83 -50.01 2.97
CA ASP J 3 10.88 -49.39 1.65
C ASP J 3 9.67 -48.48 1.45
N LEU J 4 9.93 -47.17 1.42
CA LEU J 4 8.86 -46.21 1.28
C LEU J 4 8.73 -45.68 -0.14
N SER J 5 9.23 -46.43 -1.11
CA SER J 5 9.16 -45.99 -2.50
C SER J 5 7.73 -45.62 -2.85
N GLY J 6 7.56 -44.40 -3.35
CA GLY J 6 6.26 -43.97 -3.80
C GLY J 6 5.28 -43.67 -2.69
N LYS J 7 5.78 -43.50 -1.48
CA LYS J 7 4.94 -43.12 -0.36
C LYS J 7 5.50 -41.84 0.25
N VAL J 8 4.70 -41.18 1.08
CA VAL J 8 5.13 -39.97 1.80
C VAL J 8 4.64 -40.01 3.23
N PHE J 9 5.30 -39.23 4.09
CA PHE J 9 4.76 -38.96 5.41
C PHE J 9 3.79 -37.81 5.26
N VAL J 10 2.64 -37.90 5.94
CA VAL J 10 1.68 -36.81 5.96
C VAL J 10 1.51 -36.27 7.38
N PHE J 11 1.96 -35.05 7.61
CA PHE J 11 1.72 -34.37 8.86
C PHE J 11 0.49 -33.51 8.63
N PRO J 12 -0.68 -34.03 9.02
CA PRO J 12 -1.96 -33.50 8.54
C PRO J 12 -2.55 -32.36 9.36
N ARG J 13 -1.87 -31.92 10.41
CA ARG J 13 -2.39 -30.82 11.19
C ARG J 13 -1.29 -30.16 11.97
N GLU J 14 -1.49 -28.90 12.31
CA GLU J 14 -0.53 -28.16 13.10
C GLU J 14 -0.59 -28.68 14.52
N SER J 15 0.57 -28.90 15.12
CA SER J 15 0.64 -29.50 16.43
C SER J 15 2.02 -29.31 17.03
N VAL J 16 2.16 -29.69 18.28
CA VAL J 16 3.46 -29.65 18.95
C VAL J 16 3.90 -31.07 19.34
N THR J 17 3.20 -32.07 18.80
CA THR J 17 3.36 -33.44 19.27
C THR J 17 3.64 -34.39 18.12
N ASP J 18 2.98 -34.20 16.97
CA ASP J 18 3.19 -35.06 15.81
C ASP J 18 4.59 -34.88 15.25
N HIS J 19 5.27 -35.99 14.97
CA HIS J 19 6.60 -35.93 14.39
C HIS J 19 7.10 -37.32 14.02
N VAL J 20 8.19 -37.37 13.26
CA VAL J 20 8.83 -38.64 12.93
C VAL J 20 10.30 -38.63 13.31
N ASN J 21 10.76 -39.70 13.94
CA ASN J 21 12.16 -39.82 14.27
C ASN J 21 12.86 -40.63 13.21
N LEU J 22 13.93 -40.08 12.66
CA LEU J 22 14.74 -40.83 11.72
C LEU J 22 15.94 -41.37 12.46
N ILE J 23 16.27 -42.62 12.17
CA ILE J 23 17.32 -43.33 12.89
C ILE J 23 18.43 -43.75 11.95
N THR J 24 19.64 -43.28 12.22
CA THR J 24 20.79 -43.70 11.46
C THR J 24 21.89 -44.10 12.45
N PRO J 25 22.79 -45.01 12.03
CA PRO J 25 23.93 -45.36 12.89
C PRO J 25 24.95 -44.21 13.01
N LEU J 26 25.52 -43.84 11.87
CA LEU J 26 26.48 -42.74 11.78
C LEU J 26 27.71 -42.91 12.71
N GLU J 27 27.69 -42.31 13.90
CA GLU J 27 28.80 -42.46 14.86
C GLU J 27 30.11 -41.73 14.50
N LYS J 28 30.42 -41.58 13.21
CA LYS J 28 31.58 -40.80 12.78
C LYS J 28 31.16 -39.40 12.36
N PRO J 29 31.79 -38.37 12.95
CA PRO J 29 31.39 -36.97 12.68
C PRO J 29 31.36 -36.63 11.19
N LEU J 30 30.44 -35.77 10.80
CA LEU J 30 30.23 -35.45 9.38
C LEU J 30 31.12 -34.33 8.90
N GLN J 31 31.79 -34.59 7.79
CA GLN J 31 32.72 -33.64 7.23
C GLN J 31 32.11 -33.00 5.96
N ASN J 32 31.64 -33.86 5.06
CA ASN J 32 30.87 -33.42 3.91
C ASN J 32 29.52 -34.13 4.00
N PHE J 33 28.50 -33.59 3.33
CA PHE J 33 27.20 -34.28 3.27
C PHE J 33 26.23 -33.64 2.26
N THR J 34 25.36 -34.46 1.67
CA THR J 34 24.26 -33.97 0.84
C THR J 34 22.96 -34.55 1.32
N LEU J 35 21.94 -33.70 1.41
CA LEU J 35 20.63 -34.10 1.89
C LEU J 35 19.62 -33.70 0.85
N CYS J 36 18.61 -34.52 0.59
CA CYS J 36 17.54 -34.08 -0.29
C CYS J 36 16.24 -34.87 -0.11
N PHE J 37 15.15 -34.23 -0.50
CA PHE J 37 13.81 -34.75 -0.26
C PHE J 37 12.79 -33.89 -1.01
N ARG J 38 11.54 -34.37 -1.06
CA ARG J 38 10.42 -33.61 -1.61
C ARG J 38 9.49 -33.18 -0.51
N ALA J 39 8.94 -31.98 -0.65
CA ALA J 39 8.00 -31.50 0.34
C ALA J 39 6.88 -30.73 -0.34
N TYR J 40 5.71 -30.74 0.27
CA TYR J 40 4.56 -30.07 -0.28
C TYR J 40 3.76 -29.51 0.89
N SER J 41 3.73 -28.20 1.03
CA SER J 41 3.01 -27.60 2.15
C SER J 41 2.47 -26.25 1.76
N ASP J 42 1.31 -25.89 2.32
CA ASP J 42 0.72 -24.57 2.05
C ASP J 42 0.78 -23.62 3.27
N LEU J 43 1.82 -23.78 4.06
CA LEU J 43 2.04 -22.91 5.20
C LEU J 43 2.72 -21.66 4.69
N SER J 44 2.29 -20.50 5.18
CA SER J 44 2.89 -19.27 4.77
C SER J 44 3.97 -18.87 5.76
N ARG J 45 3.81 -19.32 7.00
CA ARG J 45 4.79 -19.03 8.05
C ARG J 45 6.04 -19.87 7.91
N ALA J 46 6.95 -19.70 8.85
CA ALA J 46 8.20 -20.42 8.85
C ALA J 46 7.99 -21.84 9.34
N TYR J 47 8.79 -22.78 8.86
CA TYR J 47 8.74 -24.14 9.38
C TYR J 47 10.03 -24.89 9.20
N SER J 48 10.28 -25.85 10.09
CA SER J 48 11.44 -26.72 9.95
C SER J 48 11.10 -27.85 9.01
N LEU J 49 11.97 -28.08 8.03
CA LEU J 49 11.82 -29.27 7.19
C LEU J 49 12.52 -30.45 7.83
N PHE J 50 13.82 -30.27 8.08
CA PHE J 50 14.73 -31.31 8.58
C PHE J 50 15.50 -30.84 9.82
N SER J 51 15.22 -31.41 10.99
CA SER J 51 15.94 -31.04 12.21
C SER J 51 16.87 -32.13 12.73
N TYR J 52 18.15 -31.78 12.85
CA TYR J 52 19.21 -32.72 13.23
C TYR J 52 19.98 -32.12 14.41
N ASN J 53 19.78 -32.68 15.60
CA ASN J 53 20.46 -32.20 16.81
C ASN J 53 21.35 -33.27 17.40
N THR J 54 22.32 -32.87 18.20
CA THR J 54 23.14 -33.84 18.91
C THR J 54 23.19 -33.47 20.38
N GLN J 55 23.70 -34.38 21.19
CA GLN J 55 23.77 -34.16 22.62
C GLN J 55 24.43 -32.81 22.86
N GLY J 56 23.67 -31.91 23.46
CA GLY J 56 24.22 -30.64 23.87
C GLY J 56 24.34 -29.56 22.79
N ARG J 57 23.90 -29.85 21.58
CA ARG J 57 24.01 -28.86 20.52
C ARG J 57 22.71 -28.73 19.77
N ASP J 58 22.07 -27.59 19.93
CA ASP J 58 20.84 -27.30 19.19
C ASP J 58 21.25 -26.90 17.78
N ASN J 59 20.32 -27.09 16.87
CA ASN J 59 20.48 -26.70 15.47
C ASN J 59 21.86 -27.04 14.93
N GLU J 60 22.26 -28.30 15.11
CA GLU J 60 23.55 -28.74 14.61
C GLU J 60 23.49 -28.80 13.09
N LEU J 61 22.40 -29.33 12.58
CA LEU J 61 22.16 -29.35 11.16
C LEU J 61 20.66 -29.19 10.96
N LEU J 62 20.25 -28.07 10.37
CA LEU J 62 18.83 -27.76 10.28
C LEU J 62 18.50 -27.10 8.96
N VAL J 63 17.56 -27.68 8.24
CA VAL J 63 17.02 -27.07 7.02
C VAL J 63 15.67 -26.45 7.35
N TYR J 64 15.54 -25.17 7.10
CA TYR J 64 14.47 -24.39 7.68
C TYR J 64 13.98 -23.35 6.70
N LYS J 65 12.68 -23.35 6.43
CA LYS J 65 12.07 -22.42 5.48
C LYS J 65 11.59 -21.16 6.17
N GLU J 66 12.21 -20.03 5.84
CA GLU J 66 11.94 -18.78 6.53
C GLU J 66 10.57 -18.22 6.16
N ARG J 67 10.24 -18.34 4.88
CA ARG J 67 9.08 -17.70 4.28
C ARG J 67 9.10 -18.13 2.82
N VAL J 68 8.09 -17.77 2.05
CA VAL J 68 8.06 -18.22 0.67
C VAL J 68 9.26 -17.71 -0.09
N GLY J 69 10.03 -18.63 -0.64
CA GLY J 69 11.15 -18.27 -1.48
C GLY J 69 12.48 -18.12 -0.77
N GLU J 70 12.54 -18.42 0.52
CA GLU J 70 13.80 -18.35 1.27
C GLU J 70 14.07 -19.63 2.02
N TYR J 71 15.20 -20.26 1.72
CA TYR J 71 15.62 -21.45 2.45
C TYR J 71 16.87 -21.16 3.28
N SER J 72 16.84 -21.59 4.53
CA SER J 72 17.98 -21.41 5.43
C SER J 72 18.62 -22.76 5.78
N LEU J 73 19.95 -22.75 5.90
CA LEU J 73 20.66 -23.91 6.43
C LEU J 73 21.40 -23.52 7.68
N TYR J 74 21.19 -24.28 8.75
CA TYR J 74 21.97 -24.09 9.96
C TYR J 74 23.03 -25.18 10.04
N ILE J 75 24.24 -24.79 10.40
CA ILE J 75 25.31 -25.74 10.67
C ILE J 75 25.96 -25.32 11.97
N GLY J 76 25.73 -26.07 13.06
CA GLY J 76 26.32 -25.73 14.35
C GLY J 76 25.89 -24.34 14.79
N ARG J 77 24.58 -24.10 14.77
CA ARG J 77 23.98 -22.85 15.21
C ARG J 77 24.24 -21.67 14.29
N HIS J 78 25.23 -21.75 13.41
CA HIS J 78 25.42 -20.71 12.40
C HIS J 78 24.43 -20.90 11.25
N LYS J 79 24.02 -19.80 10.66
CA LYS J 79 22.92 -19.84 9.69
C LYS J 79 23.33 -19.21 8.37
N VAL J 80 22.67 -19.65 7.31
CA VAL J 80 22.96 -19.18 5.97
C VAL J 80 21.64 -19.27 5.21
N THR J 81 21.29 -18.22 4.46
CA THR J 81 20.00 -18.19 3.76
C THR J 81 20.14 -17.87 2.27
N SER J 82 19.41 -18.60 1.43
CA SER J 82 19.43 -18.28 0.01
C SER J 82 18.03 -18.16 -0.57
N LYS J 83 17.88 -17.30 -1.58
CA LYS J 83 16.57 -17.02 -2.15
C LYS J 83 16.36 -17.71 -3.49
N VAL J 84 15.11 -17.97 -3.83
CA VAL J 84 14.75 -18.51 -5.13
C VAL J 84 13.35 -18.07 -5.53
N ILE J 85 13.09 -18.02 -6.83
CA ILE J 85 11.75 -17.73 -7.30
C ILE J 85 10.90 -18.99 -7.28
N GLU J 86 9.85 -19.02 -6.49
CA GLU J 86 8.95 -20.17 -6.57
C GLU J 86 7.48 -19.79 -6.52
N LYS J 87 6.66 -20.66 -7.06
CA LYS J 87 5.21 -20.50 -6.98
C LYS J 87 4.75 -20.93 -5.61
N PHE J 88 3.55 -20.56 -5.23
CA PHE J 88 3.04 -20.98 -3.93
C PHE J 88 1.53 -21.02 -3.89
N PRO J 89 0.98 -22.08 -3.29
CA PRO J 89 1.74 -23.23 -2.78
C PRO J 89 2.13 -24.16 -3.92
N ALA J 90 3.22 -24.87 -3.78
CA ALA J 90 3.67 -25.78 -4.82
C ALA J 90 4.58 -26.84 -4.22
N PRO J 91 4.60 -28.03 -4.83
CA PRO J 91 5.55 -29.07 -4.46
C PRO J 91 6.94 -28.63 -4.82
N VAL J 92 7.91 -29.00 -4.00
CA VAL J 92 9.28 -28.62 -4.25
C VAL J 92 10.18 -29.82 -4.03
N HIS J 93 11.26 -29.89 -4.80
CA HIS J 93 12.31 -30.84 -4.50
C HIS J 93 13.51 -30.05 -4.02
N ILE J 94 13.79 -30.18 -2.73
CA ILE J 94 14.91 -29.49 -2.09
C ILE J 94 16.12 -30.40 -2.01
N CYS J 95 17.28 -29.81 -2.17
CA CYS J 95 18.51 -30.56 -2.05
C CYS J 95 19.63 -29.61 -1.62
N VAL J 96 20.36 -30.00 -0.58
CA VAL J 96 21.34 -29.12 0.02
C VAL J 96 22.61 -29.91 0.37
N SER J 97 23.77 -29.33 0.06
CA SER J 97 25.03 -29.98 0.38
C SER J 97 25.92 -29.01 1.14
N TRP J 98 26.89 -29.54 1.87
CA TRP J 98 27.80 -28.71 2.63
C TRP J 98 29.14 -29.41 2.76
N GLU J 99 30.21 -28.63 2.67
CA GLU J 99 31.55 -29.16 2.60
C GLU J 99 32.38 -28.46 3.64
N SER J 100 32.92 -29.20 4.60
CA SER J 100 33.65 -28.57 5.70
C SER J 100 34.86 -27.80 5.22
N SER J 101 35.65 -28.45 4.37
CA SER J 101 36.90 -27.86 3.89
C SER J 101 36.71 -26.43 3.37
N SER J 102 35.66 -26.20 2.59
CA SER J 102 35.44 -24.88 2.02
C SER J 102 34.40 -24.09 2.80
N GLY J 103 33.58 -24.79 3.57
CA GLY J 103 32.47 -24.16 4.27
C GLY J 103 31.27 -23.88 3.39
N ILE J 104 31.38 -24.19 2.10
CA ILE J 104 30.32 -23.86 1.14
C ILE J 104 29.10 -24.76 1.23
N ALA J 105 27.93 -24.14 1.26
CA ALA J 105 26.66 -24.86 1.23
C ALA J 105 25.92 -24.49 -0.04
N GLU J 106 25.61 -25.45 -0.89
CA GLU J 106 24.80 -25.14 -2.06
C GLU J 106 23.41 -25.70 -1.89
N PHE J 107 22.44 -24.88 -2.22
CA PHE J 107 21.05 -25.29 -2.28
C PHE J 107 20.64 -25.55 -3.72
N TRP J 108 19.76 -26.54 -3.93
CA TRP J 108 19.28 -26.87 -5.26
C TRP J 108 17.78 -27.09 -5.22
N ILE J 109 17.02 -26.08 -5.63
CA ILE J 109 15.57 -26.14 -5.61
C ILE J 109 14.99 -26.54 -6.94
N ASN J 110 14.42 -27.74 -6.99
CA ASN J 110 13.82 -28.23 -8.22
C ASN J 110 14.85 -28.29 -9.32
N GLY J 111 16.06 -28.74 -8.99
CA GLY J 111 17.10 -28.93 -9.98
C GLY J 111 17.83 -27.67 -10.39
N THR J 112 17.45 -26.55 -9.77
CA THR J 112 18.08 -25.27 -10.04
C THR J 112 18.97 -24.89 -8.88
N PRO J 113 20.21 -24.51 -9.16
CA PRO J 113 21.12 -24.12 -8.07
C PRO J 113 20.89 -22.69 -7.58
N LEU J 114 20.80 -22.52 -6.27
CA LEU J 114 20.73 -21.19 -5.69
C LEU J 114 22.13 -20.65 -5.56
N VAL J 115 22.24 -19.42 -5.07
CA VAL J 115 23.56 -18.85 -4.86
C VAL J 115 24.26 -19.59 -3.72
N LYS J 116 25.53 -19.93 -3.92
CA LYS J 116 26.32 -20.61 -2.91
C LYS J 116 26.59 -19.62 -1.77
N LYS J 117 26.54 -20.11 -0.54
CA LYS J 117 26.94 -19.31 0.60
C LYS J 117 27.85 -20.17 1.47
N GLY J 118 28.53 -19.54 2.42
CA GLY J 118 29.52 -20.26 3.22
C GLY J 118 29.38 -20.01 4.72
N LEU J 119 29.76 -21.03 5.48
CA LEU J 119 29.70 -20.94 6.94
C LEU J 119 30.48 -22.09 7.57
N ARG J 120 30.99 -21.86 8.77
CA ARG J 120 31.56 -22.95 9.55
C ARG J 120 32.69 -23.68 8.83
N GLN J 121 33.46 -22.97 8.02
CA GLN J 121 34.63 -23.59 7.42
C GLN J 121 35.47 -24.25 8.49
N GLY J 122 35.75 -25.54 8.30
CA GLY J 122 36.61 -26.27 9.22
C GLY J 122 35.89 -27.05 10.30
N TYR J 123 34.59 -26.77 10.42
CA TYR J 123 33.77 -27.38 11.46
C TYR J 123 33.51 -28.85 11.17
N PHE J 124 33.29 -29.63 12.22
CA PHE J 124 32.83 -31.00 12.04
C PHE J 124 31.47 -31.17 12.67
N VAL J 125 30.48 -31.50 11.86
CA VAL J 125 29.13 -31.77 12.34
C VAL J 125 29.11 -32.98 13.28
N GLU J 126 28.55 -32.82 14.47
CA GLU J 126 28.61 -33.86 15.46
C GLU J 126 27.83 -35.11 15.09
N ALA J 127 28.19 -36.24 15.69
CA ALA J 127 27.61 -37.53 15.35
C ALA J 127 26.54 -37.99 16.34
N GLN J 128 26.07 -39.23 16.19
CA GLN J 128 25.04 -39.79 17.07
C GLN J 128 23.89 -38.81 17.30
N PRO J 129 23.22 -38.42 16.21
CA PRO J 129 22.17 -37.42 16.26
C PRO J 129 20.80 -37.98 16.55
N LYS J 130 19.89 -37.09 16.91
CA LYS J 130 18.47 -37.36 16.89
C LYS J 130 17.97 -36.56 15.70
N ILE J 131 17.28 -37.21 14.77
CA ILE J 131 16.84 -36.54 13.56
C ILE J 131 15.32 -36.54 13.53
N VAL J 132 14.73 -35.39 13.24
CA VAL J 132 13.28 -35.26 13.34
C VAL J 132 12.64 -34.53 12.16
N LEU J 133 11.63 -35.18 11.59
CA LEU J 133 10.76 -34.59 10.59
C LEU J 133 9.48 -34.07 11.24
N GLY J 134 9.06 -32.87 10.89
CA GLY J 134 7.73 -32.41 11.27
C GLY J 134 7.71 -31.50 12.49
N GLN J 135 8.88 -31.32 13.08
CA GLN J 135 9.05 -30.46 14.24
C GLN J 135 10.45 -29.92 14.25
N GLU J 136 10.67 -28.85 15.00
CA GLU J 136 12.03 -28.33 15.15
C GLU J 136 12.48 -28.55 16.59
N GLN J 137 13.61 -29.25 16.76
CA GLN J 137 14.14 -29.53 18.09
C GLN J 137 14.89 -28.35 18.70
N ASP J 138 14.65 -28.16 19.99
CA ASP J 138 15.41 -27.18 20.74
C ASP J 138 16.10 -27.91 21.89
N SER J 139 16.03 -29.24 21.86
CA SER J 139 16.76 -30.10 22.79
C SER J 139 17.30 -31.32 22.07
N TYR J 140 17.76 -32.31 22.81
CA TYR J 140 18.22 -33.57 22.20
C TYR J 140 17.05 -34.53 21.95
N GLY J 141 16.21 -34.17 20.99
CA GLY J 141 15.12 -35.03 20.58
C GLY J 141 13.73 -34.50 20.93
N GLY J 142 13.67 -33.31 21.49
CA GLY J 142 12.40 -32.74 21.88
C GLY J 142 12.37 -31.24 22.10
N LYS J 143 11.55 -30.83 23.07
CA LYS J 143 11.27 -29.41 23.31
C LYS J 143 10.97 -28.74 21.99
N PHE J 144 9.83 -29.12 21.41
CA PHE J 144 9.41 -28.63 20.11
C PHE J 144 8.73 -27.27 20.23
N ASP J 145 8.38 -26.70 19.09
CA ASP J 145 7.67 -25.42 19.04
C ASP J 145 6.59 -25.57 17.98
N ARG J 146 5.37 -25.26 18.35
CA ARG J 146 4.22 -25.46 17.47
C ARG J 146 4.30 -24.56 16.25
N SER J 147 4.77 -23.35 16.46
CA SER J 147 4.79 -22.37 15.39
C SER J 147 5.97 -22.56 14.46
N GLN J 148 6.72 -23.65 14.64
CA GLN J 148 7.77 -24.02 13.70
C GLN J 148 7.49 -25.38 13.10
N SER J 149 6.38 -26.00 13.51
CA SER J 149 6.05 -27.34 13.06
C SER J 149 5.74 -27.36 11.57
N PHE J 150 5.98 -28.52 10.94
CA PHE J 150 5.73 -28.66 9.52
C PHE J 150 4.41 -29.36 9.32
N VAL J 151 3.59 -28.79 8.44
CA VAL J 151 2.29 -29.36 8.09
C VAL J 151 2.17 -29.59 6.58
N GLY J 152 2.11 -30.84 6.17
CA GLY J 152 2.12 -31.17 4.76
C GLY J 152 2.66 -32.55 4.51
N GLU J 153 3.37 -32.73 3.40
CA GLU J 153 3.82 -34.05 3.01
C GLU J 153 5.32 -34.02 2.72
N ILE J 154 6.03 -35.07 3.11
CA ILE J 154 7.45 -35.21 2.82
C ILE J 154 7.74 -36.61 2.33
N GLY J 155 8.63 -36.75 1.34
CA GLY J 155 8.98 -38.05 0.80
C GLY J 155 10.27 -38.03 0.01
N ASP J 156 10.68 -39.19 -0.51
CA ASP J 156 11.89 -39.30 -1.32
C ASP J 156 13.10 -38.63 -0.65
N LEU J 157 13.27 -38.92 0.64
CA LEU J 157 14.37 -38.37 1.42
C LEU J 157 15.63 -39.24 1.36
N TYR J 158 16.77 -38.62 1.05
CA TYR J 158 18.04 -39.33 0.96
C TYR J 158 19.16 -38.48 1.56
N MET J 159 20.12 -39.11 2.23
CA MET J 159 21.27 -38.37 2.76
C MET J 159 22.58 -39.12 2.59
N TRP J 160 23.53 -38.47 1.94
CA TRP J 160 24.86 -39.04 1.68
C TRP J 160 25.94 -38.36 2.53
N ASP J 161 27.03 -39.06 2.82
CA ASP J 161 28.12 -38.49 3.61
C ASP J 161 29.16 -37.83 2.70
N SER J 162 28.76 -37.55 1.47
CA SER J 162 29.62 -36.86 0.51
C SER J 162 28.85 -35.74 -0.17
N VAL J 163 29.55 -34.98 -1.02
CA VAL J 163 28.89 -33.91 -1.75
C VAL J 163 28.61 -34.34 -3.17
N LEU J 164 27.33 -34.46 -3.50
CA LEU J 164 26.96 -34.91 -4.83
C LEU J 164 27.34 -33.88 -5.90
N PRO J 165 27.86 -34.36 -7.02
CA PRO J 165 28.04 -33.54 -8.22
C PRO J 165 26.68 -33.13 -8.78
N PRO J 166 26.66 -32.16 -9.70
CA PRO J 166 25.38 -31.74 -10.28
C PRO J 166 24.65 -32.89 -10.98
N GLU J 167 25.41 -33.76 -11.64
CA GLU J 167 24.84 -34.82 -12.44
C GLU J 167 23.99 -35.74 -11.57
N ASN J 168 24.42 -35.91 -10.31
CA ASN J 168 23.77 -36.81 -9.36
C ASN J 168 22.61 -36.16 -8.64
N ILE J 169 22.64 -34.84 -8.55
CA ILE J 169 21.55 -34.10 -7.96
C ILE J 169 20.36 -34.13 -8.93
N LEU J 170 20.62 -33.91 -10.21
CA LEU J 170 19.60 -34.08 -11.23
C LEU J 170 18.97 -35.46 -11.21
N SER J 171 19.80 -36.50 -11.05
CA SER J 171 19.29 -37.86 -10.99
C SER J 171 18.27 -38.01 -9.86
N ALA J 172 18.57 -37.43 -8.70
CA ALA J 172 17.67 -37.51 -7.55
C ALA J 172 16.37 -36.74 -7.78
N TYR J 173 16.50 -35.57 -8.40
CA TYR J 173 15.35 -34.77 -8.74
C TYR J 173 14.43 -35.50 -9.71
N GLN J 174 15.02 -36.26 -10.62
CA GLN J 174 14.26 -36.98 -11.65
C GLN J 174 13.79 -38.34 -11.18
N GLY J 175 14.03 -38.66 -9.92
CA GLY J 175 13.51 -39.87 -9.31
C GLY J 175 14.35 -41.12 -9.46
N THR J 176 15.61 -40.97 -9.87
CA THR J 176 16.51 -42.11 -10.02
C THR J 176 17.82 -41.88 -9.24
N PRO J 177 17.71 -41.61 -7.92
CA PRO J 177 18.85 -41.22 -7.09
C PRO J 177 19.84 -42.35 -6.87
N LEU J 178 21.10 -41.98 -6.65
CA LEU J 178 22.11 -42.94 -6.24
C LEU J 178 21.78 -43.45 -4.86
N PRO J 179 22.21 -44.65 -4.53
CA PRO J 179 21.96 -45.18 -3.18
C PRO J 179 22.70 -44.38 -2.10
N ALA J 180 22.01 -44.06 -1.02
CA ALA J 180 22.56 -43.19 0.03
C ALA J 180 22.98 -43.96 1.28
N ASN J 181 24.01 -43.48 1.96
CA ASN J 181 24.62 -44.23 3.05
C ASN J 181 24.34 -43.67 4.45
N ILE J 182 23.58 -42.59 4.53
CA ILE J 182 23.21 -42.08 5.84
C ILE J 182 21.73 -42.24 6.07
N LEU J 183 20.92 -41.81 5.10
CA LEU J 183 19.49 -42.05 5.13
C LEU J 183 19.01 -42.45 3.75
N ASP J 184 18.40 -43.63 3.63
CA ASP J 184 17.87 -44.05 2.36
C ASP J 184 16.38 -44.32 2.49
N TRP J 185 15.61 -43.68 1.61
CA TRP J 185 14.16 -43.77 1.61
C TRP J 185 13.65 -45.19 1.34
N GLN J 186 14.50 -46.02 0.75
CA GLN J 186 14.06 -47.35 0.38
C GLN J 186 14.49 -48.37 1.42
N ALA J 187 15.27 -47.93 2.39
CA ALA J 187 15.55 -48.72 3.58
C ALA J 187 15.68 -47.73 4.72
N LEU J 188 14.54 -47.33 5.26
CA LEU J 188 14.50 -46.27 6.26
C LEU J 188 14.15 -46.79 7.66
N ASN J 189 14.88 -46.35 8.67
CA ASN J 189 14.53 -46.70 10.04
C ASN J 189 13.90 -45.51 10.70
N TYR J 190 12.62 -45.63 11.00
CA TYR J 190 11.88 -44.48 11.51
C TYR J 190 10.88 -44.88 12.59
N GLU J 191 10.62 -43.95 13.51
CA GLU J 191 9.54 -44.08 14.46
C GLU J 191 8.54 -42.98 14.17
N ILE J 192 7.25 -43.32 14.23
CA ILE J 192 6.21 -42.32 14.11
C ILE J 192 5.65 -42.01 15.48
N ARG J 193 5.68 -40.74 15.85
CA ARG J 193 5.12 -40.31 17.11
C ARG J 193 4.01 -39.31 16.79
N GLY J 194 2.84 -39.57 17.34
CA GLY J 194 1.71 -38.68 17.13
C GLY J 194 0.91 -38.97 15.87
N TYR J 195 0.32 -37.92 15.33
CA TYR J 195 -0.55 -38.04 14.17
C TYR J 195 0.26 -37.84 12.90
N VAL J 196 0.81 -38.93 12.40
CA VAL J 196 1.46 -38.93 11.09
C VAL J 196 0.98 -40.13 10.30
N ILE J 197 0.56 -39.90 9.07
CA ILE J 197 0.03 -40.96 8.24
C ILE J 197 0.93 -41.17 7.04
N ILE J 198 1.09 -42.43 6.66
CA ILE J 198 1.79 -42.74 5.42
C ILE J 198 0.79 -42.99 4.30
N LYS J 199 0.95 -42.25 3.21
CA LYS J 199 0.07 -42.38 2.06
C LYS J 199 0.91 -42.44 0.80
N PRO J 200 0.30 -42.86 -0.30
CA PRO J 200 1.00 -42.80 -1.58
C PRO J 200 1.28 -41.35 -2.04
N LEU J 201 2.38 -41.20 -2.76
CA LEU J 201 2.80 -39.91 -3.28
C LEU J 201 2.07 -39.68 -4.60
N VAL J 202 1.18 -38.69 -4.62
CA VAL J 202 0.34 -38.45 -5.79
C VAL J 202 0.63 -37.14 -6.51
N TRP J 203 1.65 -36.40 -6.05
CA TRP J 203 1.94 -35.08 -6.57
C TRP J 203 3.29 -34.94 -7.29
N VAL J 204 3.91 -36.05 -7.60
CA VAL J 204 4.96 -36.05 -8.61
C VAL J 204 4.60 -37.18 -9.57
CA CA K . 34.00 10.82 3.80
CA CA L . 31.45 11.14 0.36
C1 NAG M . 37.86 13.24 29.95
C2 NAG M . 38.99 13.85 30.78
C3 NAG M . 39.45 12.89 31.85
C4 NAG M . 38.26 12.33 32.64
C5 NAG M . 37.18 11.82 31.71
C6 NAG M . 35.97 11.33 32.49
C7 NAG M . 40.16 15.39 29.32
C8 NAG M . 41.37 15.61 28.45
N2 NAG M . 40.09 14.20 29.91
O3 NAG M . 40.34 13.57 32.75
O4 NAG M . 38.72 11.27 33.49
O5 NAG M . 36.79 12.86 30.82
O6 NAG M . 35.07 12.43 32.73
O7 NAG M . 39.30 16.25 29.47
CA CA N . 34.88 4.44 -3.93
CA CA O . 32.75 3.05 -0.35
N1 GHE P . 29.28 7.62 3.25
C2 GHE P . 30.39 8.03 4.03
C3 GHE P . 29.81 8.63 5.24
C4 GHE P . 28.36 8.82 4.99
C5 GHE P . 28.13 8.39 3.58
C1 GHE P . 31.20 9.06 3.32
O2 GHE P . 32.01 9.78 3.97
O1 GHE P . 31.13 9.24 2.07
C6 GHE P . 29.30 6.54 2.26
O6 GHE P . 30.32 5.92 2.01
C7 GHE P . 28.04 6.21 1.47
C8 GHE P . 27.96 6.94 0.13
C9 GHE P . 29.26 7.47 -0.43
C10 GHE P . 29.48 7.42 -1.95
C11 GHE P . 28.71 6.30 -2.62
O11 GHE P . 27.56 6.11 -2.28
N2 GHE P . 29.27 5.45 -3.61
C15 GHE P . 30.58 5.50 -4.15
C14 GHE P . 30.60 4.58 -5.31
C13 GHE P . 29.39 3.72 -5.19
C12 GHE P . 28.51 4.41 -4.20
C16 GHE P . 31.59 5.06 -3.19
O16 GHE P . 32.80 5.14 -3.49
O17 GHE P . 31.26 4.57 -2.07
C1 NAG Q . 39.72 4.14 -29.57
C2 NAG Q . 40.95 3.90 -30.44
C3 NAG Q . 40.91 4.76 -31.69
C4 NAG Q . 39.63 4.53 -32.49
C5 NAG Q . 38.40 4.76 -31.62
C6 NAG Q . 37.13 4.34 -32.34
C7 NAG Q . 42.79 3.19 -29.02
C8 NAG Q . 44.02 3.61 -28.29
N2 NAG Q . 42.16 4.15 -29.68
O3 NAG Q . 42.05 4.47 -32.52
O4 NAG Q . 39.60 5.41 -33.62
O5 NAG Q . 38.53 4.04 -30.37
O6 NAG Q . 37.37 3.14 -33.08
O7 NAG Q . 42.38 2.04 -29.01
CA CA R . 4.53 30.77 -17.53
CA CA S . 1.64 27.67 -18.24
N1 GHE T . 5.29 25.45 -15.50
C2 GHE T . 5.56 26.83 -15.56
C3 GHE T . 5.19 27.40 -14.26
C4 GHE T . 5.04 26.23 -13.35
C5 GHE T . 4.79 25.06 -14.23
C1 GHE T . 4.76 27.48 -16.64
O2 GHE T . 5.18 28.55 -17.18
O1 GHE T . 3.68 26.99 -17.07
C6 GHE T . 5.48 24.55 -16.63
O6 GHE T . 5.90 25.01 -17.66
C7 GHE T . 5.16 23.06 -16.56
C8 GHE T . 4.59 22.51 -17.86
C9 GHE T . 3.78 23.47 -18.73
C10 GHE T . 3.15 22.96 -20.03
C11 GHE T . 3.43 21.50 -20.33
O11 GHE T . 3.51 20.72 -19.42
N2 GHE T . 3.62 20.99 -21.63
C15 GHE T . 3.57 21.72 -22.82
C14 GHE T . 3.46 20.69 -23.89
C13 GHE T . 3.93 19.40 -23.31
C12 GHE T . 3.90 19.61 -21.84
C16 GHE T . 4.77 22.54 -23.06
O16 GHE T . 4.77 23.41 -23.95
O17 GHE T . 5.82 22.41 -22.39
C1 NAG U . 17.77 46.61 -1.53
C2 NAG U . 18.15 48.09 -1.54
C3 NAG U . 19.64 48.27 -1.28
C4 NAG U . 20.07 47.52 -0.03
C5 NAG U . 19.62 46.07 -0.07
C6 NAG U . 19.96 45.35 1.23
C7 NAG U . 16.54 48.99 -3.11
C8 NAG U . 16.31 49.59 -4.46
N2 NAG U . 17.80 48.69 -2.82
O3 NAG U . 19.94 49.66 -1.13
O4 NAG U . 21.50 47.57 0.09
O5 NAG U . 18.20 46.03 -0.29
O6 NAG U . 19.77 46.23 2.33
O7 NAG U . 15.62 48.79 -2.33
CA CA V . 5.99 23.85 -25.99
CA CA W . 8.20 23.25 -22.52
C1 NAG X . -5.90 14.91 -47.47
C2 NAG X . -6.00 15.52 -48.89
C3 NAG X . -7.42 15.79 -49.44
C4 NAG X . -8.41 14.71 -48.97
C5 NAG X . -8.21 14.35 -47.51
C6 NAG X . -9.20 13.28 -47.07
C7 NAG X . -3.92 16.78 -48.98
C8 NAG X . -3.29 18.14 -48.99
N2 NAG X . -5.26 16.76 -48.91
O3 NAG X . -7.38 15.82 -50.87
O4 NAG X . -9.75 15.18 -49.17
O5 NAG X . -6.87 13.88 -47.32
O6 NAG X . -8.51 12.26 -46.33
O7 NAG X . -3.27 15.76 -49.03
CA CA Y . -31.45 12.34 -9.58
CA CA Z . -30.20 8.33 -8.73
N1 GHE AA . -25.89 11.00 -9.44
C2 GHE AA . -26.96 11.94 -9.46
C3 GHE AA . -26.77 12.81 -8.31
C4 GHE AA . -25.60 12.25 -7.59
C5 GHE AA . -25.33 10.90 -8.15
C1 GHE AA . -28.31 11.25 -9.43
O2 GHE AA . -29.37 11.92 -9.64
O1 GHE AA . -28.45 10.02 -9.19
C6 GHE AA . -25.46 10.25 -10.59
O6 GHE AA . -26.04 10.41 -11.64
C7 GHE AA . -24.36 9.23 -10.55
C8 GHE AA . -25.00 7.92 -10.98
C9 GHE AA . -26.52 7.91 -10.99
C10 GHE AA . -27.27 6.70 -11.57
C11 GHE AA . -26.36 5.79 -12.36
O11 GHE AA . -25.20 5.75 -12.05
N2 GHE AA . -26.75 4.98 -13.45
C15 GHE AA . -28.04 4.86 -14.00
C14 GHE AA . -28.01 3.57 -14.73
C13 GHE AA . -26.59 3.18 -14.91
C12 GHE AA . -25.81 4.16 -14.13
C16 GHE AA . -28.35 5.95 -14.95
O16 GHE AA . -29.54 6.27 -15.17
O17 GHE AA . -27.47 6.56 -15.57
C1 NAG BA . -31.84 37.87 -3.84
C2 NAG BA . -33.02 38.83 -3.96
C3 NAG BA . -32.66 40.06 -4.77
C4 NAG BA . -31.35 40.67 -4.28
C5 NAG BA . -30.27 39.60 -4.15
C6 NAG BA . -28.99 40.20 -3.59
C7 NAG BA . -35.04 37.49 -3.82
C8 NAG BA . -36.17 36.83 -4.58
N2 NAG BA . -34.16 38.16 -4.56
O3 NAG BA . -33.71 41.04 -4.66
O4 NAG BA . -30.93 41.68 -5.21
O5 NAG BA . -30.73 38.57 -3.30
O6 NAG BA . -27.85 39.62 -4.24
O7 NAG BA . -34.95 37.42 -2.61
CA CA CA . -30.54 6.28 -17.44
CA CA DA . -27.52 8.91 -16.35
C1 NAG EA . -39.11 -16.55 -26.55
C2 NAG EA . -40.13 -16.94 -27.60
C3 NAG EA . -41.01 -18.09 -27.12
C4 NAG EA . -40.16 -19.22 -26.56
C5 NAG EA . -39.13 -18.70 -25.56
C6 NAG EA . -38.23 -19.81 -25.05
C7 NAG EA . -40.53 -14.85 -28.76
C8 NAG EA . -41.50 -13.72 -29.01
N2 NAG EA . -40.97 -15.80 -27.94
O3 NAG EA . -41.79 -18.59 -28.21
O4 NAG EA . -41.00 -20.18 -25.91
O5 NAG EA . -38.33 -17.69 -26.19
O6 NAG EA . -37.43 -20.32 -26.13
O7 NAG EA . -39.42 -14.87 -29.27
CA CA FA . -24.78 -18.54 17.19
CA CA GA . -20.92 -19.62 16.01
N1 GHE HA . -22.00 -15.41 13.32
C2 GHE HA . -23.17 -15.64 14.10
C3 GHE HA . -23.29 -14.49 15.00
C4 GHE HA . -22.18 -13.57 14.63
C5 GHE HA . -21.19 -14.41 13.89
C1 GHE HA . -23.03 -16.89 14.89
O2 GHE HA . -23.99 -17.31 15.59
O1 GHE HA . -21.97 -17.57 14.87
C6 GHE HA . -21.70 -16.13 12.09
O6 GHE HA . -22.47 -16.97 11.69
C7 GHE HA . -20.45 -15.90 11.27
C8 GHE HA . -19.89 -17.26 10.93
C9 GHE HA . -20.58 -18.37 11.67
C10 GHE HA . -20.20 -19.83 11.44
C11 GHE HA . -19.45 -20.03 10.16
O11 GHE HA . -18.71 -19.15 9.78
N2 GHE HA . -19.59 -21.18 9.35
C15 GHE HA . -20.41 -22.30 9.62
C14 GHE HA . -20.06 -23.32 8.61
C13 GHE HA . -19.02 -22.72 7.71
C12 GHE HA . -18.86 -21.31 8.14
C16 GHE HA . -21.84 -22.02 9.57
O16 GHE HA . -22.66 -22.79 10.12
O17 GHE HA . -22.30 -21.01 8.97
C1 NAG IA . -42.15 -1.12 26.36
C2 NAG IA . -43.41 -1.38 27.16
C3 NAG IA . -44.63 -0.73 26.50
C4 NAG IA . -44.34 0.73 26.15
C5 NAG IA . -43.01 0.87 25.42
C6 NAG IA . -42.69 2.33 25.14
C7 NAG IA . -43.20 -3.48 28.36
C8 NAG IA . -43.49 -4.95 28.37
N2 NAG IA . -43.63 -2.81 27.30
O3 NAG IA . -45.75 -0.80 27.38
O4 NAG IA . -45.40 1.24 25.33
O5 NAG IA . -41.97 0.28 26.20
O6 NAG IA . -42.59 3.04 26.37
O7 NAG IA . -42.59 -2.94 29.27
CA CA JA . -24.08 -24.44 9.51
CA CA KA . -24.52 -20.24 8.78
C1 NAG LA . -13.89 -47.72 3.36
C2 NAG LA . -13.19 -48.41 4.53
C3 NAG LA . -13.65 -49.86 4.71
C4 NAG LA . -15.17 -49.98 4.61
C5 NAG LA . -15.69 -49.22 3.40
C6 NAG LA . -17.22 -49.30 3.33
C7 NAG LA . -10.99 -48.58 3.39
C8 NAG LA . -11.65 -48.97 2.10
N2 NAG LA . -11.73 -48.33 4.46
O3 NAG LA . -13.23 -50.32 6.00
O4 NAG LA . -15.54 -51.36 4.50
O5 NAG LA . -15.30 -47.85 3.48
O6 NAG LA . -17.79 -48.74 4.51
O7 NAG LA . -9.77 -48.49 3.44
CA CA MA . 15.58 -19.48 25.52
CA CA NA . 17.09 -18.07 21.90
C1 NAG OA . 1.10 -16.43 47.00
C2 NAG OA . 1.48 -16.76 48.44
C3 NAG OA . 0.29 -17.32 49.20
C4 NAG OA . -0.95 -16.46 49.02
C5 NAG OA . -1.18 -16.14 47.55
C6 NAG OA . -2.37 -15.20 47.37
C7 NAG OA . 3.82 -17.31 48.74
C8 NAG OA . 4.86 -18.39 48.73
N2 NAG OA . 2.58 -17.71 48.46
O3 NAG OA . 0.61 -17.42 50.59
O4 NAG OA . -2.09 -17.13 49.55
O5 NAG OA . -0.01 -15.53 47.00
O6 NAG OA . -2.26 -14.09 48.27
O7 NAG OA . 4.10 -16.15 48.99
CA CA PA . 16.38 -25.41 17.96
CA CA QA . 12.35 -23.62 18.42
N1 GHE RA . 12.13 -17.73 21.44
C2 GHE RA . 12.41 -18.28 22.72
C3 GHE RA . 12.05 -17.25 23.68
C4 GHE RA . 11.38 -16.17 22.91
C5 GHE RA . 11.94 -16.33 21.55
C1 GHE RA . 13.87 -18.59 22.82
O2 GHE RA . 14.28 -19.60 23.45
O1 GHE RA . 14.74 -17.87 22.28
C6 GHE RA . 12.03 -18.46 20.18
O6 GHE RA . 12.21 -19.66 20.11
C7 GHE RA . 11.76 -17.71 18.91
C8 GHE RA . 12.75 -18.07 17.81
C9 GHE RA . 14.00 -18.74 18.27
C10 GHE RA . 15.12 -18.86 17.25
C11 GHE RA . 14.68 -19.25 15.86
O11 GHE RA . 14.03 -18.49 15.17
N2 GHE RA . 15.02 -20.54 15.35
C15 GHE RA . 15.80 -21.51 16.03
C14 GHE RA . 16.53 -22.20 14.94
C13 GHE RA . 15.75 -21.95 13.69
C12 GHE RA . 14.67 -20.98 14.05
C16 GHE RA . 15.04 -22.50 16.84
O16 GHE RA . 15.62 -23.55 17.23
O17 GHE RA . 13.84 -22.33 17.16
C1 NAG SA . 35.20 -34.67 2.22
C2 NAG SA . 36.32 -35.72 2.41
C3 NAG SA . 37.74 -35.10 2.22
C4 NAG SA . 37.82 -34.58 0.74
C5 NAG SA . 36.70 -33.49 0.70
C6 NAG SA . 36.78 -32.50 -0.52
C7 NAG SA . 35.15 -37.44 3.69
C8 NAG SA . 35.05 -38.25 4.98
N2 NAG SA . 36.12 -36.48 3.66
O3 NAG SA . 38.87 -35.92 2.62
O4 NAG SA . 39.16 -34.19 0.27
O5 NAG SA . 35.37 -34.08 0.93
O6 NAG SA . 35.83 -32.77 -1.57
O7 NAG SA . 34.34 -37.62 2.71
#